data_7L6G
#
_entry.id   7L6G
#
_cell.length_a   91.276
_cell.length_b   91.276
_cell.length_c   383.567
_cell.angle_alpha   90.000
_cell.angle_beta   90.000
_cell.angle_gamma   120.000
#
_symmetry.space_group_name_H-M   'P 61'
#
loop_
_entity.id
_entity.type
_entity.pdbx_description
1 polymer 'Metallo-mystery pair system four-Cys motif protein'
2 non-polymer 'COPPER (II) ION'
3 non-polymer 'CALCIUM ION'
4 non-polymer 1,2-ETHANEDIOL
5 non-polymer 'SULFATE ION'
6 water water
#
_entity_poly.entity_id   1
_entity_poly.type   'polypeptide(L)'
_entity_poly.pdbx_seq_one_letter_code
;AGVKTQPVAVRFALVADGKEVGCGAPLANLGSGRLAGKLHEARLYVYGFELVDAKGKHTPIALTQNDWQYADVALLDFKD
ARGGNAACTPGNPAKNTTVVGAAPQGAYVGLAFSVGAPVESLVDGKPVFVNHSNVEAAPPPLDISGMA(KYN)NWQAGRR
FVTIEVIPPAAVIKPDGSKSRTWMVHVGSTGCKGNPATGEIVACAHENRFPVVFDRFDPKTQRVELDLTTLFESSDISVD
KGGAVGCMSALDDPDCPAVFRALGLNLADSAPGANDAGKPSRPGVSPIFSVGAAASKVAGGKQ
;
_entity_poly.pdbx_strand_id   A,B,C,D,E,F
#
loop_
_chem_comp.id
_chem_comp.type
_chem_comp.name
_chem_comp.formula
CA non-polymer 'CALCIUM ION' 'Ca 2'
CU non-polymer 'COPPER (II) ION' 'Cu 2'
EDO non-polymer 1,2-ETHANEDIOL 'C2 H6 O2'
SO4 non-polymer 'SULFATE ION' 'O4 S -2'
#
# COMPACT_ATOMS: atom_id res chain seq x y z
N LYS A 4 28.19 22.57 -15.86
CA LYS A 4 29.25 21.72 -15.31
C LYS A 4 29.34 20.39 -16.05
N THR A 5 28.19 19.74 -16.23
CA THR A 5 28.12 18.46 -16.92
C THR A 5 27.18 18.55 -18.11
N GLN A 6 27.30 17.58 -19.00
CA GLN A 6 26.50 17.47 -20.22
C GLN A 6 25.85 16.10 -20.29
N PRO A 7 24.64 16.02 -20.83
CA PRO A 7 24.00 14.71 -21.01
C PRO A 7 24.75 13.87 -22.03
N VAL A 8 24.76 12.56 -21.79
CA VAL A 8 25.42 11.60 -22.67
C VAL A 8 24.47 10.42 -22.89
N ALA A 9 24.26 10.08 -24.17
CA ALA A 9 23.43 8.94 -24.55
C ALA A 9 24.16 8.15 -25.61
N VAL A 10 24.50 6.91 -25.30
CA VAL A 10 25.21 6.02 -26.22
C VAL A 10 24.20 5.01 -26.75
N ARG A 11 23.89 5.10 -28.05
CA ARG A 11 22.89 4.25 -28.66
C ARG A 11 23.50 2.95 -29.14
N PHE A 12 22.81 1.84 -28.85
CA PHE A 12 23.20 0.52 -29.30
C PHE A 12 22.13 -0.02 -30.24
N ALA A 13 22.55 -0.82 -31.21
CA ALA A 13 21.61 -1.46 -32.12
C ALA A 13 22.10 -2.84 -32.49
N LEU A 14 21.16 -3.75 -32.66
CA LEU A 14 21.44 -5.11 -33.12
C LEU A 14 21.29 -5.16 -34.63
N VAL A 15 22.27 -5.74 -35.31
CA VAL A 15 22.22 -5.86 -36.77
C VAL A 15 22.46 -7.32 -37.15
N ALA A 16 21.90 -7.70 -38.29
CA ALA A 16 22.09 -9.03 -38.86
C ALA A 16 21.92 -8.93 -40.37
N ASP A 17 22.85 -9.52 -41.12
CA ASP A 17 22.84 -9.48 -42.57
C ASP A 17 22.78 -8.04 -43.08
N GLY A 18 23.48 -7.14 -42.39
CA GLY A 18 23.52 -5.75 -42.80
C GLY A 18 22.24 -4.98 -42.62
N LYS A 19 21.25 -5.54 -41.93
CA LYS A 19 20.01 -4.85 -41.62
C LYS A 19 19.89 -4.68 -40.11
N GLU A 20 19.40 -3.52 -39.69
CA GLU A 20 19.08 -3.33 -38.28
C GLU A 20 17.97 -4.28 -37.88
N VAL A 21 18.23 -5.08 -36.85
CA VAL A 21 17.22 -6.01 -36.34
C VAL A 21 16.90 -5.64 -34.90
N GLY A 22 16.37 -6.60 -34.14
CA GLY A 22 15.83 -6.33 -32.83
C GLY A 22 14.31 -6.45 -32.83
N CYS A 23 13.77 -6.59 -31.61
CA CYS A 23 12.34 -6.89 -31.41
C CYS A 23 12.03 -8.16 -32.19
N GLY A 24 11.01 -8.18 -33.04
CA GLY A 24 10.65 -9.39 -33.76
C GLY A 24 11.09 -9.39 -35.21
N ALA A 25 12.07 -8.57 -35.55
CA ALA A 25 12.62 -8.59 -36.90
C ALA A 25 13.29 -9.94 -37.14
N PRO A 26 13.05 -10.58 -38.28
CA PRO A 26 13.73 -11.84 -38.57
C PRO A 26 15.22 -11.65 -38.79
N LEU A 27 15.97 -12.71 -38.50
CA LEU A 27 17.42 -12.71 -38.68
C LEU A 27 17.74 -13.52 -39.94
N ALA A 28 18.14 -12.82 -41.00
CA ALA A 28 18.38 -13.45 -42.29
C ALA A 28 19.78 -14.02 -42.39
N ASN A 29 19.90 -15.14 -43.10
CA ASN A 29 21.18 -15.75 -43.44
C ASN A 29 22.05 -15.96 -42.21
N LEU A 30 21.45 -16.52 -41.16
CA LEU A 30 22.12 -16.69 -39.88
C LEU A 30 22.82 -18.04 -39.81
N GLY A 31 23.99 -18.05 -39.19
CA GLY A 31 24.76 -19.26 -39.02
C GLY A 31 25.55 -19.61 -40.27
N SER A 32 26.41 -20.63 -40.12
CA SER A 32 27.18 -21.12 -41.25
C SER A 32 26.31 -21.78 -42.31
N GLY A 33 25.13 -22.26 -41.93
CA GLY A 33 24.15 -22.73 -42.89
C GLY A 33 23.30 -21.64 -43.51
N ARG A 34 23.43 -20.41 -43.03
CA ARG A 34 22.72 -19.24 -43.55
C ARG A 34 21.21 -19.50 -43.61
N LEU A 35 20.64 -19.70 -42.42
CA LEU A 35 19.23 -19.97 -42.27
C LEU A 35 18.50 -18.72 -41.80
N ALA A 36 17.19 -18.70 -42.06
CA ALA A 36 16.33 -17.67 -41.50
C ALA A 36 16.08 -18.01 -40.04
N GLY A 37 16.69 -17.25 -39.14
CA GLY A 37 16.49 -17.49 -37.72
C GLY A 37 15.62 -16.42 -37.09
N LYS A 38 15.12 -16.71 -35.90
CA LYS A 38 14.35 -15.74 -35.12
C LYS A 38 15.11 -15.41 -33.85
N LEU A 39 15.05 -14.15 -33.44
CA LEU A 39 15.68 -13.73 -32.20
C LEU A 39 14.81 -14.14 -31.02
N HIS A 40 15.36 -14.94 -30.11
CA HIS A 40 14.65 -15.29 -28.89
C HIS A 40 15.02 -14.36 -27.74
N GLU A 41 16.29 -13.97 -27.65
CA GLU A 41 16.76 -13.14 -26.54
C GLU A 41 18.09 -12.54 -26.92
N ALA A 42 18.25 -11.24 -26.64
CA ALA A 42 19.51 -10.53 -26.89
C ALA A 42 19.71 -9.55 -25.75
N ARG A 43 20.53 -9.93 -24.78
CA ARG A 43 20.80 -9.11 -23.61
C ARG A 43 22.28 -9.19 -23.26
N LEU A 44 22.80 -8.12 -22.67
CA LEU A 44 24.18 -8.12 -22.20
C LEU A 44 24.38 -6.96 -21.24
N TYR A 45 25.23 -7.20 -20.24
CA TYR A 45 25.69 -6.14 -19.34
C TYR A 45 26.89 -5.45 -19.96
N VAL A 46 26.96 -4.13 -19.77
CA VAL A 46 28.10 -3.34 -20.20
C VAL A 46 28.43 -2.37 -19.08
N TYR A 47 29.71 -1.97 -19.01
CA TYR A 47 30.15 -1.14 -17.89
C TYR A 47 31.39 -0.35 -18.32
N GLY A 48 31.82 0.54 -17.42
CA GLY A 48 33.04 1.30 -17.60
C GLY A 48 33.02 2.26 -18.77
N PHE A 49 31.90 2.97 -18.97
CA PHE A 49 31.78 3.83 -20.13
C PHE A 49 32.63 5.09 -19.96
N GLU A 50 33.35 5.44 -21.03
CA GLU A 50 34.25 6.58 -21.02
C GLU A 50 34.18 7.29 -22.36
N LEU A 51 34.37 8.61 -22.30
CA LEU A 51 34.58 9.42 -23.50
C LEU A 51 36.06 9.70 -23.67
N VAL A 52 36.53 9.66 -24.91
CA VAL A 52 37.93 9.87 -25.24
C VAL A 52 38.04 11.17 -26.02
N ASP A 53 38.99 12.02 -25.64
CA ASP A 53 39.21 13.26 -26.36
C ASP A 53 40.32 13.06 -27.40
N ALA A 54 40.65 14.15 -28.10
CA ALA A 54 41.64 14.05 -29.18
C ALA A 54 43.04 13.82 -28.64
N LYS A 55 43.33 14.30 -27.42
CA LYS A 55 44.62 14.01 -26.81
C LYS A 55 44.73 12.60 -26.28
N GLY A 56 43.63 11.85 -26.24
CA GLY A 56 43.64 10.48 -25.76
C GLY A 56 43.21 10.30 -24.32
N LYS A 57 42.85 11.38 -23.63
CA LYS A 57 42.44 11.27 -22.24
C LYS A 57 41.05 10.65 -22.14
N HIS A 58 40.83 9.92 -21.04
CA HIS A 58 39.58 9.19 -20.81
C HIS A 58 38.78 9.87 -19.70
N THR A 59 37.51 10.15 -19.99
CA THR A 59 36.61 10.79 -19.04
C THR A 59 35.46 9.84 -18.71
N PRO A 60 35.32 9.37 -17.47
CA PRO A 60 34.24 8.45 -17.16
C PRO A 60 32.87 9.10 -17.33
N ILE A 61 31.90 8.29 -17.74
CA ILE A 61 30.51 8.70 -17.86
C ILE A 61 29.77 8.21 -16.61
N ALA A 62 29.21 9.14 -15.86
CA ALA A 62 28.41 8.79 -14.68
C ALA A 62 27.03 8.35 -15.12
N LEU A 63 26.70 7.08 -14.87
CA LEU A 63 25.45 6.51 -15.34
C LEU A 63 24.28 6.99 -14.50
N THR A 64 23.21 7.40 -15.16
CA THR A 64 21.95 7.63 -14.48
C THR A 64 21.48 6.34 -13.81
N GLN A 65 21.07 6.44 -12.55
CA GLN A 65 20.67 5.27 -11.78
C GLN A 65 19.18 5.03 -11.98
N ASN A 66 18.84 3.89 -12.56
CA ASN A 66 17.44 3.55 -12.83
C ASN A 66 17.30 2.03 -12.83
N ASP A 67 16.19 1.54 -13.38
CA ASP A 67 15.92 0.11 -13.42
C ASP A 67 16.83 -0.65 -14.37
N TRP A 68 17.53 0.04 -15.26
CA TRP A 68 18.41 -0.59 -16.23
C TRP A 68 19.89 -0.30 -15.98
N GLN A 69 20.21 0.54 -15.00
CA GLN A 69 21.59 0.97 -14.78
C GLN A 69 21.83 1.10 -13.27
N TYR A 70 22.83 0.39 -12.77
CA TYR A 70 23.23 0.43 -11.38
C TYR A 70 24.74 0.61 -11.30
N ALA A 71 25.18 1.50 -10.42
CA ALA A 71 26.59 1.86 -10.31
C ALA A 71 27.12 2.31 -11.67
N ASP A 72 28.05 1.54 -12.24
CA ASP A 72 28.58 1.81 -13.57
C ASP A 72 28.18 0.75 -14.59
N VAL A 73 27.16 -0.04 -14.28
CA VAL A 73 26.72 -1.16 -15.12
C VAL A 73 25.38 -0.81 -15.74
N ALA A 74 25.26 -1.04 -17.04
CA ALA A 74 23.99 -0.93 -17.75
C ALA A 74 23.65 -2.29 -18.35
N LEU A 75 22.35 -2.57 -18.43
CA LEU A 75 21.86 -3.77 -19.10
C LEU A 75 21.16 -3.37 -20.38
N LEU A 76 21.62 -3.92 -21.50
CA LEU A 76 21.00 -3.71 -22.79
C LEU A 76 20.09 -4.90 -23.10
N ASP A 77 18.91 -4.61 -23.64
CA ASP A 77 17.91 -5.62 -23.98
C ASP A 77 17.29 -5.23 -25.30
N PHE A 78 17.54 -6.02 -26.35
CA PHE A 78 17.13 -5.69 -27.70
C PHE A 78 15.79 -6.29 -28.10
N LYS A 79 15.11 -6.99 -27.19
CA LYS A 79 13.81 -7.57 -27.48
C LYS A 79 12.70 -6.58 -27.13
N ASP A 80 11.59 -6.70 -27.86
CA ASP A 80 10.41 -5.92 -27.53
C ASP A 80 9.70 -6.53 -26.33
N ALA A 81 8.89 -5.70 -25.67
CA ALA A 81 8.17 -6.18 -24.48
C ALA A 81 7.13 -7.23 -24.85
N ARG A 82 6.41 -7.03 -25.95
CA ARG A 82 5.35 -7.96 -26.34
C ARG A 82 5.90 -9.36 -26.58
N GLY A 83 6.99 -9.46 -27.33
CA GLY A 83 7.46 -10.74 -27.81
C GLY A 83 6.85 -11.16 -29.13
N GLY A 84 6.44 -10.21 -29.96
CA GLY A 84 5.81 -10.51 -31.23
C GLY A 84 6.80 -10.76 -32.33
N ASN A 85 6.30 -10.73 -33.56
CA ASN A 85 7.12 -10.92 -34.76
C ASN A 85 7.18 -9.67 -35.62
N ALA A 86 7.13 -8.50 -34.98
CA ALA A 86 7.23 -7.22 -35.67
C ALA A 86 8.53 -6.53 -35.30
N ALA A 87 9.09 -5.80 -36.26
CA ALA A 87 10.28 -5.00 -36.00
C ALA A 87 9.96 -3.91 -34.97
N CYS A 88 11.02 -3.35 -34.41
CA CYS A 88 10.85 -2.29 -33.41
C CYS A 88 10.17 -1.07 -34.03
N THR A 89 9.20 -0.53 -33.32
CA THR A 89 8.50 0.70 -33.67
C THR A 89 8.49 1.60 -32.45
N PRO A 90 8.25 2.91 -32.63
CA PRO A 90 8.16 3.78 -31.44
C PRO A 90 7.13 3.35 -30.43
N GLY A 91 6.01 2.76 -30.86
CA GLY A 91 5.01 2.28 -29.92
C GLY A 91 5.33 0.93 -29.31
N ASN A 92 6.13 0.11 -29.99
CA ASN A 92 6.60 -1.17 -29.46
C ASN A 92 8.10 -1.25 -29.71
N PRO A 93 8.91 -0.58 -28.89
CA PRO A 93 10.35 -0.54 -29.14
C PRO A 93 11.10 -1.62 -28.36
N ALA A 94 12.39 -1.74 -28.63
CA ALA A 94 13.22 -2.61 -27.80
C ALA A 94 13.23 -2.10 -26.35
N LYS A 95 13.50 -3.01 -25.43
CA LYS A 95 13.30 -2.71 -24.01
C LYS A 95 14.29 -1.65 -23.52
N ASN A 96 15.58 -1.82 -23.83
CA ASN A 96 16.58 -0.87 -23.38
C ASN A 96 17.80 -0.98 -24.28
N THR A 97 18.06 0.06 -25.08
CA THR A 97 19.17 0.05 -26.03
C THR A 97 20.07 1.27 -25.93
N THR A 98 19.83 2.19 -25.01
CA THR A 98 20.62 3.39 -24.86
C THR A 98 21.22 3.45 -23.46
N VAL A 99 22.52 3.69 -23.40
CA VAL A 99 23.20 3.97 -22.13
C VAL A 99 23.17 5.47 -21.91
N VAL A 100 22.59 5.90 -20.79
CA VAL A 100 22.37 7.31 -20.53
C VAL A 100 23.11 7.72 -19.27
N GLY A 101 23.57 8.96 -19.26
CA GLY A 101 24.28 9.47 -18.11
C GLY A 101 24.77 10.87 -18.34
N ALA A 102 25.80 11.26 -17.59
CA ALA A 102 26.38 12.58 -17.69
C ALA A 102 27.90 12.48 -17.62
N ALA A 103 28.56 13.45 -18.23
CA ALA A 103 30.01 13.55 -18.24
C ALA A 103 30.39 15.01 -18.08
N PRO A 104 31.58 15.29 -17.56
CA PRO A 104 32.06 16.69 -17.56
C PRO A 104 32.06 17.24 -18.97
N GLN A 105 31.73 18.53 -19.07
CA GLN A 105 31.64 19.19 -20.35
C GLN A 105 33.01 19.26 -21.02
N GLY A 106 33.07 18.91 -22.30
CA GLY A 106 34.33 18.93 -23.03
C GLY A 106 34.11 18.42 -24.44
N ALA A 107 35.18 18.52 -25.23
CA ALA A 107 35.16 18.08 -26.62
C ALA A 107 35.75 16.67 -26.70
N TYR A 108 34.95 15.73 -27.22
CA TYR A 108 35.34 14.33 -27.26
C TYR A 108 35.21 13.78 -28.68
N VAL A 109 36.04 12.78 -28.98
CA VAL A 109 36.10 12.19 -30.31
C VAL A 109 35.71 10.72 -30.28
N GLY A 110 35.98 10.05 -29.15
CA GLY A 110 35.93 8.61 -29.09
C GLY A 110 35.07 8.09 -27.95
N LEU A 111 34.96 6.77 -27.91
CA LEU A 111 34.18 6.06 -26.91
C LEU A 111 34.91 4.79 -26.52
N ALA A 112 34.88 4.48 -25.23
CA ALA A 112 35.41 3.22 -24.72
C ALA A 112 34.48 2.70 -23.65
N PHE A 113 34.27 1.38 -23.64
CA PHE A 113 33.47 0.72 -22.62
C PHE A 113 33.90 -0.74 -22.60
N SER A 114 33.28 -1.53 -21.71
CA SER A 114 33.61 -2.93 -21.59
C SER A 114 32.33 -3.76 -21.53
N VAL A 115 32.43 -4.98 -22.04
CA VAL A 115 31.31 -5.92 -22.10
C VAL A 115 31.42 -6.88 -20.93
N GLY A 116 30.32 -7.09 -20.24
CA GLY A 116 30.26 -8.02 -19.13
C GLY A 116 29.79 -7.35 -17.85
N ALA A 117 29.76 -8.15 -16.79
CA ALA A 117 29.45 -7.67 -15.46
C ALA A 117 30.71 -7.69 -14.63
N PRO A 118 31.16 -6.54 -14.12
CA PRO A 118 32.41 -6.51 -13.34
C PRO A 118 32.23 -7.20 -12.00
N VAL A 119 33.37 -7.46 -11.35
CA VAL A 119 33.34 -8.10 -10.04
C VAL A 119 32.79 -7.13 -8.99
N GLU A 120 33.30 -5.90 -8.98
CA GLU A 120 32.80 -4.90 -8.04
C GLU A 120 32.66 -3.56 -8.75
N SER A 121 31.88 -2.69 -8.13
CA SER A 121 31.69 -1.32 -8.59
C SER A 121 31.47 -0.43 -7.38
N LEU A 122 31.77 0.85 -7.54
CA LEU A 122 31.65 1.80 -6.43
C LEU A 122 30.28 2.46 -6.46
N VAL A 123 29.61 2.46 -5.31
CA VAL A 123 28.36 3.17 -5.10
C VAL A 123 28.52 4.01 -3.86
N ASP A 124 28.45 5.34 -4.02
CA ASP A 124 28.71 6.28 -2.93
C ASP A 124 30.07 6.01 -2.30
N GLY A 125 31.08 5.86 -3.16
CA GLY A 125 32.45 5.67 -2.73
C GLY A 125 32.76 4.32 -2.11
N LYS A 126 31.79 3.42 -1.99
CA LYS A 126 32.04 2.14 -1.37
C LYS A 126 31.80 1.00 -2.36
N PRO A 127 32.57 -0.08 -2.28
CA PRO A 127 32.44 -1.17 -3.25
C PRO A 127 31.32 -2.13 -2.90
N VAL A 128 30.61 -2.58 -3.93
CA VAL A 128 29.61 -3.64 -3.81
C VAL A 128 29.91 -4.71 -4.84
N PHE A 129 29.55 -5.95 -4.51
CA PHE A 129 29.74 -7.04 -5.45
C PHE A 129 28.67 -6.97 -6.54
N VAL A 130 29.09 -7.25 -7.78
CA VAL A 130 28.19 -7.12 -8.92
C VAL A 130 27.96 -8.47 -9.59
N ASN A 131 29.00 -8.99 -10.24
CA ASN A 131 28.84 -10.21 -11.05
C ASN A 131 28.45 -11.40 -10.19
N HIS A 132 29.02 -11.51 -8.99
CA HIS A 132 28.77 -12.64 -8.11
C HIS A 132 27.76 -12.31 -7.02
N SER A 133 26.99 -11.24 -7.20
CA SER A 133 25.91 -10.91 -6.28
C SER A 133 24.82 -11.98 -6.32
N ASN A 134 23.90 -11.90 -5.36
CA ASN A 134 22.72 -12.75 -5.36
C ASN A 134 21.66 -12.14 -6.27
N VAL A 135 21.29 -12.85 -7.33
CA VAL A 135 20.22 -12.36 -8.19
C VAL A 135 18.91 -12.25 -7.42
N GLU A 136 18.75 -13.02 -6.34
CA GLU A 136 17.56 -12.92 -5.50
C GLU A 136 17.56 -11.67 -4.65
N ALA A 137 18.69 -11.00 -4.48
CA ALA A 137 18.80 -9.85 -3.59
C ALA A 137 19.37 -8.60 -4.23
N ALA A 138 20.07 -8.70 -5.36
CA ALA A 138 20.73 -7.55 -5.95
C ALA A 138 19.72 -6.53 -6.47
N PRO A 139 20.13 -5.27 -6.61
CA PRO A 139 19.22 -4.26 -7.18
C PRO A 139 19.14 -4.41 -8.70
N PRO A 140 18.11 -3.82 -9.32
CA PRO A 140 18.09 -3.80 -10.77
C PRO A 140 19.27 -3.05 -11.32
N PRO A 141 19.79 -3.45 -12.50
CA PRO A 141 19.29 -4.57 -13.31
C PRO A 141 19.97 -5.91 -13.02
N LEU A 142 20.50 -6.09 -11.81
CA LEU A 142 21.15 -7.33 -11.43
C LEU A 142 20.18 -8.34 -10.82
N ASP A 143 18.87 -8.10 -10.93
CA ASP A 143 17.86 -8.95 -10.33
C ASP A 143 17.13 -9.79 -11.38
N ILE A 144 17.82 -10.19 -12.43
CA ILE A 144 17.19 -10.85 -13.58
C ILE A 144 17.72 -12.28 -13.63
N SER A 145 16.86 -13.22 -13.22
CA SER A 145 17.25 -14.63 -13.18
C SER A 145 17.58 -15.15 -14.57
N GLY A 146 17.00 -14.57 -15.61
CA GLY A 146 17.31 -14.98 -16.97
C GLY A 146 18.74 -14.71 -17.39
N MET A 147 19.52 -14.04 -16.55
CA MET A 147 20.93 -13.78 -16.82
C MET A 147 21.83 -14.24 -15.69
N ALA A 148 21.31 -15.04 -14.76
CA ALA A 148 22.11 -15.56 -13.66
C ALA A 148 22.41 -17.04 -13.87
C KYN A 149 23.80 -19.30 -11.96
N KYN A 149 23.61 -17.46 -13.46
C1 KYN A 149 25.37 -19.01 -15.47
N1 KYN A 149 25.87 -20.25 -18.09
O2 KYN A 149 24.30 -18.92 -16.11
CA KYN A 149 23.94 -18.85 -13.41
CB KYN A 149 25.35 -19.13 -13.96
CG KYN A 149 26.89 -19.59 -17.42
CZ KYN A 149 29.01 -18.27 -16.12
CD1 KYN A 149 28.18 -19.52 -18.01
CD2 KYN A 149 26.68 -18.97 -16.14
CE1 KYN A 149 29.21 -18.87 -17.36
CE2 KYN A 149 27.75 -18.32 -15.53
O KYN A 149 22.85 -19.98 -11.54
N ASN A 150 24.78 -18.90 -11.15
CA ASN A 150 24.69 -18.92 -9.69
C ASN A 150 25.72 -17.89 -9.20
N TRP A 151 25.84 -17.72 -7.91
CA TRP A 151 26.81 -16.67 -7.51
C TRP A 151 28.22 -17.10 -7.80
N GLN A 152 28.53 -18.35 -7.58
CA GLN A 152 29.91 -18.80 -7.79
C GLN A 152 30.33 -18.62 -9.25
N ALA A 153 29.46 -19.00 -10.18
CA ALA A 153 29.76 -18.82 -11.60
C ALA A 153 29.59 -17.38 -12.06
N GLY A 154 28.81 -16.57 -11.34
CA GLY A 154 28.51 -15.23 -11.76
C GLY A 154 27.38 -15.20 -12.77
N ARG A 155 27.14 -14.02 -13.31
CA ARG A 155 26.13 -13.85 -14.35
C ARG A 155 26.64 -14.38 -15.68
N ARG A 156 25.71 -14.87 -16.51
CA ARG A 156 26.01 -14.98 -17.93
C ARG A 156 25.76 -13.58 -18.50
N PHE A 157 26.80 -12.76 -18.49
CA PHE A 157 26.64 -11.35 -18.80
C PHE A 157 26.47 -11.06 -20.28
N VAL A 158 26.48 -12.08 -21.13
CA VAL A 158 26.01 -11.98 -22.51
C VAL A 158 25.07 -13.14 -22.75
N THR A 159 23.82 -12.84 -23.07
CA THR A 159 22.81 -13.87 -23.35
C THR A 159 22.15 -13.54 -24.69
N ILE A 160 22.56 -14.27 -25.73
CA ILE A 160 21.99 -14.14 -27.06
C ILE A 160 21.50 -15.52 -27.47
N GLU A 161 20.21 -15.63 -27.77
CA GLU A 161 19.58 -16.91 -28.08
C GLU A 161 18.78 -16.79 -29.36
N VAL A 162 19.07 -17.68 -30.31
CA VAL A 162 18.43 -17.66 -31.62
C VAL A 162 17.70 -18.97 -31.84
N ILE A 163 16.65 -18.91 -32.65
CA ILE A 163 15.81 -20.06 -32.95
C ILE A 163 15.95 -20.38 -34.43
N PRO A 164 16.49 -21.55 -34.79
CA PRO A 164 16.57 -21.92 -36.21
C PRO A 164 15.22 -22.38 -36.71
N PRO A 165 15.03 -22.46 -38.05
CA PRO A 165 13.71 -22.85 -38.57
C PRO A 165 13.23 -24.20 -38.08
N ALA A 166 14.11 -25.19 -38.01
CA ALA A 166 13.83 -26.46 -37.36
C ALA A 166 14.65 -26.56 -36.08
N ALA A 167 14.23 -27.47 -35.20
CA ALA A 167 14.85 -27.57 -33.89
C ALA A 167 16.33 -27.92 -33.99
N VAL A 168 17.11 -27.43 -33.02
CA VAL A 168 18.50 -27.81 -32.91
C VAL A 168 18.60 -29.28 -32.53
N ILE A 169 19.46 -30.02 -33.22
CA ILE A 169 19.65 -31.45 -32.96
C ILE A 169 20.97 -31.64 -32.23
N LYS A 170 20.90 -32.24 -31.06
CA LYS A 170 22.07 -32.50 -30.22
C LYS A 170 22.83 -33.71 -30.75
N PRO A 171 24.03 -33.98 -30.24
CA PRO A 171 24.81 -35.12 -30.75
C PRO A 171 24.09 -36.46 -30.68
N ASP A 172 23.27 -36.70 -29.66
CA ASP A 172 22.58 -37.98 -29.54
C ASP A 172 21.23 -38.01 -30.27
N GLY A 173 20.87 -36.95 -30.98
CA GLY A 173 19.65 -36.93 -31.77
C GLY A 173 18.47 -36.26 -31.11
N SER A 174 18.57 -35.90 -29.83
CA SER A 174 17.49 -35.16 -29.19
C SER A 174 17.50 -33.71 -29.66
N LYS A 175 16.41 -33.01 -29.38
CA LYS A 175 16.17 -31.71 -29.98
C LYS A 175 15.92 -30.64 -28.91
N SER A 176 16.63 -29.53 -29.03
CA SER A 176 16.34 -28.30 -28.31
C SER A 176 15.78 -27.28 -29.29
N ARG A 177 15.13 -26.25 -28.75
CA ARG A 177 14.52 -25.24 -29.60
C ARG A 177 15.46 -24.10 -29.96
N THR A 178 16.36 -23.73 -29.06
CA THR A 178 17.18 -22.53 -29.22
C THR A 178 18.66 -22.88 -29.25
N TRP A 179 19.40 -22.11 -30.03
CA TRP A 179 20.87 -22.14 -30.04
C TRP A 179 21.35 -20.95 -29.22
N MET A 180 22.04 -21.23 -28.12
CA MET A 180 22.28 -20.23 -27.09
C MET A 180 23.75 -19.84 -27.01
N VAL A 181 24.00 -18.56 -26.77
CA VAL A 181 25.33 -18.03 -26.47
C VAL A 181 25.27 -17.43 -25.07
N HIS A 182 25.90 -18.10 -24.11
CA HIS A 182 25.91 -17.66 -22.72
C HIS A 182 27.35 -17.40 -22.32
N VAL A 183 27.74 -16.12 -22.29
CA VAL A 183 29.10 -15.73 -21.95
C VAL A 183 29.14 -15.31 -20.49
N GLY A 184 30.04 -15.94 -19.72
CA GLY A 184 30.28 -15.59 -18.34
C GLY A 184 31.63 -16.14 -17.93
N SER A 185 32.04 -15.78 -16.72
CA SER A 185 33.30 -16.29 -16.20
C SER A 185 33.20 -17.79 -15.93
N THR A 186 34.30 -18.49 -16.18
CA THR A 186 34.42 -19.90 -15.84
C THR A 186 35.68 -20.13 -15.02
N GLY A 187 35.82 -21.34 -14.51
CA GLY A 187 36.94 -21.65 -13.63
C GLY A 187 36.90 -20.89 -12.33
N CYS A 188 35.72 -20.74 -11.74
CA CYS A 188 35.52 -19.94 -10.55
C CYS A 188 35.46 -20.85 -9.33
N LYS A 189 36.36 -20.62 -8.36
CA LYS A 189 36.43 -21.41 -7.15
C LYS A 189 36.09 -20.55 -5.95
N GLY A 190 35.52 -21.18 -4.92
CA GLY A 190 35.02 -20.46 -3.77
C GLY A 190 33.56 -20.10 -3.94
N ASN A 191 32.76 -20.25 -2.89
CA ASN A 191 31.33 -19.98 -2.97
C ASN A 191 30.98 -18.75 -2.14
N PRO A 192 30.56 -17.65 -2.78
CA PRO A 192 30.18 -16.46 -2.01
C PRO A 192 28.85 -16.62 -1.29
N ALA A 193 28.04 -17.62 -1.65
CA ALA A 193 26.80 -17.87 -0.91
C ALA A 193 27.07 -18.24 0.53
N THR A 194 28.27 -18.74 0.82
CA THR A 194 28.63 -19.20 2.15
C THR A 194 29.78 -18.37 2.72
N GLY A 195 29.90 -17.12 2.27
CA GLY A 195 30.87 -16.20 2.82
C GLY A 195 32.29 -16.39 2.38
N GLU A 196 32.52 -17.07 1.25
CA GLU A 196 33.86 -17.34 0.76
C GLU A 196 34.22 -16.40 -0.38
N ILE A 197 35.52 -16.18 -0.55
CA ILE A 197 36.04 -15.38 -1.65
C ILE A 197 36.04 -16.21 -2.92
N VAL A 198 35.57 -15.62 -4.01
CA VAL A 198 35.53 -16.29 -5.31
C VAL A 198 36.66 -15.74 -6.18
N ALA A 199 37.30 -16.63 -6.93
CA ALA A 199 38.29 -16.27 -7.93
C ALA A 199 38.02 -17.09 -9.18
N CYS A 200 38.12 -16.43 -10.34
CA CYS A 200 37.79 -17.05 -11.62
C CYS A 200 39.03 -17.12 -12.50
N ALA A 201 39.28 -18.30 -13.07
CA ALA A 201 40.43 -18.47 -13.95
C ALA A 201 40.21 -17.82 -15.32
N HIS A 202 38.96 -17.78 -15.79
CA HIS A 202 38.63 -17.18 -17.08
C HIS A 202 37.57 -16.11 -16.85
N GLU A 203 37.97 -14.84 -16.97
CA GLU A 203 37.06 -13.74 -16.68
C GLU A 203 36.03 -13.56 -17.79
N ASN A 204 36.49 -13.57 -19.05
CA ASN A 204 35.64 -13.51 -20.24
C ASN A 204 34.93 -12.16 -20.40
N ARG A 205 35.53 -11.11 -19.87
CA ARG A 205 35.13 -9.74 -20.16
C ARG A 205 36.12 -9.12 -21.14
N PHE A 206 35.67 -8.11 -21.88
CA PHE A 206 36.58 -7.48 -22.82
C PHE A 206 36.21 -6.03 -23.04
N PRO A 207 37.20 -5.16 -23.24
CA PRO A 207 36.91 -3.75 -23.58
C PRO A 207 36.60 -3.58 -25.06
N VAL A 208 35.90 -2.50 -25.35
CA VAL A 208 35.58 -2.09 -26.72
C VAL A 208 35.93 -0.62 -26.84
N VAL A 209 36.79 -0.28 -27.80
CA VAL A 209 37.31 1.06 -27.95
C VAL A 209 37.10 1.53 -29.38
N PHE A 210 36.38 2.63 -29.54
CA PHE A 210 36.19 3.28 -30.84
C PHE A 210 36.89 4.62 -30.80
N ASP A 211 37.93 4.78 -31.64
CA ASP A 211 38.69 6.02 -31.66
C ASP A 211 37.83 7.20 -32.10
N ARG A 212 36.92 6.97 -33.03
CA ARG A 212 36.00 7.99 -33.51
C ARG A 212 34.58 7.50 -33.29
N PHE A 213 33.85 8.18 -32.41
CA PHE A 213 32.46 7.84 -32.13
C PHE A 213 31.75 9.12 -31.67
N ASP A 214 30.81 9.60 -32.48
CA ASP A 214 30.02 10.78 -32.14
C ASP A 214 28.69 10.32 -31.59
N PRO A 215 28.43 10.48 -30.29
CA PRO A 215 27.20 9.89 -29.70
C PRO A 215 25.90 10.47 -30.25
N LYS A 216 25.93 11.64 -30.86
CA LYS A 216 24.71 12.28 -31.34
C LYS A 216 24.39 11.95 -32.79
N THR A 217 25.34 11.39 -33.54
CA THR A 217 25.10 10.99 -34.93
C THR A 217 25.37 9.52 -35.20
N GLN A 218 25.95 8.79 -34.25
CA GLN A 218 26.37 7.41 -34.48
C GLN A 218 25.86 6.52 -33.35
N ARG A 219 26.10 5.22 -33.50
CA ARG A 219 25.62 4.22 -32.56
C ARG A 219 26.57 3.03 -32.59
N VAL A 220 26.52 2.22 -31.52
CA VAL A 220 27.30 1.00 -31.44
C VAL A 220 26.46 -0.15 -31.97
N GLU A 221 27.03 -0.95 -32.87
CA GLU A 221 26.30 -2.01 -33.54
C GLU A 221 26.86 -3.36 -33.14
N LEU A 222 25.98 -4.25 -32.67
CA LEU A 222 26.32 -5.63 -32.33
C LEU A 222 25.87 -6.51 -33.48
N ASP A 223 26.84 -7.11 -34.18
CA ASP A 223 26.56 -7.83 -35.42
C ASP A 223 26.33 -9.30 -35.12
N LEU A 224 25.07 -9.75 -35.27
CA LEU A 224 24.76 -11.16 -35.08
C LEU A 224 25.30 -12.02 -36.21
N THR A 225 25.46 -11.45 -37.40
CA THR A 225 26.04 -12.21 -38.51
C THR A 225 27.45 -12.67 -38.18
N THR A 226 28.26 -11.77 -37.63
CA THR A 226 29.63 -12.13 -37.25
C THR A 226 29.63 -13.12 -36.09
N LEU A 227 28.71 -12.95 -35.14
CA LEU A 227 28.70 -13.80 -33.94
C LEU A 227 28.48 -15.27 -34.30
N PHE A 228 27.56 -15.54 -35.21
CA PHE A 228 27.17 -16.91 -35.55
C PHE A 228 27.76 -17.39 -36.87
N GLU A 229 28.79 -16.69 -37.39
CA GLU A 229 29.21 -16.92 -38.77
C GLU A 229 29.76 -18.33 -38.97
N SER A 230 30.58 -18.81 -38.04
CA SER A 230 31.14 -20.16 -38.12
C SER A 230 30.41 -21.14 -37.22
N SER A 231 29.12 -20.90 -36.97
CA SER A 231 28.30 -21.75 -36.12
C SER A 231 27.12 -22.27 -36.92
N ASP A 232 27.07 -23.58 -37.10
CA ASP A 232 25.90 -24.24 -37.68
C ASP A 232 24.82 -24.30 -36.61
N ILE A 233 23.91 -23.32 -36.62
CA ILE A 233 22.91 -23.19 -35.56
C ILE A 233 21.80 -24.22 -35.66
N SER A 234 21.86 -25.12 -36.63
CA SER A 234 20.88 -26.20 -36.74
C SER A 234 21.30 -27.45 -36.00
N VAL A 235 22.53 -27.48 -35.47
CA VAL A 235 23.03 -28.62 -34.70
C VAL A 235 23.86 -28.10 -33.53
N ASP A 236 24.12 -29.00 -32.58
CA ASP A 236 25.08 -28.78 -31.51
C ASP A 236 26.10 -29.91 -31.52
N LYS A 237 27.37 -29.58 -31.38
CA LYS A 237 28.45 -30.55 -31.48
C LYS A 237 28.90 -31.08 -30.12
N GLY A 238 28.13 -30.85 -29.07
CA GLY A 238 28.49 -31.35 -27.76
C GLY A 238 28.45 -30.31 -26.66
N GLY A 239 28.38 -30.76 -25.41
CA GLY A 239 28.26 -29.83 -24.30
C GLY A 239 26.86 -29.24 -24.21
N ALA A 240 26.79 -27.99 -23.76
CA ALA A 240 25.53 -27.27 -23.73
C ALA A 240 25.09 -26.94 -25.15
N VAL A 241 23.78 -26.76 -25.33
CA VAL A 241 23.24 -26.47 -26.65
C VAL A 241 23.67 -25.06 -27.04
N GLY A 242 24.55 -24.96 -28.04
CA GLY A 242 25.17 -23.70 -28.38
C GLY A 242 26.51 -23.55 -27.68
N CYS A 243 26.80 -22.37 -27.15
CA CYS A 243 28.04 -22.12 -26.42
C CYS A 243 27.72 -21.42 -25.11
N MET A 244 28.14 -22.03 -24.01
CA MET A 244 28.00 -21.45 -22.67
C MET A 244 29.35 -21.31 -22.00
N SER A 245 30.37 -20.97 -22.81
CA SER A 245 31.72 -20.61 -22.39
C SER A 245 32.57 -21.77 -21.87
N ALA A 246 32.06 -23.00 -21.90
CA ALA A 246 32.88 -24.13 -21.44
C ALA A 246 34.08 -24.32 -22.35
N LEU A 247 35.24 -24.55 -21.73
CA LEU A 247 36.48 -24.66 -22.51
C LEU A 247 36.47 -25.86 -23.44
N ASP A 248 35.75 -26.92 -23.08
CA ASP A 248 35.70 -28.14 -23.88
C ASP A 248 34.44 -28.26 -24.72
N ASP A 249 33.60 -27.23 -24.74
CA ASP A 249 32.44 -27.23 -25.62
C ASP A 249 32.91 -27.02 -27.05
N PRO A 250 32.67 -27.96 -27.97
CA PRO A 250 33.20 -27.81 -29.33
C PRO A 250 32.63 -26.62 -30.09
N ASP A 251 31.50 -26.06 -29.66
CA ASP A 251 30.87 -24.95 -30.35
C ASP A 251 31.39 -23.58 -29.90
N CYS A 252 32.06 -23.50 -28.76
CA CYS A 252 32.53 -22.25 -28.19
C CYS A 252 33.74 -21.62 -28.86
N PRO A 253 34.69 -22.40 -29.44
CA PRO A 253 35.82 -21.75 -30.13
C PRO A 253 35.42 -20.69 -31.15
N ALA A 254 34.49 -21.02 -32.06
CA ALA A 254 34.07 -20.05 -33.07
C ALA A 254 33.43 -18.83 -32.43
N VAL A 255 32.60 -19.05 -31.41
CA VAL A 255 31.90 -17.94 -30.75
C VAL A 255 32.90 -16.99 -30.10
N PHE A 256 33.90 -17.53 -29.40
CA PHE A 256 34.85 -16.69 -28.69
C PHE A 256 35.76 -15.93 -29.63
N ARG A 257 36.06 -16.50 -30.80
CA ARG A 257 36.77 -15.74 -31.84
C ARG A 257 35.95 -14.52 -32.26
N ALA A 258 34.66 -14.73 -32.51
CA ALA A 258 33.80 -13.61 -32.91
C ALA A 258 33.71 -12.56 -31.82
N LEU A 259 33.69 -12.98 -30.55
CA LEU A 259 33.70 -12.04 -29.44
C LEU A 259 35.05 -11.34 -29.30
N GLY A 260 36.12 -11.95 -29.78
CA GLY A 260 37.45 -11.41 -29.54
C GLY A 260 38.07 -11.85 -28.24
N LEU A 261 37.71 -13.03 -27.75
CA LEU A 261 38.21 -13.57 -26.49
C LEU A 261 38.96 -14.87 -26.74
N ASN A 262 39.99 -15.10 -25.93
CA ASN A 262 40.63 -16.41 -25.89
C ASN A 262 39.76 -17.35 -25.07
N LEU A 263 39.29 -18.43 -25.68
CA LEU A 263 38.61 -19.47 -24.93
C LEU A 263 39.60 -20.14 -24.00
N ALA A 264 40.48 -20.96 -24.56
CA ALA A 264 41.62 -21.50 -23.84
C ALA A 264 42.85 -20.63 -24.12
N ASP A 265 43.98 -21.03 -23.55
CA ASP A 265 45.23 -20.33 -23.81
C ASP A 265 45.54 -20.34 -25.31
N SER A 266 46.03 -19.20 -25.81
CA SER A 266 46.38 -19.12 -27.23
C SER A 266 47.52 -20.08 -27.57
N ALA A 267 48.40 -20.35 -26.61
CA ALA A 267 49.50 -21.27 -26.79
C ALA A 267 49.92 -21.77 -25.41
N PRO A 268 50.58 -22.93 -25.33
CA PRO A 268 51.01 -23.45 -24.02
C PRO A 268 51.89 -22.45 -23.29
N GLY A 269 51.47 -22.08 -22.08
CA GLY A 269 52.17 -21.12 -21.26
C GLY A 269 51.74 -19.68 -21.44
N ALA A 270 50.84 -19.40 -22.40
CA ALA A 270 50.50 -18.01 -22.71
C ALA A 270 49.75 -17.33 -21.57
N ASN A 271 49.01 -18.10 -20.78
CA ASN A 271 48.34 -17.56 -19.58
C ASN A 271 47.37 -16.43 -19.94
N ASP A 272 46.65 -16.60 -21.05
CA ASP A 272 45.74 -15.56 -21.52
C ASP A 272 44.33 -16.08 -21.76
N ALA A 273 43.99 -17.28 -21.30
CA ALA A 273 42.64 -17.78 -21.45
C ALA A 273 41.64 -16.88 -20.70
N GLY A 274 40.51 -16.63 -21.33
CA GLY A 274 39.52 -15.73 -20.77
C GLY A 274 39.86 -14.26 -20.89
N LYS A 275 40.95 -13.92 -21.58
CA LYS A 275 41.37 -12.55 -21.82
C LYS A 275 41.11 -12.15 -23.26
N PRO A 276 40.99 -10.86 -23.55
CA PRO A 276 40.77 -10.43 -24.94
C PRO A 276 41.92 -10.83 -25.84
N SER A 277 41.57 -11.30 -27.03
CA SER A 277 42.57 -11.67 -28.03
C SER A 277 43.32 -10.45 -28.55
N ARG A 278 42.63 -9.32 -28.68
CA ARG A 278 43.24 -8.07 -29.11
C ARG A 278 42.53 -6.96 -28.36
N PRO A 279 43.07 -6.54 -27.20
CA PRO A 279 42.33 -5.63 -26.31
C PRO A 279 41.82 -4.37 -26.99
N GLY A 280 40.51 -4.17 -26.95
CA GLY A 280 39.87 -2.98 -27.49
C GLY A 280 39.03 -3.23 -28.72
N VAL A 281 39.26 -4.32 -29.45
CA VAL A 281 38.51 -4.62 -30.66
C VAL A 281 37.82 -5.97 -30.48
N SER A 282 36.52 -6.00 -30.77
CA SER A 282 35.74 -7.23 -30.78
C SER A 282 35.06 -7.31 -32.14
N PRO A 283 35.27 -8.39 -32.90
CA PRO A 283 34.71 -8.46 -34.25
C PRO A 283 33.21 -8.20 -34.35
N ILE A 284 32.44 -8.44 -33.30
CA ILE A 284 30.99 -8.25 -33.38
C ILE A 284 30.55 -6.82 -33.06
N PHE A 285 31.48 -5.92 -32.75
CA PHE A 285 31.15 -4.56 -32.38
C PHE A 285 31.74 -3.58 -33.39
N SER A 286 30.90 -2.66 -33.89
CA SER A 286 31.32 -1.66 -34.85
C SER A 286 30.49 -0.40 -34.62
N VAL A 287 30.79 0.63 -35.42
CA VAL A 287 30.10 1.92 -35.36
C VAL A 287 29.25 2.07 -36.60
N GLY A 288 28.00 2.51 -36.42
CA GLY A 288 27.11 2.77 -37.53
C GLY A 288 26.40 4.11 -37.36
N ALA A 289 25.69 4.51 -38.41
CA ALA A 289 24.87 5.71 -38.34
C ALA A 289 23.68 5.49 -37.42
N ALA A 290 23.37 6.51 -36.62
CA ALA A 290 22.45 6.33 -35.50
C ALA A 290 20.99 6.20 -35.93
N ALA A 291 20.60 6.81 -37.04
CA ALA A 291 19.20 6.85 -37.46
C ALA A 291 18.96 6.04 -38.73
N SER A 292 19.50 4.83 -38.81
CA SER A 292 19.55 4.09 -40.06
C SER A 292 18.94 2.69 -39.91
N LYS A 293 18.30 2.24 -40.99
CA LYS A 293 17.77 0.89 -41.09
C LYS A 293 18.80 -0.14 -41.53
N VAL A 294 20.01 0.31 -41.89
CA VAL A 294 21.05 -0.55 -42.40
C VAL A 294 22.24 -0.50 -41.45
N ALA A 295 22.95 -1.62 -41.33
CA ALA A 295 24.15 -1.68 -40.52
C ALA A 295 25.25 -0.82 -41.11
N GLY A 296 26.22 -0.44 -40.27
CA GLY A 296 27.33 0.37 -40.69
C GLY A 296 28.18 -0.27 -41.77
N VAL B 3 -53.68 42.60 -9.72
CA VAL B 3 -52.32 42.18 -9.99
C VAL B 3 -51.40 42.74 -8.90
N LYS B 4 -52.01 43.31 -7.87
CA LYS B 4 -51.26 43.93 -6.78
C LYS B 4 -50.64 42.86 -5.88
N THR B 5 -49.36 43.02 -5.55
CA THR B 5 -48.63 42.03 -4.79
C THR B 5 -47.98 42.65 -3.56
N GLN B 6 -47.47 41.75 -2.71
CA GLN B 6 -46.70 42.05 -1.51
C GLN B 6 -45.41 41.25 -1.54
N PRO B 7 -44.34 41.76 -0.95
CA PRO B 7 -43.09 40.98 -0.89
C PRO B 7 -43.22 39.82 0.08
N VAL B 8 -42.51 38.74 -0.23
CA VAL B 8 -42.48 37.54 0.60
C VAL B 8 -41.02 37.11 0.77
N ALA B 9 -40.67 36.72 1.99
CA ALA B 9 -39.32 36.23 2.28
C ALA B 9 -39.45 35.07 3.26
N VAL B 10 -39.09 33.87 2.81
CA VAL B 10 -39.13 32.68 3.64
C VAL B 10 -37.71 32.37 4.07
N ARG B 11 -37.44 32.48 5.37
CA ARG B 11 -36.10 32.29 5.91
C ARG B 11 -35.88 30.84 6.30
N PHE B 12 -34.73 30.30 5.92
CA PHE B 12 -34.29 28.98 6.33
C PHE B 12 -33.08 29.10 7.25
N ALA B 13 -32.97 28.16 8.19
CA ALA B 13 -31.84 28.13 9.09
C ALA B 13 -31.41 26.68 9.31
N LEU B 14 -30.10 26.51 9.45
CA LEU B 14 -29.50 25.21 9.75
C LEU B 14 -29.28 25.11 11.25
N VAL B 15 -29.70 24.00 11.85
CA VAL B 15 -29.54 23.79 13.28
C VAL B 15 -28.89 22.45 13.53
N ALA B 16 -28.17 22.36 14.65
CA ALA B 16 -27.54 21.12 15.09
C ALA B 16 -27.49 21.13 16.61
N ASP B 17 -27.97 20.05 17.23
CA ASP B 17 -27.92 19.88 18.68
C ASP B 17 -28.64 21.03 19.39
N GLY B 18 -29.73 21.49 18.80
CA GLY B 18 -30.52 22.56 19.39
C GLY B 18 -29.91 23.95 19.26
N LYS B 19 -28.86 24.11 18.44
CA LYS B 19 -28.21 25.39 18.23
C LYS B 19 -28.20 25.72 16.74
N GLU B 20 -28.30 27.00 16.44
CA GLU B 20 -28.23 27.45 15.04
C GLU B 20 -26.80 27.35 14.55
N VAL B 21 -26.58 26.62 13.46
CA VAL B 21 -25.26 26.49 12.86
C VAL B 21 -25.28 27.14 11.49
N GLY B 22 -24.32 26.77 10.64
CA GLY B 22 -24.12 27.46 9.39
C GLY B 22 -22.85 28.30 9.41
N CYS B 23 -22.35 28.57 8.22
CA CYS B 23 -21.02 29.20 8.03
C CYS B 23 -20.01 28.29 8.73
N GLY B 24 -19.14 28.82 9.58
CA GLY B 24 -18.12 27.99 10.21
C GLY B 24 -18.42 27.63 11.65
N ALA B 25 -19.69 27.70 12.04
CA ALA B 25 -20.05 27.29 13.39
C ALA B 25 -19.83 25.79 13.57
N PRO B 26 -19.26 25.36 14.69
CA PRO B 26 -19.04 23.92 14.90
C PRO B 26 -20.36 23.18 15.03
N LEU B 27 -20.36 21.94 14.55
CA LEU B 27 -21.50 21.04 14.70
C LEU B 27 -21.23 20.10 15.86
N ALA B 28 -22.06 20.18 16.89
CA ALA B 28 -21.88 19.37 18.10
C ALA B 28 -22.77 18.14 18.03
N ASN B 29 -22.21 17.01 18.46
CA ASN B 29 -22.94 15.77 18.68
C ASN B 29 -23.65 15.30 17.41
N LEU B 30 -22.84 15.03 16.39
CA LEU B 30 -23.32 14.57 15.09
C LEU B 30 -23.30 13.05 15.07
N GLY B 31 -24.46 12.44 14.80
CA GLY B 31 -24.51 11.02 14.51
C GLY B 31 -24.64 10.15 15.74
N SER B 32 -24.65 8.84 15.48
CA SER B 32 -24.77 7.84 16.53
C SER B 32 -23.71 8.04 17.61
N GLY B 33 -22.48 8.34 17.22
CA GLY B 33 -21.40 8.52 18.17
C GLY B 33 -21.36 9.86 18.85
N ARG B 34 -22.24 10.78 18.47
CA ARG B 34 -22.30 12.13 19.06
C ARG B 34 -20.94 12.81 19.00
N LEU B 35 -20.50 13.07 17.77
CA LEU B 35 -19.16 13.57 17.50
C LEU B 35 -19.18 15.08 17.26
N ALA B 36 -18.03 15.70 17.51
CA ALA B 36 -17.85 17.12 17.24
C ALA B 36 -17.47 17.28 15.78
N GLY B 37 -18.41 17.75 14.96
CA GLY B 37 -18.17 17.82 13.53
C GLY B 37 -17.95 19.22 13.00
N LYS B 38 -17.45 19.29 11.76
CA LYS B 38 -17.34 20.54 11.02
C LYS B 38 -18.23 20.44 9.80
N LEU B 39 -18.85 21.56 9.43
CA LEU B 39 -19.70 21.61 8.25
C LEU B 39 -18.83 21.92 7.04
N HIS B 40 -18.81 21.00 6.08
CA HIS B 40 -18.08 21.25 4.83
C HIS B 40 -18.97 21.92 3.78
N GLU B 41 -20.20 21.44 3.63
CA GLU B 41 -21.09 21.95 2.61
C GLU B 41 -22.52 21.62 3.00
N ALA B 42 -23.42 22.58 2.80
CA ALA B 42 -24.84 22.36 3.07
C ALA B 42 -25.63 23.17 2.05
N ARG B 43 -26.04 22.50 0.97
CA ARG B 43 -26.77 23.13 -0.11
C ARG B 43 -27.91 22.23 -0.55
N LEU B 44 -29.01 22.84 -1.01
CA LEU B 44 -30.14 22.08 -1.50
C LEU B 44 -31.01 22.96 -2.39
N TYR B 45 -31.64 22.33 -3.37
CA TYR B 45 -32.61 23.01 -4.22
C TYR B 45 -34.00 22.87 -3.61
N VAL B 46 -34.78 23.94 -3.72
CA VAL B 46 -36.16 23.97 -3.26
C VAL B 46 -37.00 24.63 -4.34
N TYR B 47 -38.29 24.27 -4.39
CA TYR B 47 -39.15 24.78 -5.46
C TYR B 47 -40.60 24.70 -5.02
N GLY B 48 -41.47 25.26 -5.86
CA GLY B 48 -42.90 25.22 -5.66
C GLY B 48 -43.35 25.84 -4.35
N PHE B 49 -42.86 27.03 -4.06
CA PHE B 49 -43.24 27.70 -2.81
C PHE B 49 -44.66 28.24 -2.91
N GLU B 50 -45.46 27.98 -1.87
CA GLU B 50 -46.85 28.38 -1.84
C GLU B 50 -47.20 28.92 -0.47
N LEU B 51 -48.05 29.94 -0.45
CA LEU B 51 -48.64 30.43 0.79
C LEU B 51 -50.06 29.91 0.92
N VAL B 52 -50.40 29.44 2.11
CA VAL B 52 -51.71 28.85 2.39
C VAL B 52 -52.50 29.83 3.26
N ASP B 53 -53.73 30.12 2.85
CA ASP B 53 -54.57 31.05 3.58
C ASP B 53 -55.44 30.31 4.59
N ALA B 54 -56.20 31.07 5.37
CA ALA B 54 -57.05 30.48 6.41
C ALA B 54 -58.07 29.52 5.83
N LYS B 55 -58.53 29.76 4.60
CA LYS B 55 -59.49 28.88 3.94
C LYS B 55 -58.87 27.60 3.43
N GLY B 56 -57.54 27.46 3.51
CA GLY B 56 -56.86 26.28 3.03
C GLY B 56 -56.47 26.31 1.57
N LYS B 57 -56.57 27.45 0.92
CA LYS B 57 -56.25 27.55 -0.50
C LYS B 57 -54.78 27.91 -0.69
N HIS B 58 -54.25 27.56 -1.86
CA HIS B 58 -52.83 27.64 -2.14
C HIS B 58 -52.58 28.74 -3.18
N THR B 59 -51.75 29.71 -2.80
CA THR B 59 -51.32 30.76 -3.70
C THR B 59 -49.83 30.60 -3.98
N PRO B 60 -49.42 30.54 -5.24
CA PRO B 60 -47.99 30.41 -5.53
C PRO B 60 -47.25 31.70 -5.26
N ILE B 61 -45.97 31.56 -4.92
CA ILE B 61 -45.07 32.69 -4.76
C ILE B 61 -44.23 32.80 -6.03
N ALA B 62 -44.32 33.95 -6.70
CA ALA B 62 -43.47 34.22 -7.85
C ALA B 62 -42.08 34.60 -7.35
N LEU B 63 -41.08 33.79 -7.69
CA LEU B 63 -39.73 34.01 -7.20
C LEU B 63 -39.05 35.11 -8.00
N THR B 64 -38.43 36.06 -7.28
CA THR B 64 -37.53 37.00 -7.92
C THR B 64 -36.44 36.24 -8.67
N GLN B 65 -36.19 36.63 -9.91
CA GLN B 65 -35.17 35.98 -10.73
C GLN B 65 -33.82 36.63 -10.46
N ASN B 66 -32.89 35.85 -9.94
CA ASN B 66 -31.53 36.34 -9.66
C ASN B 66 -30.58 35.15 -9.77
N ASP B 67 -29.40 35.28 -9.14
CA ASP B 67 -28.38 34.25 -9.24
C ASP B 67 -28.72 33.00 -8.43
N TRP B 68 -29.65 33.10 -7.49
CA TRP B 68 -30.01 31.99 -6.63
C TRP B 68 -31.39 31.43 -6.91
N GLN B 69 -32.13 32.02 -7.85
CA GLN B 69 -33.51 31.66 -8.09
C GLN B 69 -33.81 31.73 -9.58
N TYR B 70 -34.34 30.64 -10.13
CA TYR B 70 -34.66 30.54 -11.55
C TYR B 70 -36.01 29.86 -11.67
N ALA B 71 -36.97 30.54 -12.31
CA ALA B 71 -38.35 30.07 -12.43
C ALA B 71 -38.91 29.92 -11.02
N ASP B 72 -39.34 28.72 -10.61
CA ASP B 72 -39.83 28.49 -9.26
C ASP B 72 -38.81 27.78 -8.39
N VAL B 73 -37.55 27.74 -8.80
CA VAL B 73 -36.49 26.99 -8.13
C VAL B 73 -35.55 27.96 -7.44
N ALA B 74 -35.25 27.69 -6.18
CA ALA B 74 -34.24 28.42 -5.43
C ALA B 74 -33.18 27.45 -4.92
N LEU B 75 -31.96 27.96 -4.76
CA LEU B 75 -30.87 27.18 -4.19
C LEU B 75 -30.49 27.79 -2.85
N LEU B 76 -30.60 26.99 -1.79
CA LEU B 76 -30.16 27.41 -0.47
C LEU B 76 -28.71 26.99 -0.26
N ASP B 77 -27.93 27.88 0.36
CA ASP B 77 -26.51 27.64 0.61
C ASP B 77 -26.19 28.21 1.98
N PHE B 78 -25.81 27.33 2.91
CA PHE B 78 -25.61 27.72 4.30
C PHE B 78 -24.16 27.98 4.67
N LYS B 79 -23.24 27.90 3.71
CA LYS B 79 -21.85 28.23 3.96
C LYS B 79 -21.59 29.70 3.67
N ASP B 80 -20.57 30.24 4.31
CA ASP B 80 -20.12 31.58 3.98
C ASP B 80 -19.21 31.55 2.76
N ALA B 81 -19.01 32.72 2.16
CA ALA B 81 -18.17 32.79 0.96
C ALA B 81 -16.69 32.63 1.31
N ARG B 82 -16.26 33.19 2.44
CA ARG B 82 -14.86 33.07 2.85
C ARG B 82 -14.46 31.62 3.04
N GLY B 83 -15.32 30.82 3.66
CA GLY B 83 -14.93 29.49 4.06
C GLY B 83 -14.26 29.45 5.42
N GLY B 84 -14.53 30.43 6.27
CA GLY B 84 -13.86 30.56 7.55
C GLY B 84 -14.38 29.62 8.60
N ASN B 85 -14.04 29.91 9.86
CA ASN B 85 -14.43 29.12 11.01
C ASN B 85 -15.23 29.93 12.02
N ALA B 86 -15.88 30.99 11.56
CA ALA B 86 -16.73 31.82 12.39
C ALA B 86 -18.19 31.56 12.08
N ALA B 87 -19.04 31.83 13.06
CA ALA B 87 -20.47 31.76 12.83
C ALA B 87 -20.91 32.86 11.86
N CYS B 88 -22.11 32.71 11.31
CA CYS B 88 -22.63 33.70 10.38
C CYS B 88 -22.83 35.03 11.07
N THR B 89 -22.35 36.10 10.43
CA THR B 89 -22.51 37.47 10.87
C THR B 89 -23.02 38.29 9.70
N PRO B 90 -23.52 39.50 9.95
CA PRO B 90 -23.93 40.35 8.81
C PRO B 90 -22.79 40.63 7.84
N GLY B 91 -21.57 40.80 8.35
CA GLY B 91 -20.45 41.04 7.46
C GLY B 91 -20.04 39.80 6.69
N ASN B 92 -20.05 38.64 7.35
CA ASN B 92 -19.70 37.36 6.74
C ASN B 92 -20.90 36.43 6.87
N PRO B 93 -21.89 36.57 6.00
CA PRO B 93 -23.13 35.80 6.15
C PRO B 93 -23.15 34.52 5.34
N ALA B 94 -24.10 33.65 5.69
CA ALA B 94 -24.40 32.52 4.83
C ALA B 94 -24.77 33.03 3.44
N LYS B 95 -24.43 32.23 2.42
CA LYS B 95 -24.53 32.71 1.05
C LYS B 95 -25.98 32.99 0.65
N ASN B 96 -26.88 32.04 0.88
CA ASN B 96 -28.27 32.24 0.46
C ASN B 96 -29.16 31.36 1.32
N THR B 97 -29.92 31.98 2.23
CA THR B 97 -30.77 31.25 3.16
C THR B 97 -32.19 31.78 3.24
N THR B 98 -32.57 32.69 2.35
CA THR B 98 -33.92 33.25 2.35
C THR B 98 -34.49 33.19 0.94
N VAL B 99 -35.62 32.51 0.78
CA VAL B 99 -36.33 32.47 -0.49
C VAL B 99 -37.20 33.71 -0.57
N VAL B 100 -37.01 34.50 -1.63
CA VAL B 100 -37.64 35.81 -1.76
C VAL B 100 -38.44 35.86 -3.04
N GLY B 101 -39.57 36.58 -2.98
CA GLY B 101 -40.44 36.72 -4.13
C GLY B 101 -41.64 37.59 -3.81
N ALA B 102 -42.74 37.39 -4.53
CA ALA B 102 -43.94 38.18 -4.33
C ALA B 102 -45.18 37.30 -4.50
N ALA B 103 -46.21 37.60 -3.70
CA ALA B 103 -47.49 36.94 -3.77
C ALA B 103 -48.59 37.98 -3.83
N PRO B 104 -49.76 37.63 -4.38
CA PRO B 104 -50.90 38.55 -4.32
C PRO B 104 -51.17 39.00 -2.89
N GLN B 105 -51.62 40.24 -2.76
CA GLN B 105 -51.78 40.83 -1.44
C GLN B 105 -52.96 40.19 -0.71
N GLY B 106 -52.73 39.79 0.53
CA GLY B 106 -53.74 39.12 1.32
C GLY B 106 -53.14 38.62 2.62
N ALA B 107 -53.94 37.85 3.35
CA ALA B 107 -53.55 37.28 4.62
C ALA B 107 -53.38 35.78 4.49
N TYR B 108 -52.22 35.27 4.92
CA TYR B 108 -51.91 33.85 4.83
C TYR B 108 -51.51 33.32 6.20
N VAL B 109 -51.59 32.00 6.35
CA VAL B 109 -51.36 31.37 7.65
C VAL B 109 -50.32 30.25 7.52
N GLY B 110 -50.28 29.59 6.36
CA GLY B 110 -49.46 28.41 6.16
C GLY B 110 -48.47 28.57 5.01
N LEU B 111 -47.64 27.55 4.86
CA LEU B 111 -46.59 27.54 3.85
C LEU B 111 -46.42 26.14 3.31
N ALA B 112 -46.19 26.04 2.00
CA ALA B 112 -45.88 24.77 1.36
C ALA B 112 -44.78 24.99 0.34
N PHE B 113 -43.89 24.00 0.24
CA PHE B 113 -42.82 24.00 -0.75
C PHE B 113 -42.35 22.56 -0.91
N SER B 114 -41.42 22.34 -1.84
CA SER B 114 -40.88 21.02 -2.10
C SER B 114 -39.36 21.07 -2.16
N VAL B 115 -38.75 19.94 -1.79
CA VAL B 115 -37.30 19.82 -1.73
C VAL B 115 -36.83 19.04 -2.95
N GLY B 116 -35.82 19.57 -3.64
CA GLY B 116 -35.26 18.95 -4.81
C GLY B 116 -35.28 19.87 -6.01
N ALA B 117 -34.75 19.35 -7.12
CA ALA B 117 -34.80 20.05 -8.39
C ALA B 117 -35.87 19.40 -9.25
N PRO B 118 -36.90 20.14 -9.66
CA PRO B 118 -37.97 19.53 -10.45
C PRO B 118 -37.46 19.12 -11.83
N VAL B 119 -38.23 18.26 -12.49
CA VAL B 119 -37.89 17.83 -13.84
C VAL B 119 -37.92 19.03 -14.78
N GLU B 120 -39.00 19.82 -14.71
CA GLU B 120 -39.16 20.96 -15.59
C GLU B 120 -39.82 22.11 -14.84
N SER B 121 -39.71 23.30 -15.40
CA SER B 121 -40.33 24.48 -14.82
C SER B 121 -40.58 25.49 -15.92
N LEU B 122 -41.48 26.44 -15.64
CA LEU B 122 -41.93 27.41 -16.63
C LEU B 122 -41.29 28.77 -16.40
N VAL B 123 -40.86 29.40 -17.49
CA VAL B 123 -40.53 30.83 -17.52
C VAL B 123 -41.05 31.40 -18.82
N ASP B 124 -41.77 32.52 -18.73
CA ASP B 124 -42.47 33.11 -19.88
C ASP B 124 -43.47 32.11 -20.46
N GLY B 125 -44.09 31.32 -19.59
CA GLY B 125 -45.07 30.34 -19.99
C GLY B 125 -44.53 29.11 -20.69
N LYS B 126 -43.21 29.00 -20.86
CA LYS B 126 -42.62 27.89 -21.61
C LYS B 126 -41.79 27.01 -20.68
N PRO B 127 -41.80 25.69 -20.90
CA PRO B 127 -41.11 24.79 -19.99
C PRO B 127 -39.62 24.65 -20.31
N VAL B 128 -38.84 24.48 -19.25
CA VAL B 128 -37.40 24.22 -19.34
C VAL B 128 -37.05 23.07 -18.41
N PHE B 129 -36.15 22.20 -18.87
CA PHE B 129 -35.66 21.12 -18.01
C PHE B 129 -34.76 21.70 -16.91
N VAL B 130 -34.96 21.22 -15.69
CA VAL B 130 -34.16 21.70 -14.57
C VAL B 130 -33.20 20.61 -14.10
N ASN B 131 -33.74 19.54 -13.52
CA ASN B 131 -32.89 18.56 -12.84
C ASN B 131 -31.93 17.87 -13.80
N HIS B 132 -32.37 17.60 -15.03
CA HIS B 132 -31.57 16.88 -16.01
C HIS B 132 -30.97 17.80 -17.06
N SER B 133 -30.91 19.10 -16.79
CA SER B 133 -30.25 20.04 -17.69
C SER B 133 -28.73 19.86 -17.62
N ASN B 134 -28.04 20.49 -18.56
CA ASN B 134 -26.58 20.51 -18.55
C ASN B 134 -26.09 21.58 -17.59
N VAL B 135 -25.28 21.16 -16.61
CA VAL B 135 -24.74 22.12 -15.65
C VAL B 135 -23.80 23.11 -16.35
N GLU B 136 -23.14 22.68 -17.42
CA GLU B 136 -22.24 23.56 -18.15
C GLU B 136 -22.96 24.52 -19.08
N ALA B 137 -24.28 24.39 -19.23
CA ALA B 137 -25.07 25.29 -20.06
C ALA B 137 -26.29 25.88 -19.37
N ALA B 138 -26.71 25.36 -18.23
CA ALA B 138 -27.92 25.84 -17.59
C ALA B 138 -27.69 27.21 -16.95
N PRO B 139 -28.75 28.00 -16.78
CA PRO B 139 -28.61 29.29 -16.10
C PRO B 139 -28.47 29.10 -14.61
N PRO B 140 -27.94 30.10 -13.90
CA PRO B 140 -27.87 30.01 -12.45
C PRO B 140 -29.27 29.92 -11.87
N PRO B 141 -29.43 29.21 -10.73
CA PRO B 141 -28.39 28.53 -9.96
C PRO B 141 -28.16 27.07 -10.37
N LEU B 142 -28.52 26.74 -11.62
CA LEU B 142 -28.35 25.38 -12.13
C LEU B 142 -26.99 25.15 -12.77
N ASP B 143 -26.07 26.12 -12.66
CA ASP B 143 -24.75 26.03 -13.26
C ASP B 143 -23.66 25.69 -12.24
N ILE B 144 -24.01 24.96 -11.19
CA ILE B 144 -23.11 24.69 -10.07
C ILE B 144 -22.71 23.22 -10.14
N SER B 145 -21.44 22.98 -10.51
CA SER B 145 -20.99 21.61 -10.74
C SER B 145 -20.86 20.82 -9.44
N GLY B 146 -20.63 21.50 -8.32
CA GLY B 146 -20.60 20.81 -7.04
C GLY B 146 -21.90 20.14 -6.66
N MET B 147 -22.99 20.46 -7.36
CA MET B 147 -24.30 19.85 -7.13
C MET B 147 -24.76 19.04 -8.33
N ALA B 148 -23.85 18.63 -9.20
CA ALA B 148 -24.20 17.88 -10.39
C ALA B 148 -23.62 16.48 -10.38
C KYN B 149 -23.61 14.11 -12.54
N KYN B 149 -24.43 15.50 -10.77
C1 KYN B 149 -25.09 13.06 -9.11
N1 KYN B 149 -24.88 11.63 -6.57
O2 KYN B 149 -24.28 13.67 -8.40
CA KYN B 149 -23.95 14.18 -11.04
CB KYN B 149 -24.96 13.10 -10.62
CG KYN B 149 -26.07 11.61 -7.29
CZ KYN B 149 -28.52 11.51 -8.67
CD1 KYN B 149 -27.18 10.88 -6.77
CD2 KYN B 149 -26.21 12.29 -8.52
CE1 KYN B 149 -28.37 10.84 -7.46
CE2 KYN B 149 -27.44 12.22 -9.19
O KYN B 149 -22.47 14.18 -12.98
N ASN B 150 -24.67 13.97 -13.34
CA ASN B 150 -24.60 14.14 -14.80
C ASN B 150 -26.02 14.36 -15.31
N TRP B 151 -26.18 14.55 -16.61
CA TRP B 151 -27.53 14.86 -17.13
C TRP B 151 -28.49 13.73 -16.82
N GLN B 152 -28.07 12.49 -17.05
CA GLN B 152 -28.96 11.35 -16.88
C GLN B 152 -29.38 11.18 -15.42
N ALA B 153 -28.42 11.23 -14.50
CA ALA B 153 -28.75 11.06 -13.10
C ALA B 153 -29.37 12.33 -12.50
N GLY B 154 -29.08 13.48 -13.09
CA GLY B 154 -29.60 14.73 -12.57
C GLY B 154 -28.70 15.32 -11.51
N ARG B 155 -29.25 16.32 -10.82
CA ARG B 155 -28.52 16.98 -9.75
C ARG B 155 -28.55 16.14 -8.48
N ARG B 156 -27.53 16.31 -7.64
CA ARG B 156 -27.64 15.92 -6.23
C ARG B 156 -28.27 17.11 -5.53
N PHE B 157 -29.59 17.23 -5.69
CA PHE B 157 -30.29 18.44 -5.26
C PHE B 157 -30.37 18.59 -3.74
N VAL B 158 -29.83 17.64 -2.99
CA VAL B 158 -29.49 17.85 -1.58
C VAL B 158 -28.05 17.40 -1.40
N THR B 159 -27.17 18.34 -1.03
CA THR B 159 -25.77 18.04 -0.79
C THR B 159 -25.39 18.58 0.57
N ILE B 160 -25.16 17.69 1.52
CA ILE B 160 -24.75 18.05 2.88
C ILE B 160 -23.56 17.19 3.25
N GLU B 161 -22.43 17.83 3.54
CA GLU B 161 -21.17 17.15 3.82
C GLU B 161 -20.60 17.65 5.12
N VAL B 162 -20.26 16.72 6.02
CA VAL B 162 -19.75 17.04 7.34
C VAL B 162 -18.39 16.39 7.53
N ILE B 163 -17.54 17.04 8.32
CA ILE B 163 -16.19 16.57 8.60
C ILE B 163 -16.17 16.05 10.04
N PRO B 164 -16.11 14.74 10.24
CA PRO B 164 -15.94 14.21 11.60
C PRO B 164 -14.55 14.53 12.14
N PRO B 165 -14.35 14.47 13.46
CA PRO B 165 -13.03 14.83 14.01
C PRO B 165 -11.90 13.96 13.50
N ALA B 166 -12.17 12.69 13.21
CA ALA B 166 -11.22 11.80 12.57
C ALA B 166 -11.77 11.38 11.22
N ALA B 167 -10.87 10.95 10.34
CA ALA B 167 -11.25 10.62 8.97
C ALA B 167 -12.21 9.44 8.95
N VAL B 168 -13.13 9.46 7.99
CA VAL B 168 -14.06 8.35 7.79
C VAL B 168 -13.29 7.12 7.36
N ILE B 169 -13.54 5.98 8.01
CA ILE B 169 -12.89 4.72 7.66
C ILE B 169 -13.92 3.86 6.93
N LYS B 170 -13.60 3.51 5.69
CA LYS B 170 -14.45 2.69 4.84
C LYS B 170 -14.04 1.23 4.95
N PRO B 171 -14.83 0.31 4.38
CA PRO B 171 -14.51 -1.13 4.53
C PRO B 171 -13.08 -1.49 4.16
N ASP B 172 -12.50 -0.83 3.16
CA ASP B 172 -11.12 -1.12 2.78
C ASP B 172 -10.14 -0.87 3.91
N GLY B 173 -10.49 0.01 4.84
CA GLY B 173 -9.50 0.74 5.58
C GLY B 173 -9.12 2.06 4.94
N SER B 174 -9.60 2.32 3.73
CA SER B 174 -9.45 3.63 3.12
C SER B 174 -10.06 4.70 4.01
N LYS B 175 -9.60 5.92 3.82
CA LYS B 175 -10.07 7.04 4.61
C LYS B 175 -10.56 8.16 3.71
N SER B 176 -11.66 8.78 4.10
CA SER B 176 -12.17 9.98 3.45
C SER B 176 -12.44 11.03 4.52
N ARG B 177 -12.24 12.30 4.15
CA ARG B 177 -12.33 13.38 5.11
C ARG B 177 -13.77 13.72 5.47
N THR B 178 -14.72 13.45 4.57
CA THR B 178 -16.12 13.83 4.78
C THR B 178 -17.04 12.63 4.74
N TRP B 179 -18.13 12.73 5.49
CA TRP B 179 -19.31 11.88 5.33
C TRP B 179 -20.31 12.68 4.51
N MET B 180 -20.72 12.14 3.36
CA MET B 180 -21.51 12.88 2.40
C MET B 180 -22.95 12.41 2.39
N VAL B 181 -23.87 13.36 2.23
CA VAL B 181 -25.28 13.08 1.95
C VAL B 181 -25.58 13.70 0.59
N HIS B 182 -25.73 12.85 -0.42
CA HIS B 182 -26.02 13.28 -1.79
C HIS B 182 -27.37 12.69 -2.19
N VAL B 183 -28.43 13.50 -2.12
CA VAL B 183 -29.77 13.06 -2.45
C VAL B 183 -30.08 13.47 -3.88
N GLY B 184 -30.50 12.51 -4.69
CA GLY B 184 -30.90 12.77 -6.07
C GLY B 184 -31.66 11.57 -6.59
N SER B 185 -32.20 11.73 -7.79
CA SER B 185 -32.96 10.66 -8.42
C SER B 185 -32.05 9.51 -8.81
N THR B 186 -32.52 8.29 -8.62
CA THR B 186 -31.81 7.08 -9.02
C THR B 186 -32.69 6.24 -9.93
N GLY B 187 -32.09 5.22 -10.54
CA GLY B 187 -32.80 4.36 -11.47
C GLY B 187 -33.31 5.13 -12.67
N CYS B 188 -32.40 5.90 -13.28
CA CYS B 188 -32.69 6.84 -14.37
C CYS B 188 -32.23 6.27 -15.69
N LYS B 189 -33.19 6.02 -16.59
CA LYS B 189 -32.86 5.54 -17.91
C LYS B 189 -33.12 6.62 -18.96
N GLY B 190 -32.30 6.63 -19.99
CA GLY B 190 -32.35 7.67 -20.99
C GLY B 190 -31.29 8.73 -20.74
N ASN B 191 -30.80 9.33 -21.84
CA ASN B 191 -29.68 10.27 -21.78
C ASN B 191 -30.03 11.54 -22.52
N PRO B 192 -30.26 12.66 -21.82
CA PRO B 192 -30.52 13.92 -22.53
C PRO B 192 -29.31 14.47 -23.27
N ALA B 193 -28.10 14.00 -22.95
CA ALA B 193 -26.92 14.43 -23.69
C ALA B 193 -26.91 13.92 -25.12
N THR B 194 -27.67 12.86 -25.40
CA THR B 194 -27.86 12.38 -26.77
C THR B 194 -29.25 12.72 -27.30
N GLY B 195 -30.04 13.47 -26.55
CA GLY B 195 -31.35 13.92 -27.00
C GLY B 195 -32.52 13.05 -26.60
N GLU B 196 -32.29 11.95 -25.89
CA GLU B 196 -33.34 11.01 -25.55
C GLU B 196 -34.07 11.43 -24.28
N ILE B 197 -35.33 11.00 -24.17
CA ILE B 197 -36.14 11.29 -23.00
C ILE B 197 -35.60 10.53 -21.80
N VAL B 198 -35.59 11.17 -20.64
CA VAL B 198 -35.12 10.55 -19.41
C VAL B 198 -36.33 10.23 -18.54
N ALA B 199 -36.19 9.18 -17.73
CA ALA B 199 -37.20 8.79 -16.76
C ALA B 199 -36.48 8.06 -15.62
N CYS B 200 -36.90 8.37 -14.39
CA CYS B 200 -36.24 7.90 -13.16
C CYS B 200 -37.23 7.15 -12.29
N ALA B 201 -36.91 5.90 -11.97
CA ALA B 201 -37.78 5.11 -11.10
C ALA B 201 -37.89 5.70 -9.70
N HIS B 202 -36.83 6.33 -9.20
CA HIS B 202 -36.79 6.84 -7.84
C HIS B 202 -36.55 8.35 -7.90
N GLU B 203 -37.61 9.13 -7.70
CA GLU B 203 -37.52 10.57 -7.86
C GLU B 203 -36.78 11.23 -6.70
N ASN B 204 -37.12 10.85 -5.46
CA ASN B 204 -36.48 11.33 -4.24
C ASN B 204 -36.69 12.81 -3.99
N ARG B 205 -37.69 13.41 -4.62
CA ARG B 205 -38.19 14.72 -4.21
C ARG B 205 -39.33 14.52 -3.22
N PHE B 206 -39.59 15.55 -2.40
CA PHE B 206 -40.66 15.41 -1.43
C PHE B 206 -41.17 16.80 -1.04
N PRO B 207 -42.47 16.93 -0.78
CA PRO B 207 -43.01 18.21 -0.34
C PRO B 207 -42.95 18.38 1.18
N VAL B 208 -43.02 19.63 1.60
CA VAL B 208 -43.01 20.01 3.01
C VAL B 208 -44.13 21.03 3.23
N VAL B 209 -45.02 20.75 4.18
CA VAL B 209 -46.20 21.57 4.41
C VAL B 209 -46.25 21.95 5.88
N PHE B 210 -46.45 23.24 6.14
CA PHE B 210 -46.60 23.78 7.50
C PHE B 210 -47.95 24.47 7.59
N ASP B 211 -48.85 23.90 8.40
CA ASP B 211 -50.18 24.49 8.54
C ASP B 211 -50.12 25.91 9.11
N ARG B 212 -49.16 26.18 9.99
CA ARG B 212 -48.99 27.49 10.58
C ARG B 212 -47.54 27.94 10.37
N PHE B 213 -47.38 29.05 9.65
CA PHE B 213 -46.05 29.62 9.42
C PHE B 213 -46.21 31.09 9.11
N ASP B 214 -45.62 31.95 9.94
CA ASP B 214 -45.58 33.39 9.68
C ASP B 214 -44.18 33.76 9.24
N PRO B 215 -43.99 34.18 7.99
CA PRO B 215 -42.63 34.52 7.52
C PRO B 215 -41.99 35.68 8.27
N LYS B 216 -42.79 36.49 8.96
CA LYS B 216 -42.23 37.65 9.67
C LYS B 216 -41.62 37.27 11.01
N THR B 217 -42.17 36.26 11.69
CA THR B 217 -41.70 35.88 13.02
C THR B 217 -41.14 34.46 13.07
N GLN B 218 -41.10 33.74 11.96
CA GLN B 218 -40.72 32.33 11.98
C GLN B 218 -39.82 32.02 10.80
N ARG B 219 -39.20 30.85 10.87
CA ARG B 219 -38.29 30.38 9.84
C ARG B 219 -38.37 28.86 9.76
N VAL B 220 -37.96 28.32 8.62
CA VAL B 220 -37.84 26.88 8.44
C VAL B 220 -36.46 26.44 8.91
N GLU B 221 -36.43 25.44 9.79
CA GLU B 221 -35.18 24.96 10.36
C GLU B 221 -34.87 23.57 9.80
N LEU B 222 -33.70 23.43 9.20
CA LEU B 222 -33.19 22.14 8.76
C LEU B 222 -32.30 21.57 9.86
N ASP B 223 -32.66 20.39 10.36
CA ASP B 223 -32.03 19.81 11.55
C ASP B 223 -30.96 18.83 11.12
N LEU B 224 -29.69 19.23 11.24
CA LEU B 224 -28.59 18.33 10.93
C LEU B 224 -28.53 17.16 11.90
N THR B 225 -28.87 17.38 13.17
CA THR B 225 -28.86 16.30 14.14
C THR B 225 -29.88 15.22 13.78
N THR B 226 -31.06 15.62 13.33
CA THR B 226 -32.04 14.65 12.85
C THR B 226 -31.53 13.92 11.62
N LEU B 227 -30.92 14.65 10.68
CA LEU B 227 -30.46 14.05 9.44
C LEU B 227 -29.48 12.92 9.69
N PHE B 228 -28.59 13.08 10.67
CA PHE B 228 -27.55 12.10 10.96
C PHE B 228 -27.87 11.26 12.19
N GLU B 229 -29.15 11.19 12.59
CA GLU B 229 -29.51 10.68 13.91
C GLU B 229 -28.95 9.28 14.15
N SER B 230 -29.22 8.34 13.23
CA SER B 230 -28.80 6.96 13.38
C SER B 230 -27.74 6.58 12.35
N SER B 231 -26.79 7.47 12.11
CA SER B 231 -25.69 7.22 11.17
C SER B 231 -24.38 7.43 11.90
N ASP B 232 -23.52 6.41 11.90
CA ASP B 232 -22.17 6.54 12.42
C ASP B 232 -21.32 7.20 11.35
N ILE B 233 -21.07 8.51 11.51
CA ILE B 233 -20.38 9.28 10.49
C ILE B 233 -18.87 9.16 10.66
N SER B 234 -18.45 8.26 11.53
CA SER B 234 -17.03 7.93 11.65
C SER B 234 -16.62 6.75 10.78
N VAL B 235 -17.58 6.00 10.26
CA VAL B 235 -17.32 4.84 9.40
C VAL B 235 -18.29 4.88 8.22
N ASP B 236 -17.98 4.08 7.21
CA ASP B 236 -18.85 3.85 6.07
C ASP B 236 -18.99 2.36 5.87
N LYS B 237 -20.22 1.89 5.68
CA LYS B 237 -20.49 0.46 5.64
C LYS B 237 -20.46 -0.12 4.23
N GLY B 238 -20.36 0.70 3.21
CA GLY B 238 -20.30 0.20 1.84
C GLY B 238 -20.81 1.24 0.86
N GLY B 239 -20.70 0.89 -0.41
CA GLY B 239 -21.12 1.79 -1.48
C GLY B 239 -20.28 3.05 -1.51
N ALA B 240 -20.92 4.15 -1.87
CA ALA B 240 -20.25 5.44 -1.79
C ALA B 240 -20.00 5.83 -0.34
N VAL B 241 -19.09 6.78 -0.14
CA VAL B 241 -18.72 7.20 1.20
C VAL B 241 -19.85 8.06 1.77
N GLY B 242 -20.56 7.53 2.75
CA GLY B 242 -21.76 8.18 3.25
C GLY B 242 -23.00 7.59 2.60
N CYS B 243 -23.86 8.46 2.06
CA CYS B 243 -25.08 8.02 1.40
C CYS B 243 -25.34 8.89 0.19
N MET B 244 -25.29 8.29 -1.00
CA MET B 244 -25.57 8.97 -2.25
C MET B 244 -26.76 8.35 -2.96
N SER B 245 -27.77 7.95 -2.17
CA SER B 245 -29.11 7.55 -2.59
C SER B 245 -29.17 6.18 -3.25
N ALA B 246 -28.10 5.40 -3.22
CA ALA B 246 -28.15 4.06 -3.80
C ALA B 246 -28.92 3.11 -2.89
N LEU B 247 -29.78 2.28 -3.50
CA LEU B 247 -30.66 1.41 -2.74
C LEU B 247 -29.90 0.29 -2.04
N ASP B 248 -28.73 -0.09 -2.55
CA ASP B 248 -27.92 -1.14 -1.94
C ASP B 248 -26.90 -0.59 -0.94
N ASP B 249 -26.88 0.71 -0.70
CA ASP B 249 -25.94 1.30 0.24
C ASP B 249 -26.44 1.11 1.67
N PRO B 250 -25.66 0.48 2.55
CA PRO B 250 -26.16 0.25 3.92
C PRO B 250 -26.26 1.53 4.74
N ASP B 251 -25.61 2.62 4.33
CA ASP B 251 -25.63 3.85 5.08
C ASP B 251 -26.83 4.74 4.76
N CYS B 252 -27.48 4.53 3.63
CA CYS B 252 -28.58 5.36 3.16
C CYS B 252 -29.89 5.21 3.93
N PRO B 253 -30.31 4.00 4.34
CA PRO B 253 -31.67 3.86 4.91
C PRO B 253 -31.93 4.76 6.10
N ALA B 254 -30.97 4.94 7.00
CA ALA B 254 -31.17 5.85 8.11
C ALA B 254 -31.26 7.29 7.63
N VAL B 255 -30.49 7.64 6.59
CA VAL B 255 -30.54 9.00 6.06
C VAL B 255 -31.87 9.26 5.38
N PHE B 256 -32.38 8.29 4.61
CA PHE B 256 -33.65 8.48 3.93
C PHE B 256 -34.81 8.53 4.91
N ARG B 257 -34.70 7.83 6.05
CA ARG B 257 -35.73 7.92 7.07
C ARG B 257 -35.82 9.33 7.64
N ALA B 258 -34.67 9.97 7.83
CA ALA B 258 -34.66 11.35 8.33
C ALA B 258 -35.22 12.32 7.29
N LEU B 259 -35.02 12.03 6.01
CA LEU B 259 -35.59 12.88 4.97
C LEU B 259 -37.09 12.65 4.83
N GLY B 260 -37.57 11.46 5.15
CA GLY B 260 -38.95 11.11 4.90
C GLY B 260 -39.19 10.49 3.55
N LEU B 261 -38.19 9.83 2.97
CA LEU B 261 -38.30 9.20 1.66
C LEU B 261 -38.15 7.69 1.80
N ASN B 262 -38.98 6.96 1.06
CA ASN B 262 -38.77 5.52 0.90
C ASN B 262 -37.51 5.31 0.07
N LEU B 263 -36.51 4.63 0.66
CA LEU B 263 -35.31 4.30 -0.10
C LEU B 263 -35.63 3.18 -1.07
N ALA B 264 -35.80 1.96 -0.55
CA ALA B 264 -36.37 0.87 -1.32
C ALA B 264 -37.89 0.93 -1.17
N ASP B 265 -38.57 -0.15 -1.55
CA ASP B 265 -40.03 -0.18 -1.45
C ASP B 265 -40.46 -0.37 0.00
N SER B 266 -41.59 0.26 0.34
CA SER B 266 -42.14 0.13 1.69
C SER B 266 -42.40 -1.33 2.04
N ALA B 267 -42.83 -2.11 1.05
CA ALA B 267 -43.06 -3.54 1.21
C ALA B 267 -43.03 -4.17 -0.18
N PRO B 268 -42.89 -5.50 -0.27
CA PRO B 268 -42.98 -6.14 -1.59
C PRO B 268 -44.23 -5.73 -2.36
N GLY B 269 -44.02 -5.11 -3.52
CA GLY B 269 -45.12 -4.65 -4.34
C GLY B 269 -45.61 -3.25 -4.04
N ALA B 270 -45.07 -2.59 -3.00
CA ALA B 270 -45.56 -1.26 -2.63
C ALA B 270 -45.35 -0.25 -3.75
N ASN B 271 -44.24 -0.36 -4.48
CA ASN B 271 -43.93 0.53 -5.61
C ASN B 271 -44.03 1.99 -5.19
N ASP B 272 -43.35 2.34 -4.10
CA ASP B 272 -43.25 3.71 -3.64
C ASP B 272 -41.80 4.09 -3.33
N ALA B 273 -40.84 3.35 -3.88
CA ALA B 273 -39.43 3.69 -3.70
C ALA B 273 -39.15 5.04 -4.33
N GLY B 274 -38.50 5.92 -3.56
CA GLY B 274 -38.24 7.26 -4.01
C GLY B 274 -39.39 8.24 -3.80
N LYS B 275 -40.49 7.80 -3.21
CA LYS B 275 -41.64 8.62 -2.88
C LYS B 275 -41.64 8.96 -1.40
N PRO B 276 -42.32 10.04 -1.00
CA PRO B 276 -42.36 10.39 0.43
C PRO B 276 -43.14 9.34 1.22
N SER B 277 -42.57 8.90 2.33
CA SER B 277 -43.24 7.93 3.20
C SER B 277 -44.40 8.52 3.97
N ARG B 278 -44.51 9.85 4.02
CA ARG B 278 -45.59 10.55 4.70
C ARG B 278 -45.69 11.94 4.08
N PRO B 279 -46.40 12.08 2.95
CA PRO B 279 -46.34 13.33 2.17
C PRO B 279 -46.61 14.56 3.03
N GLY B 280 -45.78 15.59 2.82
CA GLY B 280 -45.90 16.83 3.54
C GLY B 280 -45.10 16.91 4.82
N VAL B 281 -44.53 15.80 5.28
CA VAL B 281 -43.81 15.75 6.56
C VAL B 281 -42.42 15.20 6.32
N SER B 282 -41.41 15.94 6.76
CA SER B 282 -40.02 15.50 6.69
C SER B 282 -39.41 15.69 8.07
N PRO B 283 -38.90 14.62 8.70
CA PRO B 283 -38.38 14.76 10.08
C PRO B 283 -37.34 15.86 10.27
N ILE B 284 -36.58 16.22 9.22
CA ILE B 284 -35.54 17.23 9.37
C ILE B 284 -36.05 18.65 9.24
N PHE B 285 -37.27 18.85 8.79
CA PHE B 285 -37.83 20.18 8.56
C PHE B 285 -38.92 20.47 9.59
N SER B 286 -38.79 21.62 10.26
CA SER B 286 -39.79 22.07 11.21
C SER B 286 -39.79 23.59 11.23
N VAL B 287 -40.78 24.15 11.93
CA VAL B 287 -40.92 25.61 12.05
C VAL B 287 -40.20 26.07 13.30
N GLY B 288 -39.41 27.12 13.17
CA GLY B 288 -38.70 27.70 14.30
C GLY B 288 -39.03 29.17 14.45
N ALA B 289 -39.03 29.64 15.69
CA ALA B 289 -39.17 31.06 15.95
C ALA B 289 -37.97 31.80 15.40
N ALA B 290 -38.22 32.94 14.77
CA ALA B 290 -37.14 33.75 14.18
C ALA B 290 -36.47 34.52 15.31
N ALA B 291 -35.37 33.97 15.82
CA ALA B 291 -34.67 34.52 16.97
C ALA B 291 -34.25 35.97 16.77
N LYS C 4 -33.17 -2.34 22.75
CA LYS C 4 -32.99 -2.05 24.17
C LYS C 4 -32.11 -3.12 24.83
N THR C 5 -30.94 -2.71 25.32
CA THR C 5 -29.97 -3.64 25.87
C THR C 5 -29.52 -3.20 27.25
N GLN C 6 -28.87 -4.13 27.94
CA GLN C 6 -28.20 -3.92 29.21
C GLN C 6 -26.75 -4.31 29.06
N PRO C 7 -25.80 -3.46 29.46
CA PRO C 7 -24.39 -3.88 29.44
C PRO C 7 -24.15 -5.16 30.22
N VAL C 8 -23.31 -6.03 29.66
CA VAL C 8 -22.94 -7.30 30.27
C VAL C 8 -21.42 -7.39 30.26
N ALA C 9 -20.85 -7.79 31.40
CA ALA C 9 -19.42 -8.05 31.52
C ALA C 9 -19.23 -9.36 32.25
N VAL C 10 -18.51 -10.29 31.63
CA VAL C 10 -18.22 -11.60 32.19
C VAL C 10 -16.74 -11.66 32.52
N ARG C 11 -16.41 -11.78 33.80
CA ARG C 11 -15.03 -11.75 34.25
C ARG C 11 -14.43 -13.15 34.27
N PHE C 12 -13.23 -13.28 33.72
CA PHE C 12 -12.46 -14.51 33.76
C PHE C 12 -11.24 -14.33 34.66
N ALA C 13 -10.84 -15.41 35.32
CA ALA C 13 -9.65 -15.40 36.17
C ALA C 13 -8.89 -16.71 36.01
N LEU C 14 -7.57 -16.60 35.97
CA LEU C 14 -6.69 -17.75 35.94
C LEU C 14 -6.28 -18.11 37.36
N VAL C 15 -6.41 -19.38 37.72
CA VAL C 15 -6.10 -19.84 39.08
C VAL C 15 -5.19 -21.06 39.02
N ALA C 16 -4.45 -21.26 40.10
CA ALA C 16 -3.55 -22.41 40.23
C ALA C 16 -3.28 -22.63 41.70
N ASP C 17 -3.42 -23.89 42.14
CA ASP C 17 -3.16 -24.27 43.53
C ASP C 17 -4.01 -23.44 44.50
N GLY C 18 -5.27 -23.21 44.13
CA GLY C 18 -6.21 -22.50 44.97
C GLY C 18 -6.08 -21.00 44.99
N LYS C 19 -5.04 -20.43 44.38
CA LYS C 19 -4.81 -19.00 44.39
C LYS C 19 -5.01 -18.42 43.00
N GLU C 20 -5.47 -17.17 42.94
CA GLU C 20 -5.62 -16.48 41.68
C GLU C 20 -4.25 -16.11 41.13
N VAL C 21 -3.97 -16.53 39.90
CA VAL C 21 -2.70 -16.22 39.26
C VAL C 21 -2.95 -15.35 38.04
N GLY C 22 -2.01 -15.33 37.12
CA GLY C 22 -2.04 -14.41 36.00
C GLY C 22 -0.90 -13.40 36.08
N CYS C 23 -0.62 -12.79 34.93
CA CYS C 23 0.55 -11.92 34.79
C CYS C 23 1.77 -12.65 35.32
N GLY C 24 2.64 -11.95 36.05
CA GLY C 24 3.86 -12.53 36.55
C GLY C 24 3.75 -13.37 37.80
N ALA C 25 2.55 -13.64 38.28
CA ALA C 25 2.40 -14.39 39.53
C ALA C 25 2.93 -15.81 39.37
N PRO C 26 3.54 -16.38 40.41
CA PRO C 26 4.09 -17.74 40.28
C PRO C 26 2.98 -18.79 40.25
N LEU C 27 3.30 -19.92 39.64
CA LEU C 27 2.39 -21.07 39.58
C LEU C 27 2.95 -22.14 40.53
N ALA C 28 2.34 -22.27 41.70
CA ALA C 28 2.82 -23.17 42.72
C ALA C 28 2.27 -24.58 42.52
N ASN C 29 3.11 -25.57 42.78
CA ASN C 29 2.71 -26.98 42.79
C ASN C 29 2.05 -27.39 41.47
N LEU C 30 2.76 -27.12 40.37
CA LEU C 30 2.23 -27.29 39.04
C LEU C 30 2.69 -28.61 38.44
N GLY C 31 1.78 -29.31 37.79
CA GLY C 31 2.08 -30.58 37.18
C GLY C 31 1.98 -31.72 38.18
N SER C 32 2.17 -32.93 37.66
CA SER C 32 2.06 -34.10 38.52
C SER C 32 3.21 -34.13 39.54
N GLY C 33 4.39 -33.67 39.13
CA GLY C 33 5.50 -33.57 40.05
C GLY C 33 5.45 -32.39 41.00
N ARG C 34 4.46 -31.51 40.85
CA ARG C 34 4.26 -30.35 41.72
C ARG C 34 5.52 -29.47 41.75
N LEU C 35 5.81 -28.88 40.61
CA LEU C 35 6.98 -28.03 40.46
C LEU C 35 6.58 -26.56 40.51
N ALA C 36 7.56 -25.73 40.86
CA ALA C 36 7.39 -24.28 40.85
C ALA C 36 7.43 -23.81 39.41
N GLY C 37 6.27 -23.51 38.85
CA GLY C 37 6.16 -23.13 37.46
C GLY C 37 6.07 -21.64 37.26
N LYS C 38 6.52 -21.19 36.10
CA LYS C 38 6.33 -19.82 35.65
C LYS C 38 5.35 -19.82 34.48
N LEU C 39 4.42 -18.87 34.50
CA LEU C 39 3.50 -18.72 33.38
C LEU C 39 4.20 -17.97 32.26
N HIS C 40 4.26 -18.59 31.08
CA HIS C 40 4.79 -17.93 29.89
C HIS C 40 3.69 -17.34 29.02
N GLU C 41 2.55 -18.01 28.92
CA GLU C 41 1.46 -17.54 28.08
C GLU C 41 0.18 -18.25 28.50
N ALA C 42 -0.92 -17.49 28.54
CA ALA C 42 -2.25 -18.05 28.75
C ALA C 42 -3.21 -17.21 27.91
N ARG C 43 -3.51 -17.68 26.70
CA ARG C 43 -4.48 -17.05 25.82
C ARG C 43 -5.44 -18.10 25.29
N LEU C 44 -6.69 -17.69 25.08
CA LEU C 44 -7.66 -18.58 24.47
C LEU C 44 -8.77 -17.74 23.84
N TYR C 45 -9.30 -18.26 22.73
CA TYR C 45 -10.48 -17.68 22.10
C TYR C 45 -11.72 -18.28 22.74
N VAL C 46 -12.75 -17.44 22.91
CA VAL C 46 -14.05 -17.87 23.39
C VAL C 46 -15.11 -17.21 22.53
N TYR C 47 -16.28 -17.84 22.44
CA TYR C 47 -17.31 -17.34 21.54
C TYR C 47 -18.67 -17.85 22.00
N GLY C 48 -19.71 -17.37 21.32
CA GLY C 48 -21.08 -17.80 21.56
C GLY C 48 -21.56 -17.57 22.98
N PHE C 49 -21.36 -16.36 23.50
CA PHE C 49 -21.75 -16.07 24.87
C PHE C 49 -23.26 -15.86 24.96
N GLU C 50 -23.86 -16.48 25.97
CA GLU C 50 -25.31 -16.47 26.12
C GLU C 50 -25.66 -16.38 27.60
N LEU C 51 -26.79 -15.73 27.88
CA LEU C 51 -27.37 -15.70 29.21
C LEU C 51 -28.56 -16.65 29.25
N VAL C 52 -28.66 -17.40 30.34
CA VAL C 52 -29.70 -18.41 30.51
C VAL C 52 -30.65 -17.96 31.60
N ASP C 53 -31.95 -17.95 31.31
CA ASP C 53 -32.94 -17.54 32.30
C ASP C 53 -33.42 -18.76 33.09
N ALA C 54 -34.28 -18.50 34.08
CA ALA C 54 -34.74 -19.55 34.97
C ALA C 54 -35.52 -20.63 34.25
N LYS C 55 -36.16 -20.29 33.12
CA LYS C 55 -36.88 -21.28 32.33
C LYS C 55 -35.97 -22.08 31.40
N GLY C 56 -34.71 -21.66 31.25
CA GLY C 56 -33.76 -22.39 30.41
C GLY C 56 -33.54 -21.81 29.04
N LYS C 57 -34.16 -20.68 28.72
CA LYS C 57 -33.96 -20.06 27.41
C LYS C 57 -32.60 -19.37 27.36
N HIS C 58 -32.03 -19.32 26.15
CA HIS C 58 -30.68 -18.81 25.94
C HIS C 58 -30.75 -17.50 25.18
N THR C 59 -30.29 -16.42 25.83
CA THR C 59 -30.23 -15.11 25.19
C THR C 59 -28.80 -14.82 24.79
N PRO C 60 -28.48 -14.74 23.51
CA PRO C 60 -27.10 -14.45 23.12
C PRO C 60 -26.66 -13.07 23.55
N ILE C 61 -25.37 -12.95 23.85
CA ILE C 61 -24.75 -11.68 24.23
C ILE C 61 -24.05 -11.11 23.00
N ALA C 62 -24.48 -9.92 22.59
CA ALA C 62 -23.83 -9.22 21.49
C ALA C 62 -22.58 -8.52 22.00
N LEU C 63 -21.43 -8.90 21.46
CA LEU C 63 -20.15 -8.44 21.97
C LEU C 63 -19.78 -7.08 21.39
N THR C 64 -19.23 -6.20 22.24
CA THR C 64 -18.64 -4.95 21.77
C THR C 64 -17.52 -5.25 20.80
N GLN C 65 -17.53 -4.57 19.65
CA GLN C 65 -16.49 -4.75 18.64
C GLN C 65 -15.32 -3.86 18.99
N ASN C 66 -14.20 -4.47 19.37
CA ASN C 66 -12.98 -3.74 19.71
C ASN C 66 -11.78 -4.54 19.22
N ASP C 67 -10.62 -4.30 19.81
CA ASP C 67 -9.40 -4.99 19.42
C ASP C 67 -9.28 -6.39 20.01
N TRP C 68 -10.11 -6.72 21.00
CA TRP C 68 -10.12 -8.05 21.61
C TRP C 68 -11.36 -8.84 21.27
N GLN C 69 -12.31 -8.26 20.54
CA GLN C 69 -13.61 -8.90 20.30
C GLN C 69 -14.05 -8.59 18.87
N TYR C 70 -14.28 -9.64 18.09
CA TYR C 70 -14.72 -9.53 16.71
C TYR C 70 -15.88 -10.49 16.50
N ALA C 71 -16.96 -9.98 15.89
CA ALA C 71 -18.19 -10.76 15.72
C ALA C 71 -18.66 -11.29 17.06
N ASP C 72 -18.63 -12.61 17.23
CA ASP C 72 -18.99 -13.23 18.50
C ASP C 72 -17.80 -13.89 19.18
N VAL C 73 -16.57 -13.59 18.75
CA VAL C 73 -15.36 -14.19 19.28
C VAL C 73 -14.63 -13.16 20.13
N ALA C 74 -14.21 -13.57 21.32
CA ALA C 74 -13.40 -12.75 22.20
C ALA C 74 -12.07 -13.46 22.47
N LEU C 75 -11.02 -12.68 22.71
CA LEU C 75 -9.72 -13.21 23.05
C LEU C 75 -9.38 -12.88 24.49
N LEU C 76 -9.21 -13.90 25.32
CA LEU C 76 -8.74 -13.73 26.67
C LEU C 76 -7.23 -13.87 26.71
N ASP C 77 -6.57 -12.99 27.47
CA ASP C 77 -5.12 -13.01 27.63
C ASP C 77 -4.83 -12.66 29.09
N PHE C 78 -4.30 -13.62 29.83
CA PHE C 78 -4.06 -13.47 31.26
C PHE C 78 -2.64 -13.02 31.58
N LYS C 79 -1.86 -12.64 30.57
CA LYS C 79 -0.51 -12.13 30.77
C LYS C 79 -0.52 -10.61 30.88
N ASP C 80 0.50 -10.07 31.55
CA ASP C 80 0.67 -8.63 31.60
C ASP C 80 1.46 -8.16 30.39
N ALA C 81 1.29 -6.87 30.06
CA ALA C 81 1.90 -6.33 28.86
C ALA C 81 3.42 -6.38 28.93
N ARG C 82 4.00 -5.92 30.04
CA ARG C 82 5.46 -5.83 30.14
C ARG C 82 6.12 -7.19 30.37
N GLY C 83 5.40 -8.15 30.94
CA GLY C 83 5.95 -9.49 31.12
C GLY C 83 6.90 -9.64 32.30
N GLY C 84 6.57 -9.04 33.43
CA GLY C 84 7.40 -9.10 34.62
C GLY C 84 7.12 -10.33 35.46
N ASN C 85 7.49 -10.22 36.74
CA ASN C 85 7.32 -11.30 37.71
C ASN C 85 6.47 -10.85 38.90
N ALA C 86 5.63 -9.84 38.70
CA ALA C 86 4.72 -9.35 39.73
C ALA C 86 3.30 -9.81 39.44
N ALA C 87 2.53 -9.98 40.50
CA ALA C 87 1.12 -10.30 40.34
C ALA C 87 0.39 -9.12 39.69
N CYS C 88 -0.76 -9.41 39.08
CA CYS C 88 -1.50 -8.38 38.39
C CYS C 88 -1.90 -7.27 39.37
N THR C 89 -1.84 -6.03 38.90
CA THR C 89 -2.17 -4.85 39.69
C THR C 89 -3.02 -3.94 38.82
N PRO C 90 -3.72 -2.98 39.43
CA PRO C 90 -4.38 -1.94 38.61
C PRO C 90 -3.41 -1.23 37.67
N GLY C 91 -2.22 -0.88 38.16
CA GLY C 91 -1.25 -0.22 37.32
C GLY C 91 -0.71 -1.09 36.20
N ASN C 92 -0.57 -2.39 36.45
CA ASN C 92 -0.07 -3.35 35.47
C ASN C 92 -0.99 -4.57 35.47
N PRO C 93 -2.13 -4.49 34.80
CA PRO C 93 -3.11 -5.58 34.83
C PRO C 93 -2.85 -6.60 33.73
N ALA C 94 -3.59 -7.71 33.82
CA ALA C 94 -3.66 -8.63 32.69
C ALA C 94 -4.26 -7.93 31.49
N LYS C 95 -3.89 -8.38 30.30
CA LYS C 95 -4.21 -7.64 29.09
C LYS C 95 -5.72 -7.62 28.82
N ASN C 96 -6.38 -8.77 28.93
CA ASN C 96 -7.82 -8.82 28.66
C ASN C 96 -8.41 -10.06 29.30
N THR C 97 -9.16 -9.88 30.40
CA THR C 97 -9.78 -10.99 31.11
C THR C 97 -11.28 -10.82 31.28
N THR C 98 -11.90 -9.85 30.61
CA THR C 98 -13.33 -9.59 30.75
C THR C 98 -13.97 -9.53 29.38
N VAL C 99 -14.99 -10.36 29.16
CA VAL C 99 -15.79 -10.32 27.95
C VAL C 99 -16.92 -9.33 28.16
N VAL C 100 -16.99 -8.31 27.30
CA VAL C 100 -17.95 -7.23 27.45
C VAL C 100 -18.89 -7.20 26.26
N GLY C 101 -20.14 -6.85 26.51
CA GLY C 101 -21.15 -6.75 25.47
C GLY C 101 -22.47 -6.26 26.02
N ALA C 102 -23.57 -6.63 25.38
CA ALA C 102 -24.89 -6.23 25.84
C ALA C 102 -25.90 -7.28 25.43
N ALA C 103 -26.92 -7.46 26.25
CA ALA C 103 -28.00 -8.40 26.02
C ALA C 103 -29.33 -7.71 26.30
N PRO C 104 -30.42 -8.20 25.71
CA PRO C 104 -31.74 -7.64 26.02
C PRO C 104 -32.02 -7.68 27.51
N GLN C 105 -32.86 -6.76 27.96
CA GLN C 105 -33.19 -6.67 29.38
C GLN C 105 -34.02 -7.88 29.81
N GLY C 106 -33.91 -8.21 31.09
CA GLY C 106 -34.56 -9.38 31.64
C GLY C 106 -33.74 -9.92 32.78
N ALA C 107 -34.26 -10.97 33.40
CA ALA C 107 -33.61 -11.63 34.52
C ALA C 107 -32.99 -12.94 34.06
N TYR C 108 -31.71 -13.14 34.36
CA TYR C 108 -30.99 -14.36 34.02
C TYR C 108 -30.29 -14.91 35.25
N VAL C 109 -30.12 -16.22 35.27
CA VAL C 109 -29.44 -16.88 36.37
C VAL C 109 -28.22 -17.69 35.92
N GLY C 110 -28.08 -18.00 34.64
CA GLY C 110 -27.01 -18.85 34.17
C GLY C 110 -26.18 -18.18 33.08
N LEU C 111 -25.14 -18.88 32.66
CA LEU C 111 -24.23 -18.42 31.64
C LEU C 111 -23.78 -19.61 30.79
N ALA C 112 -23.67 -19.39 29.49
CA ALA C 112 -23.15 -20.40 28.58
C ALA C 112 -22.20 -19.73 27.59
N PHE C 113 -21.10 -20.41 27.31
CA PHE C 113 -20.18 -19.96 26.26
C PHE C 113 -19.46 -21.18 25.71
N SER C 114 -18.60 -20.93 24.72
CA SER C 114 -17.85 -22.00 24.06
C SER C 114 -16.39 -21.61 23.98
N VAL C 115 -15.51 -22.61 24.05
CA VAL C 115 -14.07 -22.42 23.96
C VAL C 115 -13.62 -22.75 22.56
N GLY C 116 -12.91 -21.83 21.92
CA GLY C 116 -12.34 -22.05 20.61
C GLY C 116 -12.65 -20.92 19.67
N ALA C 117 -12.25 -21.10 18.42
CA ALA C 117 -12.57 -20.17 17.34
C ALA C 117 -13.44 -20.89 16.32
N PRO C 118 -14.66 -20.42 16.06
CA PRO C 118 -15.55 -21.12 15.14
C PRO C 118 -15.07 -20.99 13.69
N VAL C 119 -15.66 -21.82 12.83
CA VAL C 119 -15.30 -21.79 11.42
C VAL C 119 -15.72 -20.47 10.79
N GLU C 120 -16.97 -20.06 11.00
CA GLU C 120 -17.43 -18.79 10.49
C GLU C 120 -18.31 -18.10 11.53
N SER C 121 -18.38 -16.79 11.42
CA SER C 121 -19.25 -15.94 12.23
C SER C 121 -20.01 -15.00 11.31
N LEU C 122 -20.98 -14.28 11.88
CA LEU C 122 -21.79 -13.35 11.12
C LEU C 122 -21.51 -11.93 11.60
N VAL C 123 -21.26 -11.03 10.66
CA VAL C 123 -21.13 -9.60 10.94
C VAL C 123 -21.96 -8.87 9.90
N ASP C 124 -22.94 -8.08 10.36
CA ASP C 124 -23.89 -7.40 9.48
C ASP C 124 -24.62 -8.40 8.58
N GLY C 125 -25.02 -9.53 9.17
CA GLY C 125 -25.76 -10.55 8.47
C GLY C 125 -24.97 -11.35 7.45
N LYS C 126 -23.67 -11.09 7.29
CA LYS C 126 -22.91 -11.78 6.27
C LYS C 126 -21.80 -12.63 6.88
N PRO C 127 -21.59 -13.83 6.38
CA PRO C 127 -20.64 -14.75 7.01
C PRO C 127 -19.19 -14.41 6.67
N VAL C 128 -18.33 -14.51 7.68
CA VAL C 128 -16.89 -14.34 7.52
C VAL C 128 -16.20 -15.55 8.15
N PHE C 129 -15.06 -15.92 7.57
CA PHE C 129 -14.27 -17.02 8.11
C PHE C 129 -13.45 -16.55 9.30
N VAL C 130 -13.43 -17.36 10.35
CA VAL C 130 -12.75 -16.99 11.59
C VAL C 130 -11.53 -17.89 11.81
N ASN C 131 -11.77 -19.16 12.15
CA ASN C 131 -10.69 -20.02 12.60
C ASN C 131 -9.65 -20.26 11.51
N HIS C 132 -10.08 -20.37 10.27
CA HIS C 132 -9.19 -20.69 9.16
C HIS C 132 -8.92 -19.48 8.26
N SER C 133 -9.04 -18.28 8.83
CA SER C 133 -8.70 -17.07 8.11
C SER C 133 -7.19 -16.85 8.13
N ASN C 134 -6.74 -15.93 7.28
CA ASN C 134 -5.34 -15.53 7.27
C ASN C 134 -5.04 -14.67 8.49
N VAL C 135 -4.13 -15.13 9.34
CA VAL C 135 -3.69 -14.27 10.44
C VAL C 135 -3.03 -13.01 9.89
N GLU C 136 -2.48 -13.07 8.67
CA GLU C 136 -1.85 -11.90 8.07
C GLU C 136 -2.86 -10.86 7.59
N ALA C 137 -4.13 -11.24 7.45
CA ALA C 137 -5.16 -10.33 6.95
C ALA C 137 -6.39 -10.21 7.83
N ALA C 138 -6.55 -11.09 8.82
CA ALA C 138 -7.77 -11.07 9.63
C ALA C 138 -7.78 -9.84 10.55
N PRO C 139 -8.96 -9.39 10.95
CA PRO C 139 -9.04 -8.27 11.88
C PRO C 139 -8.74 -8.71 13.30
N PRO C 140 -8.46 -7.78 14.21
CA PRO C 140 -8.28 -8.16 15.61
C PRO C 140 -9.55 -8.76 16.15
N PRO C 141 -9.44 -9.70 17.12
CA PRO C 141 -8.19 -10.21 17.68
C PRO C 141 -7.68 -11.45 16.94
N LEU C 142 -8.06 -11.58 15.68
CA LEU C 142 -7.67 -12.73 14.86
C LEU C 142 -6.36 -12.48 14.11
N ASP C 143 -5.71 -11.35 14.35
CA ASP C 143 -4.46 -10.99 13.69
C ASP C 143 -3.24 -11.26 14.58
N ILE C 144 -3.34 -12.23 15.49
CA ILE C 144 -2.27 -12.53 16.43
C ILE C 144 -1.59 -13.81 15.95
N SER C 145 -0.37 -13.66 15.42
CA SER C 145 0.35 -14.80 14.86
C SER C 145 0.73 -15.81 15.93
N GLY C 146 0.90 -15.36 17.18
CA GLY C 146 1.29 -16.23 18.26
C GLY C 146 0.23 -17.25 18.64
N MET C 147 -0.93 -17.19 18.00
CA MET C 147 -1.99 -18.17 18.21
C MET C 147 -2.42 -18.81 16.89
N ALA C 148 -1.61 -18.68 15.85
CA ALA C 148 -1.95 -19.24 14.54
C ALA C 148 -0.99 -20.36 14.17
C KYN C 149 -0.51 -22.30 11.71
N KYN C 149 -1.55 -21.48 13.73
C1 KYN C 149 -1.42 -24.29 14.89
N1 KYN C 149 -0.60 -26.22 16.93
O2 KYN C 149 -0.72 -23.65 15.69
CA KYN C 149 -0.76 -22.56 13.20
CB KYN C 149 -1.43 -23.93 13.42
CG KYN C 149 -1.84 -26.33 16.33
CZ KYN C 149 -4.39 -26.61 15.16
CD1 KYN C 149 -2.72 -27.39 16.71
CD2 KYN C 149 -2.29 -25.41 15.33
CE1 KYN C 149 -3.96 -27.53 16.13
CE2 KYN C 149 -3.56 -25.57 14.77
O KYN C 149 0.56 -21.91 11.25
N ASN C 150 -1.58 -22.53 10.95
CA ASN C 150 -1.68 -22.09 9.56
C ASN C 150 -3.16 -22.07 9.21
N TRP C 151 -3.48 -21.68 7.99
CA TRP C 151 -4.92 -21.56 7.66
C TRP C 151 -5.66 -22.88 7.76
N GLN C 152 -5.13 -23.95 7.21
CA GLN C 152 -5.85 -25.21 7.19
C GLN C 152 -6.00 -25.78 8.59
N ALA C 153 -4.92 -25.78 9.37
CA ALA C 153 -5.00 -26.24 10.75
C ALA C 153 -5.89 -25.33 11.59
N GLY C 154 -5.94 -24.04 11.24
CA GLY C 154 -6.67 -23.08 12.04
C GLY C 154 -5.82 -22.52 13.15
N ARG C 155 -6.48 -21.81 14.05
CA ARG C 155 -5.80 -21.27 15.22
C ARG C 155 -5.54 -22.36 16.25
N ARG C 156 -4.48 -22.18 17.03
CA ARG C 156 -4.40 -22.85 18.32
C ARG C 156 -5.21 -21.97 19.27
N PHE C 157 -6.52 -22.20 19.31
CA PHE C 157 -7.41 -21.29 20.03
C PHE C 157 -7.32 -21.45 21.54
N VAL C 158 -6.45 -22.33 22.04
CA VAL C 158 -6.04 -22.34 23.44
C VAL C 158 -4.53 -22.47 23.47
N THR C 159 -3.85 -21.44 23.96
CA THR C 159 -2.39 -21.42 24.03
C THR C 159 -1.97 -21.13 25.47
N ILE C 160 -1.61 -22.17 26.21
CA ILE C 160 -1.16 -22.06 27.59
C ILE C 160 0.22 -22.69 27.68
N GLU C 161 1.20 -21.91 28.13
CA GLU C 161 2.59 -22.34 28.14
C GLU C 161 3.21 -22.03 29.49
N VAL C 162 3.81 -23.05 30.11
CA VAL C 162 4.43 -22.92 31.42
C VAL C 162 5.90 -23.32 31.31
N ILE C 163 6.70 -22.82 32.25
CA ILE C 163 8.12 -23.09 32.30
C ILE C 163 8.44 -23.79 33.62
N PRO C 164 8.92 -25.03 33.58
CA PRO C 164 9.33 -25.70 34.82
C PRO C 164 10.65 -25.16 35.31
N PRO C 165 11.06 -25.52 36.54
CA PRO C 165 12.34 -24.99 37.06
C PRO C 165 13.54 -25.27 36.16
N ALA C 166 13.66 -26.49 35.64
CA ALA C 166 14.69 -26.84 34.68
C ALA C 166 14.07 -27.11 33.33
N ALA C 167 14.92 -27.35 32.34
CA ALA C 167 14.44 -27.52 30.97
C ALA C 167 13.64 -28.81 30.83
N VAL C 168 12.63 -28.76 29.95
CA VAL C 168 11.92 -29.97 29.55
C VAL C 168 12.88 -30.85 28.74
N ILE C 169 12.95 -32.13 29.10
CA ILE C 169 13.81 -33.07 28.39
C ILE C 169 12.93 -33.98 27.55
N LYS C 170 13.09 -33.88 26.24
CA LYS C 170 12.40 -34.73 25.29
C LYS C 170 12.95 -36.16 25.40
N PRO C 171 12.19 -37.15 24.90
CA PRO C 171 12.59 -38.55 25.11
C PRO C 171 14.00 -38.90 24.65
N ASP C 172 14.53 -38.17 23.66
CA ASP C 172 15.87 -38.45 23.17
C ASP C 172 16.97 -37.76 23.97
N GLY C 173 16.61 -36.89 24.92
CA GLY C 173 17.57 -36.14 25.70
C GLY C 173 17.63 -34.67 25.36
N SER C 174 17.05 -34.26 24.23
CA SER C 174 17.04 -32.85 23.86
C SER C 174 16.27 -32.03 24.90
N LYS C 175 16.57 -30.74 24.98
CA LYS C 175 16.07 -29.88 26.05
C LYS C 175 15.32 -28.69 25.47
N SER C 176 14.08 -28.51 25.93
CA SER C 176 13.25 -27.35 25.59
C SER C 176 12.88 -26.61 26.87
N ARG C 177 12.55 -25.32 26.73
CA ARG C 177 12.35 -24.46 27.88
C ARG C 177 10.89 -24.29 28.29
N THR C 178 9.94 -24.66 27.44
CA THR C 178 8.53 -24.46 27.73
C THR C 178 7.75 -25.74 27.51
N TRP C 179 6.78 -25.99 28.40
CA TRP C 179 5.81 -27.07 28.25
C TRP C 179 4.51 -26.43 27.74
N MET C 180 4.15 -26.74 26.50
CA MET C 180 3.09 -26.02 25.80
C MET C 180 1.83 -26.86 25.68
N VAL C 181 0.69 -26.19 25.83
CA VAL C 181 -0.62 -26.77 25.53
C VAL C 181 -1.23 -25.92 24.43
N HIS C 182 -1.29 -26.46 23.21
CA HIS C 182 -1.87 -25.78 22.06
C HIS C 182 -3.08 -26.59 21.59
N VAL C 183 -4.27 -26.07 21.83
CA VAL C 183 -5.51 -26.76 21.47
C VAL C 183 -6.05 -26.14 20.19
N GLY C 184 -6.20 -26.96 19.16
CA GLY C 184 -6.80 -26.53 17.91
C GLY C 184 -7.36 -27.73 17.17
N SER C 185 -8.01 -27.45 16.06
CA SER C 185 -8.59 -28.52 15.24
C SER C 185 -7.49 -29.35 14.59
N THR C 186 -7.80 -30.64 14.38
CA THR C 186 -6.94 -31.52 13.62
C THR C 186 -7.80 -32.31 12.62
N GLY C 187 -7.13 -33.04 11.74
CA GLY C 187 -7.83 -33.73 10.67
C GLY C 187 -8.50 -32.78 9.70
N CYS C 188 -7.92 -31.60 9.49
CA CYS C 188 -8.56 -30.60 8.67
C CYS C 188 -8.24 -30.83 7.19
N LYS C 189 -9.26 -30.63 6.34
CA LYS C 189 -9.14 -30.86 4.91
C LYS C 189 -9.62 -29.64 4.15
N GLY C 190 -9.03 -29.41 2.98
CA GLY C 190 -9.38 -28.26 2.18
C GLY C 190 -8.37 -27.15 2.32
N ASN C 191 -8.08 -26.44 1.23
CA ASN C 191 -7.12 -25.35 1.26
C ASN C 191 -7.85 -24.04 1.43
N PRO C 192 -7.75 -23.37 2.58
CA PRO C 192 -8.42 -22.06 2.73
C PRO C 192 -7.79 -20.96 1.89
N ALA C 193 -6.60 -21.18 1.31
CA ALA C 193 -5.94 -20.17 0.50
C ALA C 193 -6.59 -20.02 -0.87
N THR C 194 -7.24 -21.06 -1.36
CA THR C 194 -8.19 -20.92 -2.47
C THR C 194 -9.52 -20.35 -2.00
N GLY C 195 -9.54 -19.88 -0.75
CA GLY C 195 -10.78 -19.30 -0.16
C GLY C 195 -11.87 -20.34 0.00
N GLU C 196 -11.48 -21.61 0.17
CA GLU C 196 -12.45 -22.71 0.33
C GLU C 196 -12.66 -22.99 1.83
N ILE C 197 -13.87 -23.36 2.22
CA ILE C 197 -14.18 -23.64 3.62
C ILE C 197 -13.49 -24.93 4.04
N VAL C 198 -13.08 -24.97 5.30
CA VAL C 198 -12.34 -26.09 5.86
C VAL C 198 -13.29 -26.94 6.70
N ALA C 199 -13.13 -28.25 6.59
CA ALA C 199 -13.80 -29.21 7.45
C ALA C 199 -12.74 -30.01 8.19
N CYS C 200 -12.84 -30.03 9.51
CA CYS C 200 -11.91 -30.77 10.35
C CYS C 200 -12.62 -31.94 10.99
N ALA C 201 -11.92 -33.08 11.08
CA ALA C 201 -12.49 -34.27 11.68
C ALA C 201 -12.52 -34.18 13.19
N HIS C 202 -11.60 -33.41 13.79
CA HIS C 202 -11.56 -33.20 15.25
C HIS C 202 -11.65 -31.69 15.49
N GLU C 203 -12.86 -31.22 15.80
CA GLU C 203 -13.08 -29.78 15.94
C GLU C 203 -12.44 -29.24 17.20
N ASN C 204 -12.51 -29.99 18.30
CA ASN C 204 -11.85 -29.66 19.57
C ASN C 204 -12.35 -28.35 20.18
N ARG C 205 -13.53 -27.90 19.79
CA ARG C 205 -14.23 -26.84 20.51
C ARG C 205 -15.19 -27.47 21.50
N PHE C 206 -15.48 -26.75 22.59
CA PHE C 206 -16.40 -27.30 23.56
C PHE C 206 -17.18 -26.21 24.29
N PRO C 207 -18.44 -26.46 24.61
CA PRO C 207 -19.21 -25.48 25.38
C PRO C 207 -18.96 -25.61 26.88
N VAL C 208 -19.17 -24.49 27.57
CA VAL C 208 -19.11 -24.44 29.03
C VAL C 208 -20.41 -23.81 29.51
N VAL C 209 -21.15 -24.53 30.35
CA VAL C 209 -22.47 -24.11 30.80
C VAL C 209 -22.49 -24.07 32.32
N PHE C 210 -22.88 -22.92 32.86
CA PHE C 210 -23.01 -22.72 34.30
C PHE C 210 -24.47 -22.44 34.60
N ASP C 211 -25.14 -23.40 35.24
CA ASP C 211 -26.56 -23.23 35.56
C ASP C 211 -26.80 -22.02 36.45
N ARG C 212 -25.83 -21.69 37.31
CA ARG C 212 -25.92 -20.54 38.20
C ARG C 212 -24.69 -19.67 38.00
N PHE C 213 -24.89 -18.45 37.50
CA PHE C 213 -23.78 -17.51 37.34
C PHE C 213 -24.34 -16.09 37.38
N ASP C 214 -23.98 -15.33 38.41
CA ASP C 214 -24.33 -13.94 38.51
C ASP C 214 -23.12 -13.11 38.08
N PRO C 215 -23.14 -12.49 36.89
CA PRO C 215 -21.95 -11.76 36.44
C PRO C 215 -21.56 -10.59 37.34
N LYS C 216 -22.45 -10.12 38.21
CA LYS C 216 -22.11 -9.03 39.11
C LYS C 216 -21.25 -9.47 40.28
N THR C 217 -21.41 -10.72 40.72
CA THR C 217 -20.73 -11.19 41.93
C THR C 217 -19.84 -12.41 41.71
N GLN C 218 -19.80 -12.96 40.49
CA GLN C 218 -19.06 -14.18 40.24
C GLN C 218 -18.17 -14.01 39.02
N ARG C 219 -17.37 -15.04 38.75
CA ARG C 219 -16.43 -15.03 37.64
C ARG C 219 -16.15 -16.46 37.21
N VAL C 220 -15.70 -16.62 35.97
CA VAL C 220 -15.30 -17.92 35.44
C VAL C 220 -13.82 -18.12 35.72
N GLU C 221 -13.49 -19.22 36.40
CA GLU C 221 -12.13 -19.51 36.79
C GLU C 221 -11.57 -20.67 35.97
N LEU C 222 -10.41 -20.46 35.36
CA LEU C 222 -9.71 -21.48 34.60
C LEU C 222 -8.61 -22.05 35.48
N ASP C 223 -8.73 -23.33 35.84
CA ASP C 223 -7.82 -23.96 36.81
C ASP C 223 -6.64 -24.57 36.08
N LEU C 224 -5.47 -23.94 36.20
CA LEU C 224 -4.25 -24.50 35.62
C LEU C 224 -3.82 -25.77 36.34
N THR C 225 -4.14 -25.90 37.64
CA THR C 225 -3.78 -27.11 38.37
C THR C 225 -4.48 -28.33 37.80
N THR C 226 -5.78 -28.20 37.49
CA THR C 226 -6.51 -29.31 36.88
C THR C 226 -5.98 -29.61 35.48
N LEU C 227 -5.60 -28.57 34.73
CA LEU C 227 -5.14 -28.80 33.36
C LEU C 227 -3.87 -29.64 33.32
N PHE C 228 -2.98 -29.43 34.28
CA PHE C 228 -1.69 -30.11 34.31
C PHE C 228 -1.59 -31.19 35.37
N GLU C 229 -2.71 -31.59 35.99
CA GLU C 229 -2.61 -32.41 37.20
C GLU C 229 -2.04 -33.80 36.90
N SER C 230 -2.20 -34.31 35.68
CA SER C 230 -1.64 -35.60 35.32
C SER C 230 -0.51 -35.48 34.31
N SER C 231 0.16 -34.33 34.25
CA SER C 231 1.24 -34.09 33.30
C SER C 231 2.52 -33.73 34.03
N ASP C 232 3.59 -34.47 33.74
CA ASP C 232 4.92 -34.18 34.28
C ASP C 232 5.56 -33.13 33.38
N ILE C 233 5.48 -31.86 33.79
CA ILE C 233 5.93 -30.76 32.94
C ILE C 233 7.45 -30.63 32.90
N SER C 234 8.18 -31.53 33.55
CA SER C 234 9.64 -31.56 33.42
C SER C 234 10.10 -32.46 32.29
N VAL C 235 9.22 -33.28 31.74
CA VAL C 235 9.58 -34.23 30.69
C VAL C 235 8.59 -34.11 29.55
N ASP C 236 9.06 -34.45 28.35
CA ASP C 236 8.20 -34.70 27.20
C ASP C 236 8.28 -36.17 26.86
N LYS C 237 7.14 -36.76 26.48
CA LYS C 237 7.06 -38.20 26.26
C LYS C 237 6.90 -38.56 24.79
N GLY C 238 7.00 -37.60 23.88
CA GLY C 238 6.92 -37.85 22.46
C GLY C 238 6.17 -36.75 21.73
N GLY C 239 6.53 -36.56 20.46
CA GLY C 239 5.87 -35.55 19.65
C GLY C 239 6.32 -34.14 20.03
N ALA C 240 5.40 -33.20 19.92
CA ALA C 240 5.67 -31.84 20.34
C ALA C 240 5.92 -31.79 21.85
N VAL C 241 6.69 -30.80 22.27
CA VAL C 241 7.03 -30.66 23.70
C VAL C 241 5.79 -30.13 24.41
N GLY C 242 5.10 -31.01 25.12
CA GLY C 242 3.81 -30.69 25.68
C GLY C 242 2.72 -31.39 24.91
N CYS C 243 1.67 -30.66 24.57
CA CYS C 243 0.50 -31.24 23.91
C CYS C 243 -0.01 -30.26 22.87
N MET C 244 0.06 -30.63 21.60
CA MET C 244 -0.41 -29.77 20.51
C MET C 244 -1.50 -30.45 19.69
N SER C 245 -2.41 -31.14 20.39
CA SER C 245 -3.65 -31.71 19.87
C SER C 245 -3.45 -32.93 18.97
N ALA C 246 -2.22 -33.44 18.84
CA ALA C 246 -2.00 -34.61 18.01
C ALA C 246 -2.52 -35.87 18.71
N LEU C 247 -3.21 -36.72 17.94
CA LEU C 247 -3.84 -37.90 18.53
C LEU C 247 -2.81 -38.91 19.02
N ASP C 248 -1.64 -38.97 18.40
CA ASP C 248 -0.60 -39.90 18.78
C ASP C 248 0.44 -39.30 19.74
N ASP C 249 0.26 -38.04 20.13
CA ASP C 249 1.12 -37.45 21.15
C ASP C 249 0.75 -38.05 22.49
N PRO C 250 1.69 -38.70 23.20
CA PRO C 250 1.33 -39.39 24.44
C PRO C 250 0.92 -38.45 25.56
N ASP C 251 1.30 -37.17 25.51
CA ASP C 251 1.02 -36.26 26.60
C ASP C 251 -0.39 -35.66 26.53
N CYS C 252 -1.02 -35.68 25.36
CA CYS C 252 -2.31 -35.04 25.13
C CYS C 252 -3.50 -35.73 25.82
N PRO C 253 -3.55 -37.07 25.90
CA PRO C 253 -4.71 -37.70 26.54
C PRO C 253 -5.07 -37.14 27.91
N ALA C 254 -4.07 -36.85 28.73
CA ALA C 254 -4.35 -36.27 30.05
C ALA C 254 -4.78 -34.82 29.92
N VAL C 255 -4.21 -34.07 28.97
CA VAL C 255 -4.62 -32.69 28.76
C VAL C 255 -6.08 -32.64 28.30
N PHE C 256 -6.45 -33.51 27.36
CA PHE C 256 -7.79 -33.46 26.81
C PHE C 256 -8.83 -33.93 27.81
N ARG C 257 -8.46 -34.83 28.73
CA ARG C 257 -9.35 -35.18 29.84
C ARG C 257 -9.65 -33.96 30.69
N ALA C 258 -8.61 -33.17 31.02
CA ALA C 258 -8.82 -31.97 31.82
C ALA C 258 -9.63 -30.93 31.08
N LEU C 259 -9.53 -30.88 29.76
CA LEU C 259 -10.38 -29.98 28.98
C LEU C 259 -11.80 -30.51 28.87
N GLY C 260 -11.97 -31.83 28.95
CA GLY C 260 -13.27 -32.43 28.71
C GLY C 260 -13.52 -32.78 27.26
N LEU C 261 -12.47 -32.98 26.47
CA LEU C 261 -12.59 -33.31 25.06
C LEU C 261 -12.11 -34.74 24.84
N ASN C 262 -12.79 -35.44 23.94
CA ASN C 262 -12.27 -36.71 23.45
C ASN C 262 -11.10 -36.44 22.50
N LEU C 263 -9.96 -37.06 22.79
CA LEU C 263 -8.82 -36.95 21.87
C LEU C 263 -9.11 -37.81 20.65
N ALA C 264 -9.06 -39.13 20.81
CA ALA C 264 -9.53 -40.06 19.80
C ALA C 264 -10.97 -40.45 20.16
N ASP C 265 -11.51 -41.43 19.42
CA ASP C 265 -12.82 -41.95 19.77
C ASP C 265 -12.79 -42.59 21.14
N SER C 266 -13.86 -42.37 21.92
CA SER C 266 -13.94 -42.98 23.25
C SER C 266 -14.12 -44.48 23.16
N ALA C 267 -14.77 -44.96 22.11
CA ALA C 267 -14.96 -46.38 21.86
C ALA C 267 -14.96 -46.60 20.36
N PRO C 268 -14.71 -47.81 19.89
CA PRO C 268 -14.79 -48.07 18.45
C PRO C 268 -16.18 -47.75 17.91
N GLY C 269 -16.21 -46.96 16.84
CA GLY C 269 -17.46 -46.52 16.26
C GLY C 269 -18.15 -45.38 16.98
N ALA C 270 -17.56 -44.88 18.08
CA ALA C 270 -18.22 -43.83 18.85
C ALA C 270 -18.34 -42.53 18.06
N ASN C 271 -17.37 -42.26 17.16
CA ASN C 271 -17.41 -41.08 16.31
C ASN C 271 -17.54 -39.80 17.13
N ASP C 272 -16.77 -39.71 18.22
CA ASP C 272 -16.80 -38.53 19.07
C ASP C 272 -15.42 -37.92 19.26
N ALA C 273 -14.44 -38.29 18.45
CA ALA C 273 -13.13 -37.64 18.50
C ALA C 273 -13.28 -36.16 18.18
N GLY C 274 -12.65 -35.32 19.01
CA GLY C 274 -12.75 -33.89 18.86
C GLY C 274 -13.97 -33.24 19.47
N LYS C 275 -14.86 -34.01 20.11
CA LYS C 275 -16.09 -33.52 20.71
C LYS C 275 -16.07 -33.70 22.21
N PRO C 276 -16.83 -32.88 22.95
CA PRO C 276 -16.79 -32.99 24.42
C PRO C 276 -17.28 -34.34 24.89
N SER C 277 -16.59 -34.89 25.90
CA SER C 277 -17.03 -36.13 26.53
C SER C 277 -18.24 -35.92 27.42
N ARG C 278 -18.46 -34.71 27.90
CA ARG C 278 -19.65 -34.36 28.68
C ARG C 278 -20.02 -32.93 28.30
N PRO C 279 -20.88 -32.75 27.29
CA PRO C 279 -21.16 -31.41 26.75
C PRO C 279 -21.59 -30.40 27.80
N GLY C 280 -20.85 -29.29 27.88
CA GLY C 280 -21.12 -28.24 28.84
C GLY C 280 -20.29 -28.30 30.09
N VAL C 281 -19.59 -29.41 30.33
CA VAL C 281 -18.76 -29.59 31.53
C VAL C 281 -17.31 -29.68 31.08
N SER C 282 -16.45 -28.88 31.71
CA SER C 282 -15.02 -28.90 31.45
C SER C 282 -14.31 -28.87 32.80
N PRO C 283 -13.50 -29.87 33.13
CA PRO C 283 -12.85 -29.90 34.45
C PRO C 283 -12.07 -28.64 34.80
N ILE C 284 -11.49 -27.94 33.82
CA ILE C 284 -10.68 -26.77 34.12
C ILE C 284 -11.49 -25.50 34.33
N PHE C 285 -12.77 -25.49 33.97
CA PHE C 285 -13.62 -24.32 34.09
C PHE C 285 -14.61 -24.50 35.23
N SER C 286 -14.76 -23.47 36.06
CA SER C 286 -15.72 -23.49 37.14
C SER C 286 -16.02 -22.05 37.55
N VAL C 287 -16.95 -21.88 38.48
CA VAL C 287 -17.39 -20.58 38.96
C VAL C 287 -16.75 -20.30 40.31
N GLY C 288 -16.32 -19.05 40.50
CA GLY C 288 -15.85 -18.60 41.80
C GLY C 288 -16.40 -17.22 42.11
N ALA C 289 -16.23 -16.83 43.37
CA ALA C 289 -16.61 -15.47 43.76
C ALA C 289 -15.61 -14.47 43.21
N ALA C 290 -16.10 -13.27 42.90
CA ALA C 290 -15.30 -12.22 42.29
C ALA C 290 -15.16 -11.05 43.26
N ALA C 291 -13.94 -10.53 43.36
CA ALA C 291 -13.62 -9.40 44.23
C ALA C 291 -13.97 -9.70 45.69
N LYS D 4 10.34 23.04 38.93
CA LYS D 4 11.67 23.48 39.33
C LYS D 4 12.73 23.09 38.31
N THR D 5 12.50 22.00 37.60
CA THR D 5 13.50 21.44 36.68
C THR D 5 12.96 21.44 35.25
N GLN D 6 13.85 21.07 34.33
CA GLN D 6 13.50 20.94 32.92
C GLN D 6 13.11 19.50 32.66
N PRO D 7 11.86 19.21 32.31
CA PRO D 7 11.48 17.83 31.99
C PRO D 7 12.13 17.38 30.71
N VAL D 8 12.51 16.10 30.68
CA VAL D 8 13.22 15.51 29.54
C VAL D 8 12.49 14.25 29.11
N ALA D 9 12.20 14.14 27.81
CA ALA D 9 11.63 12.93 27.23
C ALA D 9 12.45 12.60 25.99
N VAL D 10 13.22 11.52 26.06
CA VAL D 10 14.04 11.07 24.94
C VAL D 10 13.27 9.98 24.21
N ARG D 11 12.74 10.32 23.04
CA ARG D 11 11.96 9.37 22.24
C ARG D 11 12.88 8.48 21.43
N PHE D 12 12.58 7.18 21.43
CA PHE D 12 13.26 6.22 20.60
C PHE D 12 12.30 5.71 19.52
N ALA D 13 12.87 5.24 18.42
CA ALA D 13 12.06 4.72 17.32
C ALA D 13 12.83 3.63 16.59
N LEU D 14 12.16 2.52 16.33
CA LEU D 14 12.71 1.47 15.49
C LEU D 14 12.44 1.79 14.03
N VAL D 15 13.47 1.64 13.19
CA VAL D 15 13.31 1.88 11.76
C VAL D 15 13.92 0.72 10.98
N ALA D 16 13.40 0.51 9.79
CA ALA D 16 13.90 -0.52 8.87
C ALA D 16 13.57 -0.10 7.45
N ASP D 17 14.56 -0.19 6.57
CA ASP D 17 14.43 0.23 5.17
C ASP D 17 13.91 1.66 5.07
N GLY D 18 14.39 2.53 5.96
CA GLY D 18 14.01 3.93 5.97
C GLY D 18 12.63 4.24 6.51
N LYS D 19 11.81 3.23 6.79
CA LYS D 19 10.49 3.44 7.36
C LYS D 19 10.52 3.17 8.86
N GLU D 20 9.56 3.76 9.57
CA GLU D 20 9.42 3.51 11.00
C GLU D 20 8.66 2.21 11.21
N VAL D 21 9.25 1.32 12.01
CA VAL D 21 8.59 0.05 12.33
C VAL D 21 8.23 0.05 13.82
N GLY D 22 8.03 -1.14 14.37
CA GLY D 22 7.51 -1.29 15.71
C GLY D 22 6.10 -1.88 15.68
N CYS D 23 5.74 -2.50 16.81
CA CYS D 23 4.47 -3.22 16.97
C CYS D 23 4.42 -4.30 15.89
N GLY D 24 3.33 -4.44 15.15
CA GLY D 24 3.18 -5.48 14.15
C GLY D 24 3.48 -5.06 12.72
N ALA D 25 4.07 -3.89 12.51
CA ALA D 25 4.42 -3.46 11.16
C ALA D 25 5.45 -4.43 10.56
N PRO D 26 5.40 -4.66 9.26
CA PRO D 26 6.34 -5.61 8.64
C PRO D 26 7.73 -5.01 8.49
N LEU D 27 8.70 -5.90 8.34
CA LEU D 27 10.11 -5.53 8.20
C LEU D 27 10.54 -5.81 6.77
N ALA D 28 10.79 -4.74 6.01
CA ALA D 28 11.10 -4.86 4.59
C ALA D 28 12.60 -4.94 4.38
N ASN D 29 13.02 -5.88 3.51
CA ASN D 29 14.39 -5.94 3.01
C ASN D 29 15.41 -6.17 4.12
N LEU D 30 15.10 -7.10 5.03
CA LEU D 30 15.99 -7.40 6.14
C LEU D 30 17.02 -8.44 5.72
N GLY D 31 18.29 -8.15 6.02
CA GLY D 31 19.36 -9.10 5.79
C GLY D 31 20.02 -8.95 4.43
N SER D 32 21.13 -9.66 4.27
CA SER D 32 21.85 -9.65 3.00
C SER D 32 21.04 -10.30 1.88
N GLY D 33 20.06 -11.12 2.21
CA GLY D 33 19.12 -11.60 1.23
C GLY D 33 17.97 -10.64 0.94
N ARG D 34 17.85 -9.58 1.73
CA ARG D 34 16.80 -8.58 1.60
C ARG D 34 15.42 -9.24 1.57
N LEU D 35 15.07 -9.82 2.71
CA LEU D 35 13.87 -10.62 2.84
C LEU D 35 12.76 -9.83 3.53
N ALA D 36 11.55 -10.37 3.46
CA ALA D 36 10.39 -9.79 4.12
C ALA D 36 10.23 -10.45 5.49
N GLY D 37 10.59 -9.72 6.55
CA GLY D 37 10.59 -10.30 7.87
C GLY D 37 9.51 -9.78 8.79
N LYS D 38 9.26 -10.51 9.87
CA LYS D 38 8.33 -10.11 10.91
C LYS D 38 9.11 -9.86 12.20
N LEU D 39 8.72 -8.83 12.94
CA LEU D 39 9.38 -8.48 14.19
C LEU D 39 8.76 -9.28 15.33
N HIS D 40 9.53 -10.18 15.92
CA HIS D 40 9.06 -10.96 17.06
C HIS D 40 9.25 -10.22 18.37
N GLU D 41 10.43 -9.62 18.57
CA GLU D 41 10.69 -8.87 19.79
C GLU D 41 11.80 -7.86 19.54
N ALA D 42 11.69 -6.71 20.20
CA ALA D 42 12.73 -5.68 20.14
C ALA D 42 12.74 -4.98 21.50
N ARG D 43 13.67 -5.39 22.36
CA ARG D 43 13.81 -4.83 23.70
C ARG D 43 15.28 -4.59 24.00
N LEU D 44 15.55 -3.53 24.76
CA LEU D 44 16.92 -3.28 25.19
C LEU D 44 16.91 -2.39 26.43
N TYR D 45 17.85 -2.64 27.32
CA TYR D 45 18.10 -1.74 28.44
C TYR D 45 19.01 -0.61 28.00
N VAL D 46 18.75 0.58 28.53
CA VAL D 46 19.60 1.74 28.32
C VAL D 46 19.79 2.43 29.66
N TYR D 47 20.93 3.08 29.84
CA TYR D 47 21.24 3.68 31.13
C TYR D 47 22.17 4.87 30.94
N GLY D 48 22.41 5.57 32.05
CA GLY D 48 23.35 6.68 32.10
C GLY D 48 23.01 7.83 31.16
N PHE D 49 21.78 8.30 31.20
CA PHE D 49 21.36 9.35 30.28
C PHE D 49 21.88 10.70 30.73
N GLU D 50 22.48 11.44 29.79
CA GLU D 50 23.11 12.72 30.08
C GLU D 50 22.82 13.71 28.96
N LEU D 51 22.65 14.98 29.33
CA LEU D 51 22.62 16.08 28.39
C LEU D 51 23.97 16.77 28.35
N VAL D 52 24.36 17.26 27.18
CA VAL D 52 25.64 17.92 26.98
C VAL D 52 25.39 19.34 26.53
N ASP D 53 26.02 20.30 27.21
CA ASP D 53 25.87 21.69 26.81
C ASP D 53 26.77 22.01 25.63
N ALA D 54 26.57 23.21 25.07
CA ALA D 54 27.25 23.66 23.86
C ALA D 54 28.76 23.58 23.99
N LYS D 55 29.23 23.34 25.22
CA LYS D 55 30.69 23.31 25.48
C LYS D 55 31.21 21.87 25.57
N GLY D 56 30.52 21.00 26.30
CA GLY D 56 31.00 19.65 26.45
C GLY D 56 30.80 19.03 27.82
N LYS D 57 30.25 19.82 28.75
CA LYS D 57 29.97 19.29 30.07
C LYS D 57 28.72 18.43 30.04
N HIS D 58 28.72 17.39 30.87
CA HIS D 58 27.67 16.39 30.88
C HIS D 58 26.83 16.55 32.15
N THR D 59 25.52 16.72 31.97
CA THR D 59 24.58 16.81 33.08
C THR D 59 23.72 15.57 33.10
N PRO D 60 23.71 14.79 34.19
CA PRO D 60 22.91 13.57 34.21
C PRO D 60 21.42 13.86 34.22
N ILE D 61 20.67 13.03 33.50
CA ILE D 61 19.21 13.09 33.51
C ILE D 61 18.71 12.16 34.62
N ALA D 62 17.97 12.72 35.58
CA ALA D 62 17.40 11.92 36.66
C ALA D 62 16.11 11.28 36.16
N LEU D 63 16.09 9.94 36.11
CA LEU D 63 14.97 9.22 35.55
C LEU D 63 13.79 9.18 36.51
N THR D 64 12.59 9.36 35.96
CA THR D 64 11.38 9.04 36.71
C THR D 64 11.38 7.56 37.07
N GLN D 65 11.10 7.26 38.33
CA GLN D 65 11.02 5.87 38.77
C GLN D 65 9.62 5.35 38.48
N ASN D 66 9.50 4.46 37.51
CA ASN D 66 8.23 3.80 37.22
C ASN D 66 8.53 2.33 36.94
N ASP D 67 7.56 1.63 36.32
CA ASP D 67 7.74 0.21 36.05
C ASP D 67 8.71 -0.06 34.92
N TRP D 68 9.01 0.95 34.10
CA TRP D 68 9.96 0.79 33.00
C TRP D 68 11.32 1.41 33.28
N GLN D 69 11.48 2.12 34.39
CA GLN D 69 12.72 2.82 34.71
C GLN D 69 13.04 2.64 36.19
N TYR D 70 14.27 2.19 36.47
CA TYR D 70 14.72 1.93 37.83
C TYR D 70 16.14 2.46 37.99
N ALA D 71 16.38 3.24 39.04
CA ALA D 71 17.64 3.93 39.24
C ALA D 71 17.99 4.76 38.01
N ASP D 72 19.06 4.39 37.31
CA ASP D 72 19.47 5.06 36.09
C ASP D 72 19.18 4.24 34.83
N VAL D 73 18.51 3.09 34.98
CA VAL D 73 18.29 2.15 33.88
C VAL D 73 16.84 2.23 33.44
N ALA D 74 16.64 2.23 32.12
CA ALA D 74 15.32 2.16 31.51
C ALA D 74 15.24 0.98 30.56
N LEU D 75 14.03 0.46 30.38
CA LEU D 75 13.78 -0.63 29.44
C LEU D 75 12.94 -0.10 28.29
N LEU D 76 13.46 -0.26 27.07
CA LEU D 76 12.75 0.10 25.86
C LEU D 76 12.14 -1.14 25.25
N ASP D 77 10.85 -1.08 24.92
CA ASP D 77 10.12 -2.19 24.33
C ASP D 77 9.30 -1.66 23.17
N PHE D 78 9.61 -2.12 21.96
CA PHE D 78 9.00 -1.59 20.74
C PHE D 78 7.82 -2.40 20.24
N LYS D 79 7.50 -3.52 20.87
CA LYS D 79 6.35 -4.30 20.48
C LYS D 79 5.09 -3.79 21.18
N ASP D 80 3.95 -3.98 20.53
CA ASP D 80 2.66 -3.62 21.11
C ASP D 80 2.23 -4.68 22.11
N ALA D 81 1.20 -4.35 22.90
CA ALA D 81 0.74 -5.26 23.94
C ALA D 81 0.04 -6.48 23.36
N ARG D 82 -0.82 -6.27 22.35
CA ARG D 82 -1.62 -7.36 21.82
C ARG D 82 -0.76 -8.45 21.19
N GLY D 83 0.25 -8.06 20.42
CA GLY D 83 0.97 -9.00 19.59
C GLY D 83 0.39 -9.19 18.21
N GLY D 84 -0.35 -8.21 17.71
CA GLY D 84 -1.05 -8.34 16.44
C GLY D 84 -0.18 -8.02 15.25
N ASN D 85 -0.84 -7.76 14.12
CA ASN D 85 -0.18 -7.50 12.84
C ASN D 85 -0.33 -6.05 12.40
N ALA D 86 -0.70 -5.14 13.30
CA ALA D 86 -0.90 -3.74 12.96
C ALA D 86 0.31 -2.91 13.39
N ALA D 87 0.61 -1.89 12.60
CA ALA D 87 1.59 -0.90 13.00
C ALA D 87 1.05 -0.09 14.19
N CYS D 88 1.96 0.55 14.92
CA CYS D 88 1.59 1.22 16.15
C CYS D 88 0.58 2.32 15.90
N THR D 89 -0.41 2.42 16.77
CA THR D 89 -1.41 3.47 16.80
C THR D 89 -1.51 3.97 18.23
N PRO D 90 -2.08 5.17 18.43
CA PRO D 90 -2.31 5.63 19.82
C PRO D 90 -3.17 4.68 20.64
N GLY D 91 -4.09 3.97 20.00
CA GLY D 91 -4.94 3.04 20.73
C GLY D 91 -4.23 1.77 21.16
N ASN D 92 -3.26 1.32 20.37
CA ASN D 92 -2.43 0.16 20.72
C ASN D 92 -0.98 0.52 20.39
N PRO D 93 -0.32 1.28 21.26
CA PRO D 93 1.03 1.76 20.94
C PRO D 93 2.11 0.77 21.31
N ALA D 94 3.36 1.10 20.97
CA ALA D 94 4.48 0.34 21.46
C ALA D 94 4.52 0.41 22.99
N LYS D 95 5.06 -0.65 23.60
CA LYS D 95 4.96 -0.78 25.06
C LYS D 95 5.69 0.35 25.78
N ASN D 96 6.89 0.71 25.31
CA ASN D 96 7.66 1.78 25.94
C ASN D 96 8.84 2.21 25.08
N THR D 97 8.77 3.41 24.49
CA THR D 97 9.81 3.89 23.60
C THR D 97 10.33 5.28 23.97
N THR D 98 10.04 5.76 25.18
CA THR D 98 10.45 7.10 25.61
C THR D 98 11.07 7.02 27.00
N VAL D 99 12.25 7.62 27.15
CA VAL D 99 12.93 7.70 28.44
C VAL D 99 12.57 9.05 29.06
N VAL D 100 11.96 9.01 30.24
CA VAL D 100 11.41 10.20 30.87
C VAL D 100 12.21 10.54 32.12
N GLY D 101 12.34 11.84 32.39
CA GLY D 101 13.06 12.29 33.56
C GLY D 101 13.18 13.81 33.57
N ALA D 102 14.09 14.30 34.40
CA ALA D 102 14.30 15.73 34.54
C ALA D 102 15.78 16.03 34.75
N ALA D 103 16.18 17.21 34.32
CA ALA D 103 17.54 17.72 34.46
C ALA D 103 17.47 19.14 34.97
N PRO D 104 18.56 19.67 35.52
CA PRO D 104 18.58 21.09 35.89
C PRO D 104 18.31 21.97 34.68
N GLN D 105 17.70 23.12 34.94
CA GLN D 105 17.41 24.06 33.87
C GLN D 105 18.71 24.54 33.24
N GLY D 106 18.65 24.84 31.95
CA GLY D 106 19.81 25.27 31.22
C GLY D 106 19.61 25.07 29.73
N ALA D 107 20.66 25.41 28.98
CA ALA D 107 20.69 25.24 27.54
C ALA D 107 21.60 24.07 27.20
N TYR D 108 21.05 23.04 26.56
CA TYR D 108 21.79 21.85 26.18
C TYR D 108 21.69 21.66 24.67
N VAL D 109 22.69 21.00 24.08
CA VAL D 109 22.72 20.81 22.64
C VAL D 109 22.87 19.34 22.29
N GLY D 110 23.46 18.54 23.19
CA GLY D 110 23.79 17.17 22.91
C GLY D 110 23.10 16.17 23.84
N LEU D 111 23.33 14.89 23.55
CA LEU D 111 22.79 13.81 24.35
C LEU D 111 23.76 12.64 24.35
N ALA D 112 23.80 11.92 25.46
CA ALA D 112 24.58 10.71 25.57
C ALA D 112 23.87 9.72 26.49
N PHE D 113 24.07 8.44 26.20
CA PHE D 113 23.56 7.34 27.03
C PHE D 113 24.38 6.11 26.69
N SER D 114 24.09 5.01 27.38
CA SER D 114 24.76 3.75 27.12
C SER D 114 23.73 2.66 26.89
N VAL D 115 24.15 1.63 26.16
CA VAL D 115 23.29 0.51 25.82
C VAL D 115 23.68 -0.68 26.68
N GLY D 116 22.68 -1.31 27.29
CA GLY D 116 22.89 -2.48 28.12
C GLY D 116 22.42 -2.26 29.54
N ALA D 117 22.67 -3.26 30.37
CA ALA D 117 22.37 -3.19 31.80
C ALA D 117 23.68 -3.06 32.56
N PRO D 118 23.86 -2.00 33.34
CA PRO D 118 25.12 -1.85 34.09
C PRO D 118 25.23 -2.90 35.19
N VAL D 119 26.46 -3.06 35.69
CA VAL D 119 26.70 -4.00 36.78
C VAL D 119 26.03 -3.51 38.06
N GLU D 120 26.18 -2.23 38.37
CA GLU D 120 25.65 -1.63 39.59
C GLU D 120 24.93 -0.34 39.25
N SER D 121 24.06 0.08 40.18
CA SER D 121 23.41 1.37 40.09
C SER D 121 23.03 1.82 41.49
N LEU D 122 22.81 3.12 41.64
CA LEU D 122 22.62 3.75 42.94
C LEU D 122 21.16 4.10 43.16
N VAL D 123 20.62 3.68 44.30
CA VAL D 123 19.32 4.14 44.79
C VAL D 123 19.50 4.68 46.19
N ASP D 124 19.10 5.94 46.40
CA ASP D 124 19.27 6.62 47.67
C ASP D 124 20.71 6.52 48.18
N GLY D 125 21.67 6.71 47.27
CA GLY D 125 23.07 6.67 47.62
C GLY D 125 23.65 5.30 47.88
N LYS D 126 22.85 4.24 47.81
CA LYS D 126 23.33 2.89 48.03
C LYS D 126 23.31 2.10 46.74
N PRO D 127 24.34 1.29 46.49
CA PRO D 127 24.39 0.51 45.24
C PRO D 127 23.47 -0.69 45.28
N VAL D 128 23.00 -1.09 44.10
CA VAL D 128 22.26 -2.33 43.91
C VAL D 128 22.79 -3.01 42.66
N PHE D 129 22.82 -4.35 42.69
CA PHE D 129 23.21 -5.11 41.52
C PHE D 129 22.11 -5.03 40.46
N VAL D 130 22.50 -4.85 39.21
CA VAL D 130 21.54 -4.71 38.13
C VAL D 130 21.64 -5.90 37.17
N ASN D 131 22.67 -5.91 36.33
CA ASN D 131 22.74 -6.90 35.26
C ASN D 131 22.80 -8.32 35.79
N HIS D 132 23.41 -8.54 36.95
CA HIS D 132 23.56 -9.86 37.52
C HIS D 132 22.60 -10.14 38.67
N SER D 133 21.61 -9.26 38.88
CA SER D 133 20.60 -9.52 39.90
C SER D 133 19.72 -10.71 39.51
N ASN D 134 19.02 -11.24 40.50
CA ASN D 134 18.07 -12.33 40.26
C ASN D 134 16.82 -11.75 39.61
N VAL D 135 16.49 -12.24 38.41
CA VAL D 135 15.31 -11.75 37.71
C VAL D 135 14.04 -12.06 38.51
N GLU D 136 14.04 -13.15 39.27
CA GLU D 136 12.88 -13.51 40.07
C GLU D 136 12.71 -12.65 41.32
N ALA D 137 13.73 -11.88 41.69
CA ALA D 137 13.66 -10.99 42.84
C ALA D 137 13.89 -9.52 42.51
N ALA D 138 14.51 -9.22 41.38
CA ALA D 138 14.85 -7.84 41.06
C ALA D 138 13.58 -7.01 40.86
N PRO D 139 13.65 -5.70 41.12
CA PRO D 139 12.49 -4.83 40.86
C PRO D 139 12.37 -4.53 39.38
N PRO D 140 11.19 -4.10 38.93
CA PRO D 140 11.04 -3.75 37.52
C PRO D 140 11.88 -2.56 37.17
N PRO D 141 12.35 -2.45 35.92
CA PRO D 141 12.10 -3.38 34.81
C PRO D 141 13.13 -4.50 34.69
N LEU D 142 13.81 -4.81 35.79
CA LEU D 142 14.80 -5.87 35.80
C LEU D 142 14.20 -7.23 36.14
N ASP D 143 12.88 -7.34 36.14
CA ASP D 143 12.17 -8.57 36.43
C ASP D 143 11.61 -9.23 35.17
N ILE D 144 12.19 -8.94 34.01
CA ILE D 144 11.72 -9.49 32.74
C ILE D 144 12.47 -10.79 32.52
N SER D 145 11.79 -11.92 32.74
CA SER D 145 12.42 -13.22 32.52
C SER D 145 12.80 -13.41 31.06
N GLY D 146 12.08 -12.78 30.15
CA GLY D 146 12.36 -12.88 28.73
C GLY D 146 13.67 -12.23 28.32
N MET D 147 14.34 -11.58 29.26
CA MET D 147 15.63 -10.95 29.00
C MET D 147 16.69 -11.41 29.99
N ALA D 148 16.44 -12.49 30.73
CA ALA D 148 17.40 -13.02 31.68
C ALA D 148 18.03 -14.30 31.15
C KYN D 149 20.10 -16.45 32.26
N KYN D 149 19.36 -14.40 31.25
C1 KYN D 149 21.31 -14.88 28.94
N1 KYN D 149 21.79 -15.25 26.07
O2 KYN D 149 20.20 -14.87 28.39
CA KYN D 149 20.04 -15.63 30.97
CB KYN D 149 21.43 -15.39 30.37
CG KYN D 149 22.71 -14.58 26.85
CZ KYN D 149 24.65 -13.22 28.36
CD1 KYN D 149 23.89 -14.09 26.24
CD2 KYN D 149 22.52 -14.38 28.25
CE1 KYN D 149 24.85 -13.41 26.99
CE2 KYN D 149 23.51 -13.69 28.97
O KYN D 149 19.43 -17.47 32.45
N ASN D 150 20.94 -15.97 33.16
CA ASN D 150 20.98 -16.43 34.56
C ASN D 150 21.78 -15.39 35.34
N TRP D 151 21.86 -15.54 36.66
CA TRP D 151 22.60 -14.53 37.45
C TRP D 151 24.02 -14.38 36.95
N GLN D 152 24.71 -15.47 36.63
CA GLN D 152 26.12 -15.40 36.26
C GLN D 152 26.31 -14.71 34.93
N ALA D 153 25.56 -15.15 33.90
CA ALA D 153 25.69 -14.55 32.58
C ALA D 153 25.07 -13.17 32.50
N GLY D 154 24.20 -12.82 33.44
CA GLY D 154 23.52 -11.54 33.38
C GLY D 154 22.39 -11.52 32.37
N ARG D 155 21.86 -10.33 32.15
CA ARG D 155 20.78 -10.16 31.19
C ARG D 155 21.31 -10.22 29.76
N ARG D 156 20.44 -10.67 28.85
CA ARG D 156 20.62 -10.35 27.44
C ARG D 156 19.99 -8.96 27.25
N PHE D 157 20.78 -7.95 27.61
CA PHE D 157 20.24 -6.60 27.71
C PHE D 157 19.92 -5.97 26.36
N VAL D 158 20.21 -6.65 25.26
CA VAL D 158 19.65 -6.33 23.95
C VAL D 158 19.03 -7.60 23.40
N THR D 159 17.71 -7.57 23.17
CA THR D 159 16.98 -8.73 22.66
C THR D 159 16.18 -8.30 21.44
N ILE D 160 16.66 -8.69 20.26
CA ILE D 160 15.99 -8.40 19.00
C ILE D 160 15.84 -9.70 18.22
N GLU D 161 14.61 -10.02 17.84
CA GLU D 161 14.29 -11.30 17.23
C GLU D 161 13.36 -11.07 16.05
N VAL D 162 13.78 -11.52 14.87
CA VAL D 162 13.00 -11.33 13.64
C VAL D 162 12.65 -12.70 13.06
N ILE D 163 11.57 -12.73 12.29
CA ILE D 163 11.08 -13.97 11.69
C ILE D 163 11.19 -13.87 10.18
N PRO D 164 12.09 -14.61 9.55
CA PRO D 164 12.24 -14.54 8.09
C PRO D 164 11.08 -15.22 7.39
N PRO D 165 10.89 -14.99 6.08
CA PRO D 165 9.69 -15.53 5.42
C PRO D 165 9.54 -17.03 5.53
N ALA D 166 10.65 -17.78 5.45
CA ALA D 166 10.66 -19.20 5.73
C ALA D 166 11.60 -19.47 6.89
N ALA D 167 11.54 -20.69 7.42
CA ALA D 167 12.28 -21.03 8.63
C ALA D 167 13.78 -20.86 8.42
N VAL D 168 14.47 -20.42 9.48
CA VAL D 168 15.92 -20.37 9.47
C VAL D 168 16.47 -21.78 9.45
N ILE D 169 17.44 -22.04 8.58
CA ILE D 169 17.97 -23.38 8.39
C ILE D 169 19.40 -23.40 8.93
N LYS D 170 19.64 -24.28 9.90
CA LYS D 170 20.94 -24.42 10.54
C LYS D 170 21.90 -25.18 9.62
N PRO D 171 23.20 -25.16 9.91
CA PRO D 171 24.12 -25.96 9.09
C PRO D 171 23.89 -27.45 9.25
N ASP D 172 23.37 -27.88 10.41
CA ASP D 172 23.04 -29.29 10.60
C ASP D 172 21.95 -29.73 9.65
N GLY D 173 20.96 -28.89 9.41
CA GLY D 173 19.82 -29.24 8.58
C GLY D 173 18.52 -28.98 9.29
N SER D 174 18.59 -28.68 10.58
CA SER D 174 17.41 -28.35 11.35
C SER D 174 16.84 -27.01 10.91
N LYS D 175 15.57 -26.79 11.22
CA LYS D 175 14.90 -25.53 10.92
C LYS D 175 14.33 -24.95 12.20
N SER D 176 14.63 -23.67 12.45
CA SER D 176 14.05 -22.93 13.56
C SER D 176 13.30 -21.73 13.01
N ARG D 177 12.44 -21.14 13.85
CA ARG D 177 11.51 -20.12 13.38
C ARG D 177 12.06 -18.71 13.44
N THR D 178 12.97 -18.41 14.37
CA THR D 178 13.35 -17.03 14.65
C THR D 178 14.86 -16.86 14.61
N TRP D 179 15.31 -15.82 13.91
CA TRP D 179 16.70 -15.38 13.92
C TRP D 179 16.86 -14.36 15.04
N MET D 180 17.64 -14.70 16.06
CA MET D 180 17.70 -13.92 17.29
C MET D 180 19.05 -13.21 17.44
N VAL D 181 18.99 -11.99 17.96
CA VAL D 181 20.18 -11.24 18.37
C VAL D 181 20.08 -11.04 19.87
N HIS D 182 20.90 -11.75 20.63
CA HIS D 182 20.92 -11.67 22.09
C HIS D 182 22.28 -11.14 22.51
N VAL D 183 22.32 -9.88 22.91
CA VAL D 183 23.56 -9.23 23.33
C VAL D 183 23.59 -9.17 24.85
N GLY D 184 24.62 -9.78 25.44
CA GLY D 184 24.87 -9.73 26.86
C GLY D 184 26.35 -9.92 27.10
N SER D 185 26.73 -9.85 28.37
CA SER D 185 28.12 -10.10 28.74
C SER D 185 28.47 -11.57 28.55
N THR D 186 29.73 -11.83 28.23
CA THR D 186 30.24 -13.18 28.10
C THR D 186 31.52 -13.33 28.91
N GLY D 187 31.97 -14.57 29.06
CA GLY D 187 33.15 -14.86 29.85
C GLY D 187 32.97 -14.60 31.33
N CYS D 188 31.74 -14.74 31.84
CA CYS D 188 31.43 -14.40 33.22
C CYS D 188 31.74 -15.58 34.13
N LYS D 189 32.63 -15.35 35.09
CA LYS D 189 32.99 -16.36 36.09
C LYS D 189 32.63 -15.84 37.46
N GLY D 190 32.06 -16.72 38.29
CA GLY D 190 31.52 -16.35 39.58
C GLY D 190 30.02 -16.44 39.56
N ASN D 191 29.45 -17.34 40.36
CA ASN D 191 28.00 -17.50 40.39
C ASN D 191 27.44 -16.73 41.58
N PRO D 192 26.79 -15.58 41.35
CA PRO D 192 26.17 -14.86 42.48
C PRO D 192 24.95 -15.56 43.06
N ALA D 193 24.40 -16.57 42.38
CA ALA D 193 23.35 -17.37 43.00
C ALA D 193 23.89 -18.16 44.18
N THR D 194 25.17 -18.55 44.14
CA THR D 194 25.84 -19.19 45.26
C THR D 194 26.63 -18.19 46.11
N GLY D 195 26.26 -16.91 46.06
CA GLY D 195 26.88 -15.89 46.87
C GLY D 195 28.27 -15.45 46.43
N GLU D 196 28.72 -15.88 45.26
CA GLU D 196 30.08 -15.62 44.82
C GLU D 196 30.16 -14.37 43.96
N ILE D 197 31.35 -13.78 43.91
CA ILE D 197 31.59 -12.54 43.17
C ILE D 197 31.80 -12.88 41.69
N VAL D 198 31.13 -12.13 40.82
CA VAL D 198 31.17 -12.38 39.38
C VAL D 198 31.95 -11.27 38.69
N ALA D 199 32.75 -11.67 37.70
CA ALA D 199 33.43 -10.74 36.81
C ALA D 199 33.43 -11.33 35.41
N CYS D 200 33.12 -10.50 34.42
CA CYS D 200 32.95 -10.93 33.04
C CYS D 200 34.10 -10.41 32.18
N ALA D 201 34.55 -11.25 31.23
CA ALA D 201 35.68 -10.89 30.39
C ALA D 201 35.26 -9.93 29.27
N HIS D 202 34.06 -10.10 28.73
CA HIS D 202 33.56 -9.26 27.65
C HIS D 202 32.29 -8.56 28.13
N GLU D 203 32.35 -7.25 28.30
CA GLU D 203 31.24 -6.52 28.91
C GLU D 203 30.08 -6.37 27.93
N ASN D 204 30.37 -5.98 26.69
CA ASN D 204 29.38 -5.85 25.61
C ASN D 204 28.36 -4.74 25.86
N ARG D 205 28.71 -3.77 26.71
CA ARG D 205 27.99 -2.50 26.79
C ARG D 205 28.77 -1.45 26.00
N PHE D 206 28.06 -0.41 25.56
CA PHE D 206 28.72 0.62 24.78
C PHE D 206 27.96 1.93 24.92
N PRO D 207 28.64 3.07 24.91
CA PRO D 207 27.96 4.36 24.95
C PRO D 207 27.55 4.83 23.56
N VAL D 208 26.58 5.74 23.56
CA VAL D 208 26.09 6.39 22.35
C VAL D 208 26.04 7.89 22.64
N VAL D 209 26.75 8.68 21.82
CA VAL D 209 26.83 10.13 22.01
C VAL D 209 26.37 10.82 20.74
N PHE D 210 25.52 11.83 20.90
CA PHE D 210 25.04 12.65 19.80
C PHE D 210 25.41 14.09 20.09
N ASP D 211 26.36 14.63 19.30
CA ASP D 211 26.81 16.01 19.52
C ASP D 211 25.65 17.00 19.46
N ARG D 212 24.63 16.69 18.66
CA ARG D 212 23.42 17.51 18.57
C ARG D 212 22.20 16.64 18.70
N PHE D 213 21.34 16.98 19.65
CA PHE D 213 20.09 16.26 19.85
C PHE D 213 19.14 17.17 20.61
N ASP D 214 18.02 17.52 19.99
CA ASP D 214 16.97 18.29 20.66
C ASP D 214 15.91 17.30 21.16
N PRO D 215 15.86 17.02 22.47
CA PRO D 215 14.91 16.01 22.96
C PRO D 215 13.45 16.38 22.73
N LYS D 216 13.13 17.67 22.68
CA LYS D 216 11.76 18.10 22.43
C LYS D 216 11.39 18.08 20.95
N THR D 217 12.34 17.78 20.08
CA THR D 217 12.17 17.91 18.64
C THR D 217 12.60 16.68 17.86
N GLN D 218 13.65 15.99 18.31
CA GLN D 218 14.22 14.86 17.59
C GLN D 218 14.07 13.58 18.40
N ARG D 219 14.54 12.48 17.81
CA ARG D 219 14.41 11.16 18.42
C ARG D 219 15.64 10.33 18.06
N VAL D 220 15.87 9.30 18.86
CA VAL D 220 16.93 8.33 18.60
C VAL D 220 16.35 7.18 17.79
N GLU D 221 17.02 6.81 16.71
CA GLU D 221 16.52 5.78 15.80
C GLU D 221 17.40 4.54 15.87
N LEU D 222 16.77 3.38 16.04
CA LEU D 222 17.44 2.09 16.00
C LEU D 222 17.15 1.46 14.64
N ASP D 223 18.17 1.37 13.79
CA ASP D 223 18.00 0.90 12.42
C ASP D 223 18.17 -0.61 12.37
N LEU D 224 17.06 -1.33 12.15
CA LEU D 224 17.14 -2.77 11.98
C LEU D 224 17.80 -3.17 10.67
N THR D 225 17.78 -2.29 9.67
CA THR D 225 18.49 -2.57 8.42
C THR D 225 19.99 -2.63 8.65
N THR D 226 20.54 -1.70 9.42
CA THR D 226 21.97 -1.72 9.72
C THR D 226 22.34 -2.91 10.60
N LEU D 227 21.46 -3.33 11.50
CA LEU D 227 21.77 -4.42 12.40
C LEU D 227 21.99 -5.74 11.65
N PHE D 228 21.14 -6.01 10.66
CA PHE D 228 21.26 -7.20 9.83
C PHE D 228 21.89 -6.89 8.47
N GLU D 229 22.76 -5.88 8.43
CA GLU D 229 23.40 -5.43 7.20
C GLU D 229 24.05 -6.59 6.45
N SER D 230 25.02 -7.25 7.08
CA SER D 230 25.77 -8.35 6.48
C SER D 230 25.39 -9.70 7.07
N SER D 231 24.13 -9.85 7.49
CA SER D 231 23.64 -11.08 8.08
C SER D 231 22.54 -11.65 7.19
N ASP D 232 22.65 -12.93 6.85
CA ASP D 232 21.60 -13.61 6.09
C ASP D 232 20.70 -14.34 7.07
N ILE D 233 19.50 -13.81 7.26
CA ILE D 233 18.52 -14.36 8.19
C ILE D 233 17.91 -15.62 7.60
N SER D 234 18.34 -16.00 6.39
CA SER D 234 17.88 -17.25 5.81
C SER D 234 18.49 -18.45 6.53
N VAL D 235 19.77 -18.37 6.87
CA VAL D 235 20.51 -19.50 7.42
C VAL D 235 21.21 -19.08 8.70
N ASP D 236 21.47 -20.07 9.55
CA ASP D 236 22.39 -19.94 10.67
C ASP D 236 23.68 -20.65 10.30
N LYS D 237 24.81 -20.09 10.76
CA LYS D 237 26.12 -20.63 10.40
C LYS D 237 26.74 -21.46 11.51
N GLY D 238 26.03 -21.69 12.60
CA GLY D 238 26.55 -22.47 13.71
C GLY D 238 26.38 -21.74 15.03
N GLY D 239 26.29 -22.52 16.10
CA GLY D 239 26.00 -21.97 17.41
C GLY D 239 24.51 -21.81 17.61
N ALA D 240 24.10 -20.85 18.44
CA ALA D 240 22.69 -20.57 18.59
C ALA D 240 22.13 -19.97 17.30
N VAL D 241 20.82 -20.10 17.12
CA VAL D 241 20.18 -19.53 15.94
C VAL D 241 20.27 -18.02 16.01
N GLY D 242 20.93 -17.43 15.01
CA GLY D 242 21.23 -16.01 15.06
C GLY D 242 22.51 -15.75 15.82
N CYS D 243 22.51 -14.68 16.63
CA CYS D 243 23.70 -14.23 17.32
C CYS D 243 23.40 -14.08 18.80
N MET D 244 24.19 -14.73 19.65
CA MET D 244 24.01 -14.65 21.10
C MET D 244 25.32 -14.31 21.80
N SER D 245 26.12 -13.44 21.17
CA SER D 245 27.34 -12.85 21.71
C SER D 245 28.46 -13.86 21.94
N ALA D 246 28.28 -15.13 21.57
CA ALA D 246 29.35 -16.10 21.70
C ALA D 246 30.46 -15.79 20.70
N LEU D 247 31.72 -15.81 21.17
CA LEU D 247 32.84 -15.48 20.31
C LEU D 247 32.98 -16.51 19.18
N ASP D 248 32.84 -17.79 19.50
CA ASP D 248 32.97 -18.83 18.49
C ASP D 248 31.78 -18.87 17.53
N ASP D 249 30.73 -18.10 17.78
CA ASP D 249 29.57 -18.10 16.91
C ASP D 249 29.90 -17.36 15.62
N PRO D 250 29.78 -18.01 14.45
CA PRO D 250 30.15 -17.32 13.20
C PRO D 250 29.22 -16.19 12.82
N ASP D 251 28.02 -16.13 13.37
CA ASP D 251 27.04 -15.12 12.96
C ASP D 251 27.28 -13.77 13.61
N CYS D 252 27.83 -13.75 14.82
CA CYS D 252 27.95 -12.55 15.65
C CYS D 252 28.94 -11.50 15.15
N PRO D 253 30.05 -11.86 14.49
CA PRO D 253 30.95 -10.79 14.01
C PRO D 253 30.27 -9.71 13.19
N ALA D 254 29.38 -10.11 12.27
CA ALA D 254 28.65 -9.12 11.49
C ALA D 254 27.70 -8.30 12.38
N VAL D 255 27.04 -8.96 13.34
CA VAL D 255 26.14 -8.27 14.24
C VAL D 255 26.90 -7.25 15.10
N PHE D 256 28.03 -7.69 15.66
CA PHE D 256 28.78 -6.83 16.57
C PHE D 256 29.40 -5.63 15.85
N ARG D 257 29.76 -5.79 14.57
CA ARG D 257 30.21 -4.65 13.79
C ARG D 257 29.11 -3.60 13.68
N ALA D 258 27.86 -4.05 13.50
CA ALA D 258 26.74 -3.12 13.44
C ALA D 258 26.43 -2.51 14.80
N LEU D 259 26.69 -3.26 15.88
CA LEU D 259 26.51 -2.69 17.21
C LEU D 259 27.58 -1.65 17.52
N GLY D 260 28.78 -1.83 16.98
CA GLY D 260 29.92 -1.04 17.37
C GLY D 260 30.80 -1.69 18.42
N LEU D 261 30.67 -2.99 18.63
CA LEU D 261 31.39 -3.72 19.66
C LEU D 261 32.44 -4.63 19.05
N ASN D 262 33.53 -4.82 19.79
CA ASN D 262 34.51 -5.84 19.44
C ASN D 262 34.03 -7.20 19.95
N LEU D 263 33.95 -8.17 19.05
CA LEU D 263 33.61 -9.52 19.48
C LEU D 263 34.81 -10.12 20.20
N ALA D 264 35.87 -10.44 19.45
CA ALA D 264 37.16 -10.79 20.02
C ALA D 264 38.06 -9.56 19.95
N ASP D 265 39.34 -9.75 20.27
CA ASP D 265 40.30 -8.66 20.15
C ASP D 265 40.42 -8.24 18.68
N SER D 266 40.49 -6.92 18.45
CA SER D 266 40.65 -6.42 17.08
C SER D 266 41.95 -6.91 16.47
N ALA D 267 43.06 -6.66 17.16
CA ALA D 267 44.37 -7.20 16.83
C ALA D 267 44.86 -8.06 17.98
N PRO D 268 45.78 -8.99 17.74
CA PRO D 268 46.31 -9.82 18.83
C PRO D 268 46.99 -8.96 19.89
N GLY D 269 46.52 -9.09 21.13
CA GLY D 269 47.05 -8.34 22.24
C GLY D 269 46.36 -7.02 22.49
N ALA D 270 45.46 -6.58 21.61
CA ALA D 270 44.81 -5.28 21.76
C ALA D 270 43.89 -5.23 22.98
N ASN D 271 43.46 -6.39 23.50
CA ASN D 271 42.79 -6.47 24.80
C ASN D 271 41.52 -5.63 24.85
N ASP D 272 40.75 -5.62 23.75
CA ASP D 272 39.57 -4.79 23.68
C ASP D 272 38.32 -5.58 23.33
N ALA D 273 38.31 -6.90 23.59
CA ALA D 273 37.11 -7.69 23.34
C ALA D 273 36.00 -7.24 24.28
N GLY D 274 34.78 -7.19 23.74
CA GLY D 274 33.64 -6.70 24.49
C GLY D 274 33.62 -5.21 24.74
N LYS D 275 34.59 -4.46 24.20
CA LYS D 275 34.71 -3.02 24.33
C LYS D 275 34.32 -2.34 23.03
N PRO D 276 33.82 -1.10 23.08
CA PRO D 276 33.38 -0.44 21.85
C PRO D 276 34.52 -0.25 20.85
N SER D 277 34.21 -0.46 19.57
CA SER D 277 35.21 -0.24 18.53
C SER D 277 35.56 1.23 18.41
N ARG D 278 34.55 2.08 18.30
CA ARG D 278 34.72 3.53 18.29
C ARG D 278 33.80 4.11 19.35
N PRO D 279 34.30 4.33 20.56
CA PRO D 279 33.43 4.66 21.70
C PRO D 279 32.57 5.89 21.45
N GLY D 280 31.27 5.73 21.64
CA GLY D 280 30.31 6.78 21.41
C GLY D 280 29.59 6.70 20.08
N VAL D 281 30.03 5.85 19.18
CA VAL D 281 29.44 5.71 17.84
C VAL D 281 29.00 4.26 17.68
N SER D 282 27.73 4.07 17.35
CA SER D 282 27.16 2.75 17.09
C SER D 282 26.43 2.82 15.75
N PRO D 283 26.80 2.00 14.77
CA PRO D 283 26.16 2.08 13.44
C PRO D 283 24.64 2.00 13.46
N ILE D 284 24.03 1.26 14.38
CA ILE D 284 22.58 1.09 14.38
C ILE D 284 21.83 2.22 15.09
N PHE D 285 22.54 3.23 15.58
CA PHE D 285 21.93 4.34 16.30
C PHE D 285 22.24 5.66 15.60
N SER D 286 21.20 6.44 15.32
CA SER D 286 21.36 7.77 14.76
C SER D 286 20.23 8.67 15.23
N VAL D 287 20.33 9.93 14.88
CA VAL D 287 19.30 10.92 15.19
C VAL D 287 18.32 10.99 14.04
N GLY D 288 17.04 10.99 14.37
CA GLY D 288 15.99 11.18 13.40
C GLY D 288 15.05 12.29 13.84
N ALA D 289 13.94 12.48 13.13
CA ALA D 289 13.00 13.55 13.43
C ALA D 289 11.65 12.93 13.77
N ALA D 290 11.28 12.99 15.05
CA ALA D 290 10.00 12.48 15.50
C ALA D 290 8.86 13.35 15.00
N LYS E 4 -24.26 6.10 -28.14
CA LYS E 4 -24.46 4.71 -28.54
C LYS E 4 -23.66 3.76 -27.65
N THR E 5 -22.35 3.96 -27.60
CA THR E 5 -21.45 3.08 -26.88
C THR E 5 -21.02 3.71 -25.56
N GLN E 6 -20.43 2.88 -24.70
CA GLN E 6 -19.80 3.31 -23.46
C GLN E 6 -18.57 2.44 -23.23
N PRO E 7 -17.49 3.03 -22.72
CA PRO E 7 -16.24 2.25 -22.56
C PRO E 7 -16.39 1.13 -21.54
N VAL E 8 -15.72 0.02 -21.82
CA VAL E 8 -15.67 -1.13 -20.92
C VAL E 8 -14.21 -1.44 -20.62
N ALA E 9 -13.94 -1.84 -19.38
CA ALA E 9 -12.59 -2.21 -18.97
C ALA E 9 -12.69 -3.33 -17.94
N VAL E 10 -12.31 -4.53 -18.33
CA VAL E 10 -12.38 -5.70 -17.46
C VAL E 10 -10.98 -6.03 -16.99
N ARG E 11 -10.72 -5.83 -15.69
CA ARG E 11 -9.40 -6.06 -15.12
C ARG E 11 -9.26 -7.53 -14.71
N PHE E 12 -8.08 -8.09 -14.99
CA PHE E 12 -7.72 -9.42 -14.55
C PHE E 12 -6.58 -9.34 -13.55
N ALA E 13 -6.51 -10.32 -12.66
CA ALA E 13 -5.47 -10.36 -11.64
C ALA E 13 -5.03 -11.81 -11.42
N LEU E 14 -3.73 -11.99 -11.25
CA LEU E 14 -3.15 -13.28 -10.90
C LEU E 14 -2.96 -13.32 -9.38
N VAL E 15 -3.46 -14.38 -8.74
CA VAL E 15 -3.35 -14.53 -7.30
C VAL E 15 -2.82 -15.93 -6.97
N ALA E 16 -2.20 -16.04 -5.81
CA ALA E 16 -1.64 -17.30 -5.33
C ALA E 16 -1.50 -17.23 -3.82
N ASP E 17 -1.94 -18.28 -3.13
CA ASP E 17 -1.97 -18.32 -1.66
C ASP E 17 -2.67 -17.09 -1.10
N GLY E 18 -3.71 -16.64 -1.79
CA GLY E 18 -4.54 -15.56 -1.30
C GLY E 18 -3.98 -14.17 -1.44
N LYS E 19 -2.88 -13.98 -2.16
CA LYS E 19 -2.32 -12.65 -2.39
C LYS E 19 -2.16 -12.42 -3.90
N GLU E 20 -2.21 -11.15 -4.29
CA GLU E 20 -2.06 -10.81 -5.70
C GLU E 20 -0.60 -10.92 -6.10
N VAL E 21 -0.30 -11.80 -7.05
CA VAL E 21 1.05 -11.99 -7.53
C VAL E 21 1.16 -11.44 -8.95
N GLY E 22 2.17 -11.89 -9.68
CA GLY E 22 2.46 -11.33 -10.98
C GLY E 22 3.77 -10.57 -10.97
N CYS E 23 4.33 -10.39 -12.17
CA CYS E 23 5.66 -9.82 -12.29
C CYS E 23 6.61 -10.65 -11.43
N GLY E 24 7.54 -10.02 -10.72
CA GLY E 24 8.51 -10.76 -9.93
C GLY E 24 8.06 -11.17 -8.53
N ALA E 25 6.76 -11.15 -8.26
CA ALA E 25 6.28 -11.50 -6.93
C ALA E 25 6.53 -12.98 -6.63
N PRO E 26 6.86 -13.33 -5.39
CA PRO E 26 7.02 -14.75 -5.05
C PRO E 26 5.70 -15.48 -5.02
N LEU E 27 5.76 -16.78 -5.28
CA LEU E 27 4.59 -17.66 -5.25
C LEU E 27 4.71 -18.57 -4.03
N ALA E 28 3.85 -18.36 -3.05
CA ALA E 28 3.92 -19.09 -1.79
C ALA E 28 3.04 -20.32 -1.82
N ASN E 29 3.51 -21.39 -1.17
CA ASN E 29 2.74 -22.60 -0.90
C ASN E 29 2.04 -23.13 -2.15
N LEU E 30 2.87 -23.45 -3.14
CA LEU E 30 2.40 -23.89 -4.45
C LEU E 30 2.38 -25.41 -4.52
N GLY E 31 1.31 -25.96 -5.09
CA GLY E 31 1.21 -27.39 -5.27
C GLY E 31 0.87 -28.13 -3.99
N SER E 32 0.74 -29.45 -4.12
CA SER E 32 0.41 -30.29 -2.99
C SER E 32 1.52 -30.35 -1.96
N GLY E 33 2.76 -30.04 -2.35
CA GLY E 33 3.86 -29.95 -1.41
C GLY E 33 4.01 -28.62 -0.71
N ARG E 34 3.22 -27.63 -1.12
CA ARG E 34 3.28 -26.28 -0.57
C ARG E 34 4.70 -25.73 -0.62
N LEU E 35 5.21 -25.57 -1.83
CA LEU E 35 6.57 -25.12 -2.07
C LEU E 35 6.60 -23.64 -2.43
N ALA E 36 7.78 -23.06 -2.30
CA ALA E 36 8.03 -21.68 -2.71
C ALA E 36 8.50 -21.70 -4.15
N GLY E 37 7.67 -21.18 -5.06
CA GLY E 37 8.02 -21.18 -6.47
C GLY E 37 8.16 -19.80 -7.05
N LYS E 38 8.86 -19.69 -8.18
CA LYS E 38 8.98 -18.45 -8.93
C LYS E 38 8.10 -18.53 -10.18
N LEU E 39 7.45 -17.43 -10.50
CA LEU E 39 6.62 -17.37 -11.70
C LEU E 39 7.52 -17.15 -12.91
N HIS E 40 7.48 -18.08 -13.86
CA HIS E 40 8.24 -17.90 -15.09
C HIS E 40 7.41 -17.26 -16.19
N GLU E 41 6.16 -17.68 -16.35
CA GLU E 41 5.30 -17.10 -17.37
C GLU E 41 3.84 -17.35 -16.99
N ALA E 42 2.99 -16.37 -17.31
CA ALA E 42 1.55 -16.48 -17.11
C ALA E 42 0.87 -15.70 -18.22
N ARG E 43 0.53 -16.40 -19.30
CA ARG E 43 -0.11 -15.80 -20.46
C ARG E 43 -1.29 -16.66 -20.89
N LEU E 44 -2.35 -16.01 -21.36
CA LEU E 44 -3.48 -16.73 -21.89
C LEU E 44 -4.27 -15.84 -22.84
N TYR E 45 -4.85 -16.46 -23.86
CA TYR E 45 -5.78 -15.80 -24.74
C TYR E 45 -7.18 -15.88 -24.16
N VAL E 46 -7.93 -14.79 -24.30
CA VAL E 46 -9.34 -14.76 -23.91
C VAL E 46 -10.11 -14.11 -25.04
N TYR E 47 -11.39 -14.48 -25.17
CA TYR E 47 -12.18 -14.01 -26.29
C TYR E 47 -13.66 -14.03 -25.91
N GLY E 48 -14.47 -13.49 -26.82
CA GLY E 48 -15.92 -13.50 -26.67
C GLY E 48 -16.43 -12.84 -25.41
N PHE E 49 -15.98 -11.60 -25.15
CA PHE E 49 -16.39 -10.89 -23.96
C PHE E 49 -17.80 -10.33 -24.13
N GLU E 50 -18.64 -10.53 -23.12
CA GLU E 50 -20.02 -10.09 -23.15
C GLU E 50 -20.41 -9.54 -21.79
N LEU E 51 -21.21 -8.48 -21.81
CA LEU E 51 -21.85 -7.97 -20.60
C LEU E 51 -23.27 -8.54 -20.52
N VAL E 52 -23.70 -8.87 -19.30
CA VAL E 52 -24.99 -9.51 -19.06
C VAL E 52 -25.86 -8.54 -18.28
N ASP E 53 -27.05 -8.26 -18.80
CA ASP E 53 -27.96 -7.35 -18.15
C ASP E 53 -28.87 -8.09 -17.17
N ALA E 54 -29.73 -7.34 -16.47
CA ALA E 54 -30.57 -7.93 -15.43
C ALA E 54 -31.50 -9.00 -16.00
N LYS E 55 -31.96 -8.80 -17.23
CA LYS E 55 -32.78 -9.79 -17.91
C LYS E 55 -31.95 -10.85 -18.63
N GLY E 56 -30.69 -11.04 -18.23
CA GLY E 56 -29.88 -12.15 -18.69
C GLY E 56 -29.47 -12.14 -20.15
N LYS E 57 -29.69 -11.05 -20.87
CA LYS E 57 -29.25 -10.96 -22.25
C LYS E 57 -27.76 -10.64 -22.31
N HIS E 58 -27.12 -11.07 -23.39
CA HIS E 58 -25.68 -10.96 -23.55
C HIS E 58 -25.36 -9.91 -24.61
N THR E 59 -24.67 -8.85 -24.20
CA THR E 59 -24.26 -7.78 -25.10
C THR E 59 -22.77 -7.90 -25.35
N PRO E 60 -22.33 -8.10 -26.59
CA PRO E 60 -20.90 -8.28 -26.84
C PRO E 60 -20.13 -6.98 -26.67
N ILE E 61 -18.93 -7.10 -26.09
CA ILE E 61 -18.01 -5.99 -25.97
C ILE E 61 -17.20 -5.89 -27.26
N ALA E 62 -17.23 -4.72 -27.90
CA ALA E 62 -16.39 -4.47 -29.07
C ALA E 62 -14.99 -4.12 -28.59
N LEU E 63 -14.05 -5.03 -28.81
CA LEU E 63 -12.71 -4.87 -28.26
C LEU E 63 -11.93 -3.81 -29.01
N THR E 64 -11.26 -2.93 -28.27
CA THR E 64 -10.37 -1.96 -28.88
C THR E 64 -9.25 -2.67 -29.63
N GLN E 65 -9.08 -2.32 -30.89
CA GLN E 65 -8.06 -2.95 -31.74
C GLN E 65 -6.71 -2.30 -31.46
N ASN E 66 -5.80 -3.05 -30.86
CA ASN E 66 -4.45 -2.57 -30.58
C ASN E 66 -3.49 -3.74 -30.71
N ASP E 67 -2.35 -3.64 -30.03
CA ASP E 67 -1.33 -4.68 -30.11
C ASP E 67 -1.71 -5.91 -29.30
N TRP E 68 -2.52 -5.74 -28.26
CA TRP E 68 -2.89 -6.84 -27.38
C TRP E 68 -4.26 -7.42 -27.69
N GLN E 69 -5.01 -6.83 -28.62
CA GLN E 69 -6.38 -7.25 -28.88
C GLN E 69 -6.65 -7.19 -30.38
N TYR E 70 -7.12 -8.30 -30.95
CA TYR E 70 -7.42 -8.39 -32.37
C TYR E 70 -8.76 -9.08 -32.54
N ALA E 71 -9.67 -8.44 -33.28
CA ALA E 71 -11.03 -8.93 -33.50
C ALA E 71 -11.72 -9.01 -32.14
N ASP E 72 -12.10 -10.20 -31.67
CA ASP E 72 -12.69 -10.36 -30.34
C ASP E 72 -11.75 -11.07 -29.38
N VAL E 73 -10.46 -11.13 -29.70
CA VAL E 73 -9.48 -11.91 -28.96
C VAL E 73 -8.51 -10.98 -28.28
N ALA E 74 -8.25 -11.22 -26.99
CA ALA E 74 -7.30 -10.45 -26.21
C ALA E 74 -6.26 -11.39 -25.60
N LEU E 75 -5.07 -10.85 -25.35
CA LEU E 75 -3.97 -11.62 -24.78
C LEU E 75 -3.60 -11.05 -23.43
N LEU E 76 -3.76 -11.86 -22.38
CA LEU E 76 -3.37 -11.45 -21.03
C LEU E 76 -1.97 -11.96 -20.73
N ASP E 77 -1.16 -11.09 -20.10
CA ASP E 77 0.21 -11.40 -19.73
C ASP E 77 0.49 -10.76 -18.38
N PHE E 78 0.85 -11.57 -17.39
CA PHE E 78 1.01 -11.10 -16.03
C PHE E 78 2.46 -10.88 -15.63
N LYS E 79 3.40 -11.07 -16.56
CA LYS E 79 4.80 -10.83 -16.27
C LYS E 79 5.18 -9.39 -16.59
N ASP E 80 6.23 -8.91 -15.93
CA ASP E 80 6.79 -7.60 -16.23
C ASP E 80 7.75 -7.71 -17.41
N ALA E 81 7.92 -6.59 -18.12
CA ALA E 81 8.78 -6.58 -19.29
C ALA E 81 10.24 -6.83 -18.91
N ARG E 82 10.68 -6.28 -17.78
CA ARG E 82 12.08 -6.42 -17.38
C ARG E 82 12.44 -7.88 -17.11
N GLY E 83 11.56 -8.63 -16.47
CA GLY E 83 11.90 -9.94 -15.98
C GLY E 83 12.64 -9.93 -14.66
N GLY E 84 12.42 -8.91 -13.84
CA GLY E 84 13.10 -8.79 -12.58
C GLY E 84 12.46 -9.61 -11.47
N ASN E 85 12.97 -9.42 -10.26
CA ASN E 85 12.50 -10.14 -9.09
C ASN E 85 11.65 -9.26 -8.16
N ALA E 86 11.06 -8.20 -8.69
CA ALA E 86 10.24 -7.29 -7.92
C ALA E 86 8.78 -7.42 -8.32
N ALA E 87 7.89 -7.18 -7.36
CA ALA E 87 6.46 -7.25 -7.63
C ALA E 87 6.03 -6.05 -8.47
N CYS E 88 4.79 -6.10 -8.95
CA CYS E 88 4.34 -5.13 -9.94
C CYS E 88 4.28 -3.74 -9.34
N THR E 89 4.61 -2.74 -10.15
CA THR E 89 4.57 -1.32 -9.82
C THR E 89 4.12 -0.56 -11.06
N PRO E 90 3.64 0.67 -10.90
CA PRO E 90 3.33 1.48 -12.09
C PRO E 90 4.50 1.68 -13.03
N GLY E 91 5.73 1.76 -12.51
CA GLY E 91 6.90 1.90 -13.38
C GLY E 91 7.25 0.61 -14.09
N ASN E 92 7.15 -0.52 -13.38
CA ASN E 92 7.41 -1.85 -13.94
C ASN E 92 6.15 -2.70 -13.74
N PRO E 93 5.16 -2.55 -14.61
CA PRO E 93 3.90 -3.27 -14.44
C PRO E 93 3.90 -4.61 -15.18
N ALA E 94 2.88 -5.40 -14.87
CA ALA E 94 2.54 -6.53 -15.74
C ALA E 94 2.19 -6.00 -17.13
N LYS E 95 2.45 -6.83 -18.14
CA LYS E 95 2.43 -6.32 -19.51
C LYS E 95 1.02 -5.97 -19.97
N ASN E 96 0.02 -6.79 -19.63
CA ASN E 96 -1.34 -6.55 -20.10
C ASN E 96 -2.32 -7.34 -19.26
N THR E 97 -3.08 -6.67 -18.40
CA THR E 97 -4.01 -7.32 -17.48
C THR E 97 -5.44 -6.83 -17.61
N THR E 98 -5.75 -5.97 -18.58
CA THR E 98 -7.07 -5.38 -18.69
C THR E 98 -7.57 -5.49 -20.13
N VAL E 99 -8.74 -6.10 -20.29
CA VAL E 99 -9.44 -6.10 -21.58
C VAL E 99 -10.25 -4.83 -21.69
N VAL E 100 -10.06 -4.10 -22.78
CA VAL E 100 -10.69 -2.80 -22.97
C VAL E 100 -11.56 -2.84 -24.22
N GLY E 101 -12.64 -2.08 -24.19
CA GLY E 101 -13.52 -2.02 -25.33
C GLY E 101 -14.73 -1.15 -25.06
N ALA E 102 -15.77 -1.35 -25.87
CA ALA E 102 -16.99 -0.58 -25.76
C ALA E 102 -18.20 -1.50 -25.91
N ALA E 103 -19.27 -1.15 -25.22
CA ALA E 103 -20.55 -1.83 -25.31
C ALA E 103 -21.64 -0.78 -25.49
N PRO E 104 -22.78 -1.17 -26.07
CA PRO E 104 -23.93 -0.25 -26.10
C PRO E 104 -24.25 0.30 -24.72
N GLN E 105 -24.75 1.53 -24.70
CA GLN E 105 -25.04 2.20 -23.44
C GLN E 105 -26.20 1.50 -22.72
N GLY E 106 -26.10 1.46 -21.40
CA GLY E 106 -27.12 0.81 -20.59
C GLY E 106 -26.49 0.24 -19.33
N ALA E 107 -27.37 -0.30 -18.48
CA ALA E 107 -26.95 -0.89 -17.21
C ALA E 107 -26.73 -2.38 -17.38
N TYR E 108 -25.63 -2.88 -16.82
CA TYR E 108 -25.29 -4.29 -16.85
C TYR E 108 -24.95 -4.76 -15.44
N VAL E 109 -25.05 -6.07 -15.24
CA VAL E 109 -24.90 -6.65 -13.90
C VAL E 109 -23.87 -7.78 -13.92
N GLY E 110 -23.72 -8.46 -15.06
CA GLY E 110 -22.91 -9.65 -15.14
C GLY E 110 -21.86 -9.56 -16.24
N LEU E 111 -21.05 -10.62 -16.31
CA LEU E 111 -19.97 -10.71 -17.28
C LEU E 111 -19.85 -12.15 -17.76
N ALA E 112 -19.59 -12.31 -19.06
CA ALA E 112 -19.27 -13.60 -19.65
C ALA E 112 -18.09 -13.44 -20.59
N PHE E 113 -17.21 -14.45 -20.60
CA PHE E 113 -16.10 -14.49 -21.55
C PHE E 113 -15.65 -15.93 -21.68
N SER E 114 -14.71 -16.16 -22.60
CA SER E 114 -14.23 -17.49 -22.89
C SER E 114 -12.70 -17.51 -22.84
N VAL E 115 -12.16 -18.64 -22.40
CA VAL E 115 -10.72 -18.84 -22.28
C VAL E 115 -10.25 -19.66 -23.47
N GLY E 116 -9.24 -19.15 -24.17
CA GLY E 116 -8.65 -19.84 -25.29
C GLY E 116 -8.56 -18.96 -26.51
N ALA E 117 -8.08 -19.56 -27.60
CA ALA E 117 -8.04 -18.90 -28.90
C ALA E 117 -9.06 -19.56 -29.82
N PRO E 118 -10.09 -18.84 -30.27
CA PRO E 118 -11.10 -19.47 -31.11
C PRO E 118 -10.53 -19.89 -32.45
N VAL E 119 -11.24 -20.81 -33.12
CA VAL E 119 -10.79 -21.30 -34.41
C VAL E 119 -10.79 -20.18 -35.44
N GLU E 120 -11.82 -19.35 -35.45
CA GLU E 120 -11.85 -18.19 -36.32
C GLU E 120 -12.58 -17.04 -35.62
N SER E 121 -12.44 -15.86 -36.20
CA SER E 121 -13.08 -14.64 -35.68
C SER E 121 -13.47 -13.77 -36.87
N LEU E 122 -14.23 -12.72 -36.58
CA LEU E 122 -14.76 -11.83 -37.61
C LEU E 122 -14.07 -10.48 -37.56
N VAL E 123 -13.61 -10.01 -38.72
CA VAL E 123 -13.08 -8.67 -38.88
C VAL E 123 -13.77 -8.05 -40.08
N ASP E 124 -14.52 -6.97 -39.84
CA ASP E 124 -15.30 -6.29 -40.89
C ASP E 124 -16.27 -7.27 -41.56
N GLY E 125 -16.96 -8.07 -40.75
CA GLY E 125 -17.88 -9.07 -41.26
C GLY E 125 -17.26 -10.22 -42.01
N LYS E 126 -15.93 -10.27 -42.09
CA LYS E 126 -15.18 -11.31 -42.80
C LYS E 126 -14.41 -12.17 -41.81
N PRO E 127 -14.36 -13.48 -42.03
CA PRO E 127 -13.68 -14.36 -41.09
C PRO E 127 -12.18 -14.47 -41.33
N VAL E 128 -11.46 -14.75 -40.24
CA VAL E 128 -10.02 -14.99 -40.28
C VAL E 128 -9.71 -16.12 -39.30
N PHE E 129 -8.80 -17.01 -39.71
CA PHE E 129 -8.33 -18.04 -38.80
C PHE E 129 -7.56 -17.41 -37.65
N VAL E 130 -7.85 -17.86 -36.43
CA VAL E 130 -7.15 -17.35 -35.26
C VAL E 130 -6.23 -18.43 -34.71
N ASN E 131 -6.82 -19.46 -34.11
CA ASN E 131 -6.02 -20.44 -33.35
C ASN E 131 -5.01 -21.14 -34.23
N HIS E 132 -5.38 -21.50 -35.46
CA HIS E 132 -4.52 -22.28 -36.33
C HIS E 132 -3.80 -21.43 -37.38
N SER E 133 -3.77 -20.12 -37.20
CA SER E 133 -3.08 -19.25 -38.15
C SER E 133 -1.57 -19.38 -38.01
N ASN E 134 -0.85 -18.76 -38.95
CA ASN E 134 0.61 -18.68 -38.87
C ASN E 134 1.00 -17.65 -37.84
N VAL E 135 1.77 -18.07 -36.83
CA VAL E 135 2.29 -17.11 -35.88
C VAL E 135 3.23 -16.11 -36.55
N GLU E 136 3.80 -16.47 -37.70
CA GLU E 136 4.70 -15.57 -38.41
C GLU E 136 3.95 -14.52 -39.22
N ALA E 137 2.71 -14.82 -39.63
CA ALA E 137 1.92 -13.89 -40.44
C ALA E 137 0.77 -13.25 -39.67
N ALA E 138 0.30 -13.87 -38.59
CA ALA E 138 -0.88 -13.38 -37.92
C ALA E 138 -0.62 -12.01 -37.31
N PRO E 139 -1.61 -11.11 -37.30
CA PRO E 139 -1.44 -9.80 -36.68
C PRO E 139 -1.34 -9.92 -35.17
N PRO E 140 -0.86 -8.89 -34.48
CA PRO E 140 -0.84 -8.92 -33.01
C PRO E 140 -2.25 -9.05 -32.47
N PRO E 141 -2.44 -9.77 -31.34
CA PRO E 141 -1.41 -10.46 -30.55
C PRO E 141 -1.24 -11.95 -30.88
N LEU E 142 -1.62 -12.35 -32.09
CA LEU E 142 -1.48 -13.74 -32.51
C LEU E 142 -0.10 -14.05 -33.09
N ASP E 143 0.84 -13.09 -33.00
CA ASP E 143 2.18 -13.26 -33.53
C ASP E 143 3.20 -13.55 -32.43
N ILE E 144 2.76 -14.09 -31.29
CA ILE E 144 3.63 -14.42 -30.18
C ILE E 144 4.02 -15.89 -30.34
N SER E 145 5.21 -16.15 -30.88
CA SER E 145 5.60 -17.54 -31.10
C SER E 145 5.87 -18.27 -29.79
N GLY E 146 6.17 -17.54 -28.71
CA GLY E 146 6.26 -18.15 -27.40
C GLY E 146 4.97 -18.79 -26.93
N MET E 147 3.86 -18.54 -27.62
CA MET E 147 2.57 -19.17 -27.33
C MET E 147 2.07 -20.01 -28.51
N ALA E 148 2.94 -20.31 -29.46
CA ALA E 148 2.55 -21.10 -30.62
C ALA E 148 3.15 -22.50 -30.54
C KYN E 149 3.20 -25.08 -32.35
N KYN E 149 2.32 -23.51 -30.76
C1 KYN E 149 1.59 -25.88 -28.95
N1 KYN E 149 1.82 -27.34 -26.40
O2 KYN E 149 2.37 -25.23 -28.25
CA KYN E 149 2.79 -24.86 -30.90
CB KYN E 149 1.73 -25.90 -30.45
CG KYN E 149 0.64 -27.36 -27.12
CZ KYN E 149 -1.81 -27.47 -28.51
CD1 KYN E 149 -0.46 -28.10 -26.61
CD2 KYN E 149 0.48 -26.67 -28.35
CE1 KYN E 149 -1.67 -28.15 -27.30
CE2 KYN E 149 -0.76 -26.74 -29.03
O KYN E 149 4.37 -25.11 -32.73
N ASN E 150 2.17 -25.21 -33.19
CA ASN E 150 2.29 -25.07 -34.64
C ASN E 150 0.87 -24.89 -35.19
N TRP E 151 0.75 -24.76 -36.50
CA TRP E 151 -0.59 -24.50 -37.08
C TRP E 151 -1.56 -25.63 -36.79
N GLN E 152 -1.12 -26.86 -36.99
CA GLN E 152 -1.99 -28.01 -36.79
C GLN E 152 -2.47 -28.09 -35.35
N ALA E 153 -1.54 -28.09 -34.41
CA ALA E 153 -1.91 -28.13 -32.99
C ALA E 153 -2.58 -26.85 -32.53
N GLY E 154 -2.40 -25.74 -33.25
CA GLY E 154 -2.90 -24.46 -32.79
C GLY E 154 -1.98 -23.84 -31.77
N ARG E 155 -2.51 -22.85 -31.06
CA ARG E 155 -1.77 -22.20 -29.99
C ARG E 155 -1.91 -22.96 -28.69
N ARG E 156 -0.90 -22.84 -27.84
CA ARG E 156 -1.08 -23.14 -26.41
C ARG E 156 -1.67 -21.87 -25.80
N PHE E 157 -3.00 -21.75 -25.89
CA PHE E 157 -3.64 -20.49 -25.55
C PHE E 157 -3.69 -20.22 -24.05
N VAL E 158 -3.18 -21.13 -23.22
CA VAL E 158 -2.91 -20.86 -21.82
C VAL E 158 -1.52 -21.41 -21.51
N THR E 159 -0.59 -20.52 -21.16
CA THR E 159 0.78 -20.89 -20.85
C THR E 159 1.12 -20.34 -19.46
N ILE E 160 1.13 -21.20 -18.46
CA ILE E 160 1.54 -20.84 -17.11
C ILE E 160 2.69 -21.75 -16.72
N GLU E 161 3.80 -21.14 -16.29
CA GLU E 161 5.03 -21.88 -16.04
C GLU E 161 5.63 -21.39 -14.74
N VAL E 162 5.85 -22.32 -13.80
CA VAL E 162 6.36 -22.00 -12.47
C VAL E 162 7.69 -22.71 -12.28
N ILE E 163 8.52 -22.15 -11.41
CA ILE E 163 9.84 -22.71 -11.14
C ILE E 163 9.92 -23.10 -9.66
N PRO E 164 9.88 -24.39 -9.35
CA PRO E 164 9.93 -24.83 -7.95
C PRO E 164 11.35 -24.74 -7.41
N PRO E 165 11.52 -24.81 -6.08
CA PRO E 165 12.86 -24.54 -5.52
C PRO E 165 13.89 -25.59 -5.87
N ALA E 166 13.51 -26.86 -5.93
CA ALA E 166 14.43 -27.96 -6.22
C ALA E 166 14.16 -28.57 -7.60
N ALA E 167 13.79 -27.73 -8.57
CA ALA E 167 13.55 -28.16 -9.94
C ALA E 167 12.44 -29.22 -10.01
N VAL E 168 12.37 -29.94 -11.13
CA VAL E 168 11.35 -30.95 -11.38
C VAL E 168 12.05 -32.24 -11.74
N ILE E 169 11.61 -33.35 -11.15
CA ILE E 169 12.18 -34.67 -11.42
C ILE E 169 11.24 -35.44 -12.32
N LYS E 170 11.76 -35.93 -13.44
CA LYS E 170 11.01 -36.72 -14.40
C LYS E 170 11.10 -38.20 -14.03
N PRO E 171 10.25 -39.05 -14.64
CA PRO E 171 10.26 -40.47 -14.25
C PRO E 171 11.61 -41.15 -14.45
N ASP E 172 12.27 -40.90 -15.58
CA ASP E 172 13.59 -41.48 -15.79
C ASP E 172 14.61 -40.97 -14.78
N GLY E 173 14.35 -39.81 -14.17
CA GLY E 173 15.22 -39.24 -13.16
C GLY E 173 15.83 -37.91 -13.54
N SER E 174 15.84 -37.57 -14.82
CA SER E 174 16.45 -36.32 -15.26
C SER E 174 15.69 -35.13 -14.72
N LYS E 175 16.42 -34.11 -14.28
CA LYS E 175 15.79 -32.93 -13.69
C LYS E 175 15.57 -31.84 -14.73
N SER E 176 14.46 -31.13 -14.56
CA SER E 176 14.10 -30.00 -15.42
C SER E 176 13.80 -28.80 -14.54
N ARG E 177 13.92 -27.60 -15.12
CA ARG E 177 13.82 -26.39 -14.32
C ARG E 177 12.38 -25.98 -14.06
N THR E 178 11.50 -26.14 -15.05
CA THR E 178 10.19 -25.51 -15.03
C THR E 178 9.07 -26.54 -15.09
N TRP E 179 8.06 -26.34 -14.24
CA TRP E 179 6.80 -27.06 -14.35
C TRP E 179 5.86 -26.26 -15.24
N MET E 180 5.46 -26.84 -16.36
CA MET E 180 4.76 -26.10 -17.41
C MET E 180 3.32 -26.58 -17.53
N VAL E 181 2.39 -25.63 -17.61
CA VAL E 181 1.00 -25.88 -17.95
C VAL E 181 0.74 -25.22 -19.29
N HIS E 182 0.59 -26.04 -20.33
CA HIS E 182 0.26 -25.57 -21.67
C HIS E 182 -1.10 -26.16 -22.04
N VAL E 183 -2.11 -25.29 -22.18
CA VAL E 183 -3.45 -25.71 -22.55
C VAL E 183 -3.67 -25.39 -24.01
N GLY E 184 -4.03 -26.39 -24.79
CA GLY E 184 -4.30 -26.20 -26.21
C GLY E 184 -5.09 -27.35 -26.76
N SER E 185 -5.61 -27.15 -27.97
CA SER E 185 -6.40 -28.18 -28.65
C SER E 185 -5.55 -29.41 -28.92
N THR E 186 -6.15 -30.58 -28.76
CA THR E 186 -5.50 -31.84 -29.06
C THR E 186 -6.37 -32.64 -30.02
N GLY E 187 -5.78 -33.70 -30.57
CA GLY E 187 -6.47 -34.50 -31.57
C GLY E 187 -6.75 -33.74 -32.86
N CYS E 188 -5.80 -32.94 -33.30
CA CYS E 188 -5.97 -32.05 -34.44
C CYS E 188 -5.44 -32.71 -35.70
N LYS E 189 -6.34 -32.98 -36.65
CA LYS E 189 -5.98 -33.66 -37.90
C LYS E 189 -6.09 -32.69 -39.06
N GLY E 190 -5.15 -32.79 -40.00
CA GLY E 190 -5.10 -31.88 -41.13
C GLY E 190 -4.14 -30.73 -40.89
N ASN E 191 -3.19 -30.55 -41.82
CA ASN E 191 -2.16 -29.54 -41.65
C ASN E 191 -2.51 -28.30 -42.46
N PRO E 192 -2.84 -27.18 -41.82
CA PRO E 192 -3.13 -25.95 -42.59
C PRO E 192 -1.92 -25.34 -43.27
N ALA E 193 -0.70 -25.73 -42.87
CA ALA E 193 0.48 -25.28 -43.60
C ALA E 193 0.52 -25.87 -45.00
N THR E 194 -0.07 -27.04 -45.20
CA THR E 194 -0.21 -27.64 -46.51
C THR E 194 -1.39 -27.06 -47.29
N GLY E 195 -2.18 -26.19 -46.68
CA GLY E 195 -3.35 -25.63 -47.31
C GLY E 195 -4.64 -26.40 -47.08
N GLU E 196 -4.61 -27.46 -46.27
CA GLU E 196 -5.77 -28.33 -46.08
C GLU E 196 -6.49 -28.00 -44.77
N ILE E 197 -7.68 -28.58 -44.63
CA ILE E 197 -8.57 -28.29 -43.52
C ILE E 197 -8.07 -28.96 -42.25
N VAL E 198 -8.35 -28.33 -41.11
CA VAL E 198 -7.94 -28.83 -39.81
C VAL E 198 -9.16 -28.92 -38.90
N ALA E 199 -9.27 -30.04 -38.18
CA ALA E 199 -10.31 -30.23 -37.18
C ALA E 199 -9.72 -30.96 -35.99
N CYS E 200 -10.10 -30.53 -34.79
CA CYS E 200 -9.53 -31.03 -33.54
C CYS E 200 -10.59 -31.73 -32.72
N ALA E 201 -10.24 -32.92 -32.21
CA ALA E 201 -11.19 -33.69 -31.41
C ALA E 201 -11.45 -33.04 -30.06
N HIS E 202 -10.44 -32.42 -29.46
CA HIS E 202 -10.55 -31.84 -28.12
C HIS E 202 -10.21 -30.35 -28.20
N GLU E 203 -11.26 -29.51 -28.14
CA GLU E 203 -11.06 -28.08 -28.33
C GLU E 203 -10.36 -27.44 -27.13
N ASN E 204 -10.75 -27.83 -25.92
CA ASN E 204 -10.14 -27.37 -24.67
C ASN E 204 -10.31 -25.87 -24.45
N ARG E 205 -11.29 -25.25 -25.09
CA ARG E 205 -11.73 -23.91 -24.73
C ARG E 205 -12.91 -24.03 -23.78
N PHE E 206 -13.10 -23.01 -22.94
CA PHE E 206 -14.22 -23.07 -22.00
C PHE E 206 -14.69 -21.66 -21.69
N PRO E 207 -16.00 -21.48 -21.47
CA PRO E 207 -16.51 -20.17 -21.07
C PRO E 207 -16.41 -19.94 -19.58
N VAL E 208 -16.46 -18.67 -19.21
CA VAL E 208 -16.46 -18.23 -17.81
C VAL E 208 -17.57 -17.21 -17.64
N VAL E 209 -18.49 -17.47 -16.71
CA VAL E 209 -19.68 -16.64 -16.54
C VAL E 209 -19.75 -16.17 -15.09
N PHE E 210 -19.98 -14.87 -14.90
CA PHE E 210 -20.16 -14.28 -13.58
C PHE E 210 -21.48 -13.52 -13.58
N ASP E 211 -22.49 -14.07 -12.90
CA ASP E 211 -23.80 -13.43 -12.87
C ASP E 211 -23.75 -12.05 -12.25
N ARG E 212 -22.88 -11.85 -11.26
CA ARG E 212 -22.70 -10.56 -10.60
C ARG E 212 -21.24 -10.15 -10.78
N PHE E 213 -21.01 -9.08 -11.54
CA PHE E 213 -19.66 -8.57 -11.76
C PHE E 213 -19.76 -7.10 -12.14
N ASP E 214 -19.22 -6.23 -11.30
CA ASP E 214 -19.16 -4.81 -11.62
C ASP E 214 -17.74 -4.45 -12.00
N PRO E 215 -17.47 -4.10 -13.26
CA PRO E 215 -16.08 -3.83 -13.68
C PRO E 215 -15.43 -2.68 -12.93
N LYS E 216 -16.21 -1.77 -12.36
CA LYS E 216 -15.64 -0.59 -11.72
C LYS E 216 -15.15 -0.85 -10.31
N THR E 217 -15.61 -1.93 -9.66
CA THR E 217 -15.19 -2.25 -8.30
C THR E 217 -14.71 -3.69 -8.16
N GLN E 218 -14.58 -4.44 -9.25
CA GLN E 218 -14.25 -5.85 -9.18
C GLN E 218 -13.33 -6.23 -10.33
N ARG E 219 -12.69 -7.39 -10.20
CA ARG E 219 -11.79 -7.91 -11.20
C ARG E 219 -11.93 -9.42 -11.27
N VAL E 220 -11.41 -10.00 -12.33
CA VAL E 220 -11.36 -11.45 -12.48
C VAL E 220 -10.01 -11.94 -11.99
N GLU E 221 -10.03 -12.90 -11.07
CA GLU E 221 -8.82 -13.39 -10.42
C GLU E 221 -8.52 -14.81 -10.87
N LEU E 222 -7.33 -15.00 -11.46
CA LEU E 222 -6.85 -16.32 -11.85
C LEU E 222 -6.03 -16.88 -10.69
N ASP E 223 -6.52 -17.93 -10.06
CA ASP E 223 -5.93 -18.46 -8.84
C ASP E 223 -4.90 -19.54 -9.18
N LEU E 224 -3.64 -19.26 -8.90
CA LEU E 224 -2.58 -20.24 -9.14
C LEU E 224 -2.65 -21.38 -8.13
N THR E 225 -3.08 -21.09 -6.89
CA THR E 225 -3.16 -22.14 -5.88
C THR E 225 -4.14 -23.23 -6.30
N THR E 226 -5.32 -22.84 -6.78
CA THR E 226 -6.28 -23.82 -7.30
C THR E 226 -5.69 -24.60 -8.46
N LEU E 227 -4.95 -23.92 -9.35
CA LEU E 227 -4.44 -24.56 -10.55
C LEU E 227 -3.54 -25.75 -10.21
N PHE E 228 -2.63 -25.58 -9.26
CA PHE E 228 -1.64 -26.59 -8.93
C PHE E 228 -1.99 -27.38 -7.68
N GLU E 229 -3.24 -27.30 -7.22
CA GLU E 229 -3.59 -27.81 -5.89
C GLU E 229 -3.24 -29.29 -5.73
N SER E 230 -3.65 -30.11 -6.69
CA SER E 230 -3.42 -31.55 -6.62
C SER E 230 -2.24 -31.99 -7.47
N SER E 231 -1.31 -31.09 -7.76
CA SER E 231 -0.14 -31.39 -8.57
C SER E 231 1.12 -31.24 -7.72
N ASP E 232 1.97 -32.26 -7.76
CA ASP E 232 3.30 -32.18 -7.15
C ASP E 232 4.23 -31.55 -8.18
N ILE E 233 4.52 -30.26 -8.01
CA ILE E 233 5.29 -29.53 -9.02
C ILE E 233 6.79 -29.76 -8.91
N SER E 234 7.23 -30.57 -7.95
CA SER E 234 8.61 -31.04 -7.90
C SER E 234 8.80 -32.33 -8.68
N VAL E 235 7.74 -32.86 -9.28
CA VAL E 235 7.76 -34.17 -9.92
C VAL E 235 6.95 -34.09 -11.21
N ASP E 236 7.47 -34.71 -12.26
CA ASP E 236 6.69 -35.02 -13.46
C ASP E 236 6.52 -36.54 -13.53
N LYS E 237 5.28 -36.99 -13.66
CA LYS E 237 4.97 -38.41 -13.60
C LYS E 237 4.86 -39.06 -14.97
N GLY E 238 5.01 -38.30 -16.05
CA GLY E 238 4.95 -38.87 -17.38
C GLY E 238 4.60 -37.87 -18.47
N GLY E 239 5.05 -38.13 -19.69
CA GLY E 239 4.80 -37.22 -20.79
C GLY E 239 5.64 -35.96 -20.68
N ALA E 240 5.12 -34.88 -21.26
CA ALA E 240 5.78 -33.58 -21.14
C ALA E 240 5.88 -33.19 -19.67
N VAL E 241 6.94 -32.45 -19.34
CA VAL E 241 7.14 -32.02 -17.97
C VAL E 241 6.08 -30.99 -17.62
N GLY E 242 5.31 -31.26 -16.57
CA GLY E 242 4.10 -30.51 -16.29
C GLY E 242 2.91 -31.11 -17.01
N CYS E 243 2.06 -30.26 -17.58
CA CYS E 243 0.91 -30.72 -18.35
C CYS E 243 0.82 -29.91 -19.63
N MET E 244 0.74 -30.60 -20.77
CA MET E 244 0.62 -29.95 -22.07
C MET E 244 -0.53 -30.54 -22.86
N SER E 245 -1.67 -30.74 -22.20
CA SER E 245 -2.98 -31.09 -22.76
C SER E 245 -3.08 -32.53 -23.27
N ALA E 246 -2.05 -33.35 -23.10
CA ALA E 246 -2.08 -34.71 -23.64
C ALA E 246 -2.92 -35.63 -22.75
N LEU E 247 -3.74 -36.47 -23.40
CA LEU E 247 -4.66 -37.33 -22.66
C LEU E 247 -3.94 -38.41 -21.88
N ASP E 248 -2.83 -38.93 -22.41
CA ASP E 248 -2.05 -39.97 -21.74
C ASP E 248 -1.00 -39.39 -20.80
N ASP E 249 -1.03 -38.09 -20.54
CA ASP E 249 -0.13 -37.47 -19.58
C ASP E 249 -0.71 -37.59 -18.19
N PRO E 250 -0.02 -38.23 -17.23
CA PRO E 250 -0.63 -38.45 -15.91
C PRO E 250 -0.84 -37.17 -15.12
N ASP E 251 -0.18 -36.07 -15.49
CA ASP E 251 -0.25 -34.84 -14.69
C ASP E 251 -1.38 -33.92 -15.11
N CYS E 252 -1.93 -34.10 -16.31
CA CYS E 252 -2.98 -33.23 -16.83
C CYS E 252 -4.35 -33.38 -16.16
N PRO E 253 -4.75 -34.59 -15.72
CA PRO E 253 -6.07 -34.70 -15.07
C PRO E 253 -6.29 -33.73 -13.92
N ALA E 254 -5.32 -33.58 -13.03
CA ALA E 254 -5.45 -32.61 -11.95
C ALA E 254 -5.58 -31.20 -12.48
N VAL E 255 -4.79 -30.86 -13.51
CA VAL E 255 -4.82 -29.52 -14.08
C VAL E 255 -6.16 -29.26 -14.77
N PHE E 256 -6.60 -30.20 -15.60
CA PHE E 256 -7.84 -30.00 -16.33
C PHE E 256 -9.05 -29.96 -15.40
N ARG E 257 -8.98 -30.64 -14.25
CA ARG E 257 -10.01 -30.48 -13.23
C ARG E 257 -10.00 -29.06 -12.69
N ALA E 258 -8.80 -28.53 -12.40
CA ALA E 258 -8.70 -27.15 -11.94
C ALA E 258 -9.13 -26.16 -13.02
N LEU E 259 -9.00 -26.53 -14.29
CA LEU E 259 -9.46 -25.68 -15.37
C LEU E 259 -10.97 -25.79 -15.56
N GLY E 260 -11.57 -26.90 -15.18
CA GLY E 260 -12.97 -27.15 -15.47
C GLY E 260 -13.21 -27.86 -16.78
N LEU E 261 -12.21 -28.53 -17.33
CA LEU E 261 -12.32 -29.22 -18.60
C LEU E 261 -12.25 -30.73 -18.39
N ASN E 262 -12.99 -31.46 -19.20
CA ASN E 262 -12.81 -32.90 -19.31
C ASN E 262 -11.58 -33.17 -20.15
N LEU E 263 -10.57 -33.82 -19.57
CA LEU E 263 -9.41 -34.20 -20.36
C LEU E 263 -9.82 -35.29 -21.35
N ALA E 264 -10.13 -36.48 -20.83
CA ALA E 264 -10.72 -37.53 -21.63
C ALA E 264 -12.23 -37.49 -21.46
N ASP E 265 -12.93 -38.50 -21.96
CA ASP E 265 -14.36 -38.59 -21.75
C ASP E 265 -14.65 -38.90 -20.28
N SER E 266 -15.65 -38.20 -19.72
CA SER E 266 -15.99 -38.44 -18.32
C SER E 266 -16.59 -39.84 -18.12
N ALA E 267 -17.44 -40.27 -19.04
CA ALA E 267 -18.04 -41.58 -19.03
C ALA E 267 -17.86 -42.23 -20.39
N PRO E 268 -17.85 -43.57 -20.45
CA PRO E 268 -17.79 -44.25 -21.75
C PRO E 268 -18.94 -43.83 -22.65
N GLY E 269 -18.60 -43.21 -23.78
CA GLY E 269 -19.58 -42.69 -24.69
C GLY E 269 -20.04 -41.28 -24.42
N ALA E 270 -19.49 -40.61 -23.40
CA ALA E 270 -19.90 -39.24 -23.09
C ALA E 270 -19.59 -38.29 -24.22
N ASN E 271 -18.52 -38.55 -24.98
CA ASN E 271 -18.15 -37.74 -26.14
C ASN E 271 -17.84 -36.28 -25.74
N ASP E 272 -17.40 -36.08 -24.50
CA ASP E 272 -17.20 -34.74 -23.97
C ASP E 272 -15.74 -34.41 -23.68
N ALA E 273 -14.80 -35.21 -24.19
CA ALA E 273 -13.39 -34.90 -24.02
C ALA E 273 -13.07 -33.54 -24.66
N GLY E 274 -12.40 -32.68 -23.90
CA GLY E 274 -12.05 -31.38 -24.40
C GLY E 274 -13.13 -30.33 -24.30
N LYS E 275 -14.16 -30.56 -23.50
CA LYS E 275 -15.26 -29.65 -23.32
C LYS E 275 -15.49 -29.40 -21.84
N PRO E 276 -16.14 -28.30 -21.47
CA PRO E 276 -16.30 -27.99 -20.04
C PRO E 276 -17.15 -29.02 -19.31
N SER E 277 -16.72 -29.36 -18.08
CA SER E 277 -17.47 -30.26 -17.22
C SER E 277 -18.61 -29.57 -16.50
N ARG E 278 -18.53 -28.25 -16.33
CA ARG E 278 -19.66 -27.43 -15.87
C ARG E 278 -19.54 -26.10 -16.57
N PRO E 279 -20.20 -25.96 -17.73
CA PRO E 279 -19.99 -24.75 -18.56
C PRO E 279 -20.28 -23.47 -17.78
N GLY E 280 -19.42 -22.48 -17.99
CA GLY E 280 -19.50 -21.22 -17.28
C GLY E 280 -18.76 -21.20 -15.96
N VAL E 281 -18.34 -22.35 -15.45
CA VAL E 281 -17.68 -22.45 -14.16
C VAL E 281 -16.30 -23.06 -14.37
N SER E 282 -15.27 -22.37 -13.90
CA SER E 282 -13.90 -22.89 -13.89
C SER E 282 -13.27 -22.59 -12.54
N PRO E 283 -12.85 -23.62 -11.79
CA PRO E 283 -12.41 -23.38 -10.40
C PRO E 283 -11.27 -22.38 -10.25
N ILE E 284 -10.44 -22.18 -11.27
CA ILE E 284 -9.34 -21.22 -11.13
C ILE E 284 -9.78 -19.77 -11.30
N PHE E 285 -10.99 -19.54 -11.78
CA PHE E 285 -11.48 -18.19 -12.07
C PHE E 285 -12.55 -17.79 -11.07
N SER E 286 -12.38 -16.65 -10.44
CA SER E 286 -13.34 -16.15 -9.47
C SER E 286 -13.35 -14.62 -9.52
N VAL E 287 -14.38 -14.04 -8.92
CA VAL E 287 -14.51 -12.59 -8.80
C VAL E 287 -13.80 -12.13 -7.54
N GLY E 288 -13.10 -11.00 -7.64
CA GLY E 288 -12.44 -10.43 -6.50
C GLY E 288 -12.69 -8.94 -6.42
N ALA E 289 -12.52 -8.39 -5.22
CA ALA E 289 -12.62 -6.95 -5.04
C ALA E 289 -11.44 -6.27 -5.70
N ALA E 290 -11.69 -5.11 -6.30
CA ALA E 290 -10.66 -4.35 -6.97
C ALA E 290 -10.79 -2.88 -6.60
N ALA E 291 -9.69 -2.14 -6.78
CA ALA E 291 -9.70 -0.71 -6.53
C ALA E 291 -10.78 -0.03 -7.36
N SER E 292 -11.54 0.85 -6.73
CA SER E 292 -12.73 1.41 -7.36
C SER E 292 -12.36 2.41 -8.46
N LYS E 293 -12.92 2.20 -9.64
CA LYS E 293 -12.80 3.16 -10.74
C LYS E 293 -13.88 4.23 -10.70
N VAL E 294 -14.74 4.22 -9.69
CA VAL E 294 -15.67 5.31 -9.48
C VAL E 294 -14.87 6.51 -8.98
N ALA E 295 -14.75 7.53 -9.82
CA ALA E 295 -13.87 8.65 -9.53
C ALA E 295 -14.25 9.32 -8.22
N GLY E 296 -13.29 9.43 -7.31
CA GLY E 296 -13.52 10.07 -6.04
C GLY E 296 -13.32 11.58 -6.13
N GLY E 297 -14.03 12.30 -5.26
CA GLY E 297 -13.90 13.73 -5.16
C GLY E 297 -12.72 14.12 -4.30
N LYS E 298 -12.73 15.39 -3.89
CA LYS E 298 -11.68 15.96 -3.03
C LYS E 298 -10.30 15.84 -3.67
N LYS F 4 2.41 60.84 6.65
CA LYS F 4 1.21 60.76 5.83
C LYS F 4 1.35 59.68 4.76
N THR F 5 0.24 59.02 4.42
CA THR F 5 0.26 57.87 3.54
C THR F 5 -0.63 58.10 2.32
N GLN F 6 -0.44 57.22 1.33
CA GLN F 6 -1.23 57.18 0.11
C GLN F 6 -1.80 55.78 -0.08
N PRO F 7 -3.03 55.67 -0.59
CA PRO F 7 -3.61 54.33 -0.80
C PRO F 7 -2.82 53.54 -1.84
N VAL F 8 -2.73 52.24 -1.61
CA VAL F 8 -2.01 51.31 -2.49
C VAL F 8 -2.92 50.14 -2.81
N ALA F 9 -2.87 49.66 -4.06
CA ALA F 9 -3.72 48.55 -4.49
C ALA F 9 -2.98 47.77 -5.57
N VAL F 10 -2.56 46.55 -5.25
CA VAL F 10 -1.86 45.69 -6.19
C VAL F 10 -2.83 44.63 -6.69
N ARG F 11 -3.12 44.67 -7.99
CA ARG F 11 -4.08 43.76 -8.60
C ARG F 11 -3.38 42.47 -9.02
N PHE F 12 -4.00 41.34 -8.70
CA PHE F 12 -3.56 40.03 -9.18
C PHE F 12 -4.58 39.48 -10.17
N ALA F 13 -4.14 38.53 -10.98
CA ALA F 13 -5.03 37.92 -11.97
C ALA F 13 -4.50 36.54 -12.33
N LEU F 14 -5.42 35.60 -12.50
CA LEU F 14 -5.09 34.24 -12.93
C LEU F 14 -5.15 34.15 -14.45
N VAL F 15 -4.18 33.47 -15.04
CA VAL F 15 -4.03 33.40 -16.49
C VAL F 15 -3.77 31.96 -16.89
N ALA F 16 -4.40 31.55 -18.00
CA ALA F 16 -4.17 30.25 -18.59
C ALA F 16 -4.31 30.36 -20.10
N ASP F 17 -3.37 29.74 -20.82
CA ASP F 17 -3.40 29.70 -22.29
C ASP F 17 -3.51 31.11 -22.88
N GLY F 18 -2.75 32.04 -22.31
CA GLY F 18 -2.77 33.41 -22.79
C GLY F 18 -4.06 34.16 -22.56
N LYS F 19 -5.01 33.58 -21.84
CA LYS F 19 -6.28 34.22 -21.54
C LYS F 19 -6.45 34.37 -20.04
N GLU F 20 -7.20 35.39 -19.63
CA GLU F 20 -7.48 35.60 -18.22
C GLU F 20 -8.56 34.64 -17.75
N VAL F 21 -8.34 34.04 -16.57
CA VAL F 21 -9.24 33.06 -16.02
C VAL F 21 -9.55 33.43 -14.57
N GLY F 22 -10.33 32.57 -13.92
CA GLY F 22 -10.89 32.87 -12.62
C GLY F 22 -12.39 32.61 -12.64
N CYS F 23 -12.98 32.40 -11.47
CA CYS F 23 -14.41 32.05 -11.34
C CYS F 23 -14.62 30.76 -12.14
N GLY F 24 -15.66 30.68 -12.97
CA GLY F 24 -15.94 29.45 -13.69
C GLY F 24 -15.44 29.44 -15.13
N ALA F 25 -14.43 30.26 -15.42
CA ALA F 25 -13.88 30.30 -16.77
C ALA F 25 -13.17 28.99 -17.08
N PRO F 26 -13.30 28.47 -18.30
CA PRO F 26 -12.62 27.22 -18.65
C PRO F 26 -11.12 27.43 -18.83
N LEU F 27 -10.34 26.47 -18.36
CA LEU F 27 -8.90 26.45 -18.58
C LEU F 27 -8.60 25.59 -19.80
N ALA F 28 -7.79 26.12 -20.72
CA ALA F 28 -7.58 25.50 -22.02
C ALA F 28 -6.17 24.94 -22.16
N ASN F 29 -6.08 23.77 -22.78
CA ASN F 29 -4.83 23.08 -23.08
C ASN F 29 -3.88 23.12 -21.87
N LEU F 30 -4.37 22.51 -20.79
CA LEU F 30 -3.68 22.43 -19.52
C LEU F 30 -2.80 21.19 -19.48
N GLY F 31 -1.61 21.33 -18.92
CA GLY F 31 -0.72 20.20 -18.76
C GLY F 31 0.13 19.92 -19.97
N SER F 32 1.00 18.91 -19.83
CA SER F 32 1.84 18.49 -20.94
C SER F 32 1.01 17.86 -22.06
N GLY F 33 -0.10 17.23 -21.72
CA GLY F 33 -1.02 16.70 -22.70
C GLY F 33 -1.95 17.71 -23.33
N ARG F 34 -1.92 18.96 -22.84
CA ARG F 34 -2.73 20.05 -23.36
C ARG F 34 -4.21 19.67 -23.40
N LEU F 35 -4.77 19.51 -22.21
CA LEU F 35 -6.16 19.15 -22.03
C LEU F 35 -6.99 20.36 -21.60
N ALA F 36 -8.28 20.29 -21.87
CA ALA F 36 -9.22 21.31 -21.45
C ALA F 36 -9.79 20.94 -20.08
N GLY F 37 -9.52 21.79 -19.08
CA GLY F 37 -9.89 21.50 -17.72
C GLY F 37 -10.70 22.62 -17.09
N LYS F 38 -11.13 22.37 -15.86
CA LYS F 38 -11.89 23.32 -15.06
C LYS F 38 -11.12 23.66 -13.80
N LEU F 39 -11.24 24.90 -13.36
CA LEU F 39 -10.56 25.37 -12.16
C LEU F 39 -11.43 25.07 -10.94
N HIS F 40 -10.94 24.20 -10.05
CA HIS F 40 -11.67 23.91 -8.83
C HIS F 40 -11.32 24.90 -7.72
N GLU F 41 -10.03 25.16 -7.53
CA GLU F 41 -9.59 26.06 -6.47
C GLU F 41 -8.33 26.79 -6.91
N ALA F 42 -8.21 28.03 -6.48
CA ALA F 42 -7.03 28.84 -6.78
C ALA F 42 -6.93 29.92 -5.70
N ARG F 43 -6.17 29.63 -4.65
CA ARG F 43 -5.92 30.62 -3.61
C ARG F 43 -4.52 30.44 -3.06
N LEU F 44 -3.98 31.53 -2.51
CA LEU F 44 -2.64 31.51 -1.96
C LEU F 44 -2.50 32.64 -0.96
N TYR F 45 -1.62 32.45 0.02
CA TYR F 45 -1.24 33.50 0.94
C TYR F 45 -0.05 34.26 0.36
N VAL F 46 -0.08 35.58 0.52
CA VAL F 46 1.01 36.45 0.11
C VAL F 46 1.31 37.41 1.26
N TYR F 47 2.55 37.84 1.37
CA TYR F 47 2.97 38.64 2.50
C TYR F 47 4.20 39.46 2.15
N GLY F 48 4.51 40.42 3.01
CA GLY F 48 5.72 41.22 2.88
C GLY F 48 5.72 42.17 1.71
N PHE F 49 4.57 42.76 1.39
CA PHE F 49 4.49 43.66 0.25
C PHE F 49 5.31 44.92 0.48
N GLU F 50 6.17 45.23 -0.48
CA GLU F 50 7.02 46.42 -0.43
C GLU F 50 6.96 47.15 -1.76
N LEU F 51 7.06 48.46 -1.69
CA LEU F 51 7.22 49.30 -2.88
C LEU F 51 8.67 49.74 -2.98
N VAL F 52 9.24 49.65 -4.18
CA VAL F 52 10.64 49.95 -4.41
C VAL F 52 10.73 51.24 -5.22
N ASP F 53 11.56 52.17 -4.77
CA ASP F 53 11.74 53.44 -5.46
C ASP F 53 12.92 53.35 -6.42
N ALA F 54 13.28 54.48 -7.03
CA ALA F 54 14.36 54.48 -8.02
C ALA F 54 15.72 54.20 -7.38
N LYS F 55 15.90 54.60 -6.12
CA LYS F 55 17.13 54.30 -5.41
C LYS F 55 17.19 52.85 -4.97
N GLY F 56 16.12 52.08 -5.13
CA GLY F 56 16.11 50.69 -4.74
C GLY F 56 15.75 50.41 -3.30
N LYS F 57 15.22 51.40 -2.58
CA LYS F 57 14.79 51.18 -1.20
C LYS F 57 13.40 50.57 -1.17
N HIS F 58 13.16 49.75 -0.16
CA HIS F 58 11.92 49.00 -0.03
C HIS F 58 11.09 49.62 1.10
N THR F 59 9.96 50.21 0.74
CA THR F 59 9.03 50.77 1.71
C THR F 59 7.91 49.78 1.95
N PRO F 60 7.72 49.30 3.18
CA PRO F 60 6.62 48.36 3.42
C PRO F 60 5.27 49.01 3.21
N ILE F 61 4.33 48.23 2.68
CA ILE F 61 2.95 48.66 2.57
C ILE F 61 2.21 48.16 3.80
N ALA F 62 1.56 49.07 4.51
CA ALA F 62 0.71 48.70 5.62
C ALA F 62 -0.63 48.21 5.07
N LEU F 63 -0.95 46.95 5.33
CA LEU F 63 -2.16 46.35 4.78
C LEU F 63 -3.37 46.76 5.61
N THR F 64 -4.45 47.15 4.93
CA THR F 64 -5.73 47.31 5.59
C THR F 64 -6.11 46.03 6.30
N GLN F 65 -6.60 46.15 7.53
CA GLN F 65 -6.98 45.00 8.34
C GLN F 65 -8.43 44.66 8.07
N ASN F 66 -8.67 43.57 7.35
CA ASN F 66 -10.03 43.16 7.03
C ASN F 66 -10.09 41.64 7.04
N ASP F 67 -11.13 41.07 6.41
CA ASP F 67 -11.35 39.63 6.45
C ASP F 67 -10.37 38.86 5.58
N TRP F 68 -9.68 39.53 4.66
CA TRP F 68 -8.73 38.87 3.77
C TRP F 68 -7.29 39.24 4.07
N GLN F 69 -7.06 40.16 5.01
CA GLN F 69 -5.72 40.65 5.29
C GLN F 69 -5.55 40.80 6.79
N TYR F 70 -4.56 40.09 7.34
CA TYR F 70 -4.25 40.13 8.76
C TYR F 70 -2.76 40.38 8.91
N ALA F 71 -2.42 41.35 9.77
CA ALA F 71 -1.03 41.78 9.95
C ALA F 71 -0.43 42.23 8.62
N ASP F 72 0.52 41.46 8.07
CA ASP F 72 1.08 41.75 6.76
C ASP F 72 0.83 40.62 5.77
N VAL F 73 -0.15 39.76 6.04
CA VAL F 73 -0.47 38.62 5.19
C VAL F 73 -1.82 38.86 4.53
N ALA F 74 -1.91 38.52 3.25
CA ALA F 74 -3.15 38.62 2.49
C ALA F 74 -3.47 37.27 1.86
N LEU F 75 -4.76 37.01 1.70
CA LEU F 75 -5.24 35.77 1.08
C LEU F 75 -5.93 36.12 -0.23
N LEU F 76 -5.30 35.76 -1.34
CA LEU F 76 -5.91 35.90 -2.65
C LEU F 76 -6.71 34.65 -2.98
N ASP F 77 -7.91 34.84 -3.55
CA ASP F 77 -8.80 33.73 -3.89
C ASP F 77 -9.44 34.08 -5.23
N PHE F 78 -9.11 33.30 -6.27
CA PHE F 78 -9.52 33.62 -7.63
C PHE F 78 -10.84 32.99 -8.03
N LYS F 79 -11.48 32.22 -7.15
CA LYS F 79 -12.78 31.64 -7.45
C LYS F 79 -13.90 32.62 -7.06
N ASP F 80 -15.10 32.32 -7.54
CA ASP F 80 -16.29 33.09 -7.18
C ASP F 80 -17.01 32.41 -6.01
N ALA F 81 -17.81 33.21 -5.30
CA ALA F 81 -18.49 32.70 -4.11
C ALA F 81 -19.54 31.65 -4.46
N ARG F 82 -20.30 31.90 -5.53
CA ARG F 82 -21.39 30.99 -5.90
C ARG F 82 -20.87 29.59 -6.20
N GLY F 83 -19.81 29.49 -6.99
CA GLY F 83 -19.42 28.23 -7.55
C GLY F 83 -20.01 27.95 -8.91
N GLY F 84 -20.42 28.98 -9.65
CA GLY F 84 -21.06 28.80 -10.93
C GLY F 84 -20.07 28.40 -12.01
N ASN F 85 -20.56 28.44 -13.24
CA ASN F 85 -19.77 28.08 -14.42
C ASN F 85 -19.63 29.26 -15.37
N ALA F 86 -19.64 30.47 -14.83
CA ALA F 86 -19.49 31.69 -15.61
C ALA F 86 -18.21 32.40 -15.23
N ALA F 87 -17.66 33.15 -16.19
CA ALA F 87 -16.48 33.95 -15.91
C ALA F 87 -16.82 35.07 -14.93
N CYS F 88 -15.77 35.70 -14.39
CA CYS F 88 -15.95 36.73 -13.38
C CYS F 88 -16.64 37.95 -13.98
N THR F 89 -17.64 38.46 -13.28
CA THR F 89 -18.35 39.68 -13.60
C THR F 89 -18.44 40.53 -12.36
N PRO F 90 -18.78 41.82 -12.49
CA PRO F 90 -19.02 42.63 -11.28
C PRO F 90 -20.04 42.01 -10.33
N GLY F 91 -21.09 41.39 -10.86
CA GLY F 91 -22.09 40.78 -10.00
C GLY F 91 -21.62 39.47 -9.38
N ASN F 92 -20.71 38.77 -10.04
CA ASN F 92 -20.15 37.51 -9.54
C ASN F 92 -18.63 37.58 -9.64
N PRO F 93 -17.98 38.37 -8.79
CA PRO F 93 -16.55 38.60 -8.92
C PRO F 93 -15.75 37.48 -8.28
N ALA F 94 -14.45 37.47 -8.60
CA ALA F 94 -13.53 36.65 -7.84
C ALA F 94 -13.54 37.09 -6.38
N LYS F 95 -13.32 36.13 -5.48
CA LYS F 95 -13.56 36.39 -4.07
C LYS F 95 -12.61 37.45 -3.52
N ASN F 96 -11.34 37.41 -3.90
CA ASN F 96 -10.38 38.41 -3.45
C ASN F 96 -9.12 38.36 -4.31
N THR F 97 -8.87 39.41 -5.10
CA THR F 97 -7.74 39.43 -6.02
C THR F 97 -6.85 40.66 -5.92
N THR F 98 -7.14 41.60 -5.02
CA THR F 98 -6.34 42.80 -4.88
C THR F 98 -5.87 42.94 -3.44
N VAL F 99 -4.57 43.15 -3.26
CA VAL F 99 -4.00 43.48 -1.97
C VAL F 99 -4.06 45.00 -1.81
N VAL F 100 -4.72 45.46 -0.75
CA VAL F 100 -4.98 46.88 -0.55
C VAL F 100 -4.34 47.32 0.75
N GLY F 101 -3.88 48.56 0.75
CA GLY F 101 -3.26 49.12 1.94
C GLY F 101 -2.81 50.54 1.71
N ALA F 102 -1.88 50.99 2.55
CA ALA F 102 -1.34 52.33 2.44
C ALA F 102 0.17 52.29 2.61
N ALA F 103 0.85 53.19 1.92
CA ALA F 103 2.29 53.37 2.02
C ALA F 103 2.58 54.86 2.14
N PRO F 104 3.72 55.23 2.73
CA PRO F 104 4.08 56.65 2.78
C PRO F 104 4.15 57.25 1.38
N GLN F 105 3.65 58.48 1.25
CA GLN F 105 3.58 59.15 -0.03
C GLN F 105 4.95 59.21 -0.68
N GLY F 106 4.99 59.36 -2.01
CA GLY F 106 6.25 59.40 -2.71
C GLY F 106 6.15 58.70 -4.05
N ALA F 107 7.26 58.66 -4.79
CA ALA F 107 7.30 58.04 -6.10
C ALA F 107 7.98 56.70 -6.01
N TYR F 108 7.32 55.65 -6.52
CA TYR F 108 7.85 54.30 -6.51
C TYR F 108 7.83 53.76 -7.93
N VAL F 109 8.66 52.75 -8.17
CA VAL F 109 8.87 52.24 -9.53
C VAL F 109 8.70 50.73 -9.58
N GLY F 110 9.04 50.05 -8.47
CA GLY F 110 9.06 48.61 -8.44
C GLY F 110 8.14 48.05 -7.35
N LEU F 111 8.03 46.72 -7.34
CA LEU F 111 7.21 46.00 -6.38
C LEU F 111 7.96 44.77 -5.91
N ALA F 112 7.77 44.42 -4.64
CA ALA F 112 8.31 43.19 -4.07
C ALA F 112 7.30 42.62 -3.09
N PHE F 113 7.18 41.30 -3.10
CA PHE F 113 6.35 40.59 -2.13
C PHE F 113 6.85 39.15 -2.06
N SER F 114 6.24 38.37 -1.18
CA SER F 114 6.59 36.97 -1.02
C SER F 114 5.32 36.12 -1.03
N VAL F 115 5.51 34.85 -1.41
CA VAL F 115 4.41 33.91 -1.55
C VAL F 115 4.46 32.94 -0.37
N GLY F 116 3.32 32.71 0.25
CA GLY F 116 3.20 31.80 1.36
C GLY F 116 2.69 32.49 2.62
N ALA F 117 2.65 31.72 3.70
CA ALA F 117 2.28 32.24 5.00
C ALA F 117 3.52 32.26 5.89
N PRO F 118 3.91 33.41 6.44
CA PRO F 118 5.09 33.45 7.30
C PRO F 118 4.86 32.72 8.62
N VAL F 119 5.96 32.43 9.30
CA VAL F 119 5.86 31.74 10.59
C VAL F 119 5.25 32.67 11.64
N GLU F 120 5.67 33.93 11.67
CA GLU F 120 5.06 34.91 12.55
C GLU F 120 5.03 36.27 11.87
N SER F 121 4.21 37.16 12.42
CA SER F 121 4.14 38.53 11.98
C SER F 121 3.74 39.38 13.18
N LEU F 122 3.68 40.70 12.96
CA LEU F 122 3.47 41.66 14.04
C LEU F 122 2.13 42.36 13.89
N VAL F 123 1.38 42.43 14.98
CA VAL F 123 0.18 43.26 15.07
C VAL F 123 0.39 44.21 16.25
N ASP F 124 0.50 45.51 15.92
CA ASP F 124 0.78 46.57 16.89
C ASP F 124 1.98 46.22 17.77
N GLY F 125 3.12 46.02 17.11
CA GLY F 125 4.39 45.81 17.78
C GLY F 125 4.55 44.50 18.52
N LYS F 126 3.56 43.61 18.45
CA LYS F 126 3.64 42.35 19.17
C LYS F 126 3.44 41.19 18.21
N PRO F 127 4.15 40.08 18.42
CA PRO F 127 4.15 38.99 17.44
C PRO F 127 3.03 37.98 17.65
N VAL F 128 2.61 37.40 16.53
CA VAL F 128 1.59 36.34 16.51
C VAL F 128 2.04 35.27 15.52
N PHE F 129 1.71 34.01 15.82
CA PHE F 129 1.96 32.93 14.90
C PHE F 129 0.98 32.98 13.74
N VAL F 130 1.45 32.61 12.55
CA VAL F 130 0.60 32.63 11.36
C VAL F 130 0.52 31.24 10.75
N ASN F 131 1.62 30.77 10.15
CA ASN F 131 1.58 29.55 9.35
C ASN F 131 1.24 28.34 10.21
N HIS F 132 1.76 28.29 11.44
CA HIS F 132 1.55 27.14 12.31
C HIS F 132 0.55 27.43 13.42
N SER F 133 -0.25 28.49 13.26
CA SER F 133 -1.34 28.77 14.18
C SER F 133 -2.41 27.67 14.08
N ASN F 134 -3.30 27.67 15.06
CA ASN F 134 -4.48 26.81 15.01
C ASN F 134 -5.49 27.43 14.05
N VAL F 135 -5.86 26.69 13.00
CA VAL F 135 -6.86 27.19 12.08
C VAL F 135 -8.21 27.34 12.79
N GLU F 136 -8.43 26.54 13.84
CA GLU F 136 -9.66 26.65 14.61
C GLU F 136 -9.66 27.85 15.55
N ALA F 137 -8.54 28.57 15.68
CA ALA F 137 -8.44 29.66 16.64
C ALA F 137 -7.96 30.96 16.00
N ALA F 138 -7.21 30.86 14.90
CA ALA F 138 -6.59 32.03 14.31
C ALA F 138 -7.64 32.95 13.66
N PRO F 139 -7.33 34.25 13.55
CA PRO F 139 -8.29 35.18 12.95
C PRO F 139 -8.24 35.11 11.43
N PRO F 140 -9.23 35.68 10.74
CA PRO F 140 -9.19 35.69 9.28
C PRO F 140 -8.01 36.49 8.79
N PRO F 141 -7.41 36.10 7.65
CA PRO F 141 -7.82 34.96 6.82
C PRO F 141 -7.09 33.66 7.13
N LEU F 142 -6.59 33.51 8.35
CA LEU F 142 -5.90 32.31 8.77
C LEU F 142 -6.83 31.26 9.37
N ASP F 143 -8.14 31.43 9.22
CA ASP F 143 -9.13 30.49 9.73
C ASP F 143 -9.81 29.72 8.60
N ILE F 144 -9.13 29.57 7.46
CA ILE F 144 -9.66 28.84 6.31
C ILE F 144 -9.21 27.39 6.47
N SER F 145 -10.12 26.55 6.96
CA SER F 145 -9.81 25.13 7.15
C SER F 145 -9.43 24.46 5.83
N GLY F 146 -9.88 24.99 4.70
CA GLY F 146 -9.54 24.45 3.40
C GLY F 146 -8.14 24.75 2.93
N MET F 147 -7.34 25.45 3.73
CA MET F 147 -5.94 25.69 3.41
C MET F 147 -5.02 25.22 4.55
N ALA F 148 -5.54 24.47 5.49
CA ALA F 148 -4.76 23.98 6.62
C ALA F 148 -4.40 22.52 6.43
C KYN F 149 -2.94 20.35 8.25
N KYN F 149 -3.15 22.18 6.72
C1 KYN F 149 -1.22 20.77 4.82
N1 KYN F 149 -0.49 19.57 2.24
O2 KYN F 149 -2.25 20.80 4.13
CA KYN F 149 -2.75 20.80 6.81
CB KYN F 149 -1.30 20.62 6.32
CG KYN F 149 0.44 20.29 2.96
CZ KYN F 149 2.40 21.76 4.38
CD1 KYN F 149 1.76 20.45 2.45
CD2 KYN F 149 0.12 20.89 4.22
CE1 KYN F 149 2.71 21.16 3.15
CE2 KYN F 149 1.12 21.62 4.90
O KYN F 149 -3.85 19.59 8.62
N ASN F 150 -2.04 20.84 9.10
CA ASN F 150 -2.22 20.84 10.55
C ASN F 150 -1.23 21.88 11.12
N TRP F 151 -1.10 21.94 12.44
CA TRP F 151 -0.20 22.99 12.96
C TRP F 151 1.24 22.71 12.60
N GLN F 152 1.68 21.50 12.77
CA GLN F 152 3.08 21.19 12.53
C GLN F 152 3.46 21.41 11.07
N ALA F 153 2.67 20.86 10.14
CA ALA F 153 2.92 21.07 8.73
C ALA F 153 2.64 22.50 8.29
N GLY F 154 1.83 23.24 9.06
CA GLY F 154 1.44 24.57 8.67
C GLY F 154 0.39 24.54 7.58
N ARG F 155 0.02 25.74 7.13
CA ARG F 155 -0.94 25.87 6.04
C ARG F 155 -0.36 25.31 4.74
N ARG F 156 -1.23 24.80 3.88
CA ARG F 156 -0.86 24.67 2.48
C ARG F 156 -1.15 26.03 1.85
N PHE F 157 -0.13 26.90 1.89
CA PHE F 157 -0.36 28.31 1.56
C PHE F 157 -0.45 28.58 0.08
N VAL F 158 -0.34 27.57 -0.78
CA VAL F 158 -0.67 27.67 -2.19
C VAL F 158 -1.50 26.46 -2.55
N THR F 159 -2.78 26.67 -2.89
CA THR F 159 -3.68 25.59 -3.25
C THR F 159 -4.31 25.92 -4.60
N ILE F 160 -3.87 25.19 -5.63
CA ILE F 160 -4.44 25.30 -6.98
C ILE F 160 -4.85 23.91 -7.40
N GLU F 161 -6.13 23.73 -7.70
CA GLU F 161 -6.69 22.41 -8.00
C GLU F 161 -7.50 22.48 -9.28
N VAL F 162 -7.23 21.57 -10.21
CA VAL F 162 -7.85 21.59 -11.52
C VAL F 162 -8.52 20.24 -11.79
N ILE F 163 -9.52 20.27 -12.65
CA ILE F 163 -10.32 19.10 -13.00
C ILE F 163 -10.04 18.76 -14.46
N PRO F 164 -9.29 17.70 -14.75
CA PRO F 164 -9.06 17.29 -16.14
C PRO F 164 -10.33 16.70 -16.74
N PRO F 165 -10.44 16.65 -18.07
CA PRO F 165 -11.71 16.21 -18.68
C PRO F 165 -12.13 14.82 -18.28
N ALA F 166 -11.20 13.88 -18.26
CA ALA F 166 -11.39 12.59 -17.61
C ALA F 166 -10.73 12.62 -16.24
N ALA F 167 -11.05 11.62 -15.42
CA ALA F 167 -10.49 11.59 -14.08
C ALA F 167 -8.99 11.33 -14.11
N VAL F 168 -8.33 11.65 -13.01
CA VAL F 168 -6.90 11.37 -12.86
C VAL F 168 -6.74 9.92 -12.45
N ILE F 169 -6.04 9.15 -13.29
CA ILE F 169 -5.77 7.75 -12.99
C ILE F 169 -4.60 7.67 -12.03
N LYS F 170 -4.80 7.00 -10.91
CA LYS F 170 -3.83 6.89 -9.83
C LYS F 170 -3.02 5.61 -9.98
N PRO F 171 -1.92 5.48 -9.23
CA PRO F 171 -1.08 4.27 -9.35
C PRO F 171 -1.84 2.95 -9.14
N ASP F 172 -2.72 2.87 -8.16
CA ASP F 172 -3.42 1.62 -7.86
C ASP F 172 -4.62 1.39 -8.75
N GLY F 173 -4.81 2.20 -9.80
CA GLY F 173 -5.94 2.07 -10.69
C GLY F 173 -7.13 2.94 -10.35
N SER F 174 -7.27 3.35 -9.08
CA SER F 174 -8.40 4.18 -8.69
C SER F 174 -8.28 5.57 -9.33
N LYS F 175 -9.34 6.36 -9.21
CA LYS F 175 -9.45 7.62 -9.91
C LYS F 175 -9.73 8.76 -8.94
N SER F 176 -9.22 9.93 -9.30
CA SER F 176 -9.51 11.18 -8.60
C SER F 176 -9.89 12.23 -9.64
N ARG F 177 -11.00 12.93 -9.41
CA ARG F 177 -11.40 13.94 -10.37
C ARG F 177 -10.57 15.22 -10.26
N THR F 178 -9.73 15.35 -9.23
CA THR F 178 -8.96 16.56 -8.99
C THR F 178 -7.47 16.26 -9.08
N TRP F 179 -6.76 17.08 -9.84
CA TRP F 179 -5.29 17.13 -9.82
C TRP F 179 -4.90 18.33 -8.96
N MET F 180 -4.17 18.07 -7.88
CA MET F 180 -4.00 19.05 -6.82
C MET F 180 -2.57 19.57 -6.73
N VAL F 181 -2.45 20.86 -6.42
CA VAL F 181 -1.18 21.50 -6.12
C VAL F 181 -1.30 22.07 -4.72
N HIS F 182 -0.65 21.43 -3.74
CA HIS F 182 -0.65 21.87 -2.36
C HIS F 182 0.79 22.20 -1.97
N VAL F 183 1.06 23.48 -1.75
CA VAL F 183 2.41 23.94 -1.43
C VAL F 183 2.42 24.47 -0.01
N GLY F 184 3.29 23.89 0.82
CA GLY F 184 3.54 24.33 2.17
C GLY F 184 4.89 23.79 2.58
N SER F 185 5.31 24.16 3.79
CA SER F 185 6.62 23.74 4.27
C SER F 185 6.62 22.25 4.61
N THR F 186 7.81 21.65 4.51
CA THR F 186 8.02 20.25 4.85
C THR F 186 9.20 20.14 5.81
N GLY F 187 9.43 18.93 6.30
CA GLY F 187 10.50 18.71 7.26
C GLY F 187 10.32 19.49 8.54
N CYS F 188 9.09 19.54 9.04
CA CYS F 188 8.74 20.35 10.20
C CYS F 188 8.75 19.50 11.47
N LYS F 189 9.67 19.81 12.37
CA LYS F 189 9.79 19.10 13.64
C LYS F 189 9.26 19.96 14.79
N GLY F 190 8.73 19.29 15.80
CA GLY F 190 8.13 19.97 16.93
C GLY F 190 6.68 20.34 16.67
N ASN F 191 5.78 19.86 17.54
CA ASN F 191 4.35 20.11 17.36
C ASN F 191 3.91 21.27 18.23
N PRO F 192 3.44 22.38 17.65
CA PRO F 192 2.91 23.48 18.47
C PRO F 192 1.58 23.16 19.13
N ALA F 193 0.90 22.09 18.72
CA ALA F 193 -0.31 21.67 19.44
C ALA F 193 0.04 21.10 20.81
N THR F 194 1.09 20.28 20.89
CA THR F 194 1.55 19.82 22.20
C THR F 194 2.10 20.97 23.02
N GLY F 195 2.80 21.90 22.40
CA GLY F 195 3.31 23.07 23.09
C GLY F 195 4.76 23.37 22.80
N GLU F 196 5.31 22.68 21.80
CA GLU F 196 6.70 22.87 21.39
C GLU F 196 6.78 23.99 20.36
N ILE F 197 7.99 24.21 19.84
CA ILE F 197 8.23 25.20 18.79
C ILE F 197 8.57 24.46 17.51
N VAL F 198 7.93 24.86 16.42
CA VAL F 198 8.04 24.17 15.15
C VAL F 198 9.12 24.82 14.30
N ALA F 199 10.04 23.99 13.80
CA ALA F 199 11.04 24.41 12.82
C ALA F 199 10.95 23.48 11.62
N CYS F 200 11.04 24.06 10.41
CA CYS F 200 10.77 23.37 9.17
C CYS F 200 12.00 23.33 8.29
N ALA F 201 12.43 22.13 7.91
CA ALA F 201 13.65 21.99 7.12
C ALA F 201 13.50 22.61 5.73
N HIS F 202 12.32 22.50 5.13
CA HIS F 202 12.06 23.01 3.79
C HIS F 202 10.91 24.02 3.88
N GLU F 203 11.27 25.31 3.85
CA GLU F 203 10.27 26.35 4.12
C GLU F 203 9.30 26.52 2.96
N ASN F 204 9.79 26.42 1.73
CA ASN F 204 8.96 26.47 0.51
C ASN F 204 8.26 27.81 0.33
N ARG F 205 8.74 28.86 0.99
CA ARG F 205 8.31 30.22 0.71
C ARG F 205 9.34 30.88 -0.20
N PHE F 206 8.90 31.87 -0.97
CA PHE F 206 9.81 32.52 -1.92
C PHE F 206 9.35 33.95 -2.17
N PRO F 207 10.28 34.85 -2.47
CA PRO F 207 9.90 36.23 -2.82
C PRO F 207 9.78 36.44 -4.32
N VAL F 208 8.95 37.42 -4.68
CA VAL F 208 8.75 37.84 -6.06
C VAL F 208 9.11 39.32 -6.16
N VAL F 209 10.01 39.65 -7.07
CA VAL F 209 10.55 41.01 -7.18
C VAL F 209 10.39 41.49 -8.62
N PHE F 210 9.70 42.62 -8.79
CA PHE F 210 9.49 43.24 -10.07
C PHE F 210 10.12 44.63 -10.04
N ASP F 211 11.24 44.80 -10.72
CA ASP F 211 11.97 46.07 -10.68
C ASP F 211 11.17 47.20 -11.32
N ARG F 212 10.35 46.88 -12.32
CA ARG F 212 9.46 47.86 -12.95
C ARG F 212 8.02 47.36 -12.78
N PHE F 213 7.24 48.06 -11.97
CA PHE F 213 5.84 47.70 -11.76
C PHE F 213 5.07 48.95 -11.39
N ASP F 214 4.04 49.26 -12.17
CA ASP F 214 3.14 50.38 -11.90
C ASP F 214 1.80 49.83 -11.43
N PRO F 215 1.42 50.03 -10.17
CA PRO F 215 0.17 49.41 -9.67
C PRO F 215 -1.08 49.92 -10.36
N LYS F 216 -1.03 51.08 -11.00
CA LYS F 216 -2.18 51.64 -11.69
C LYS F 216 -2.19 51.31 -13.18
N THR F 217 -1.19 50.57 -13.66
CA THR F 217 -1.02 50.34 -15.09
C THR F 217 -0.85 48.87 -15.39
N GLN F 218 -0.27 48.12 -14.45
CA GLN F 218 0.04 46.71 -14.66
C GLN F 218 -0.60 45.88 -13.55
N ARG F 219 -0.33 44.57 -13.60
CA ARG F 219 -0.87 43.62 -12.63
C ARG F 219 0.05 42.42 -12.55
N VAL F 220 -0.07 41.70 -11.45
CA VAL F 220 0.68 40.47 -11.24
C VAL F 220 -0.13 39.29 -11.77
N GLU F 221 0.47 38.50 -12.65
CA GLU F 221 -0.22 37.41 -13.32
C GLU F 221 0.35 36.07 -12.84
N LEU F 222 -0.54 35.17 -12.44
CA LEU F 222 -0.19 33.81 -12.06
C LEU F 222 -0.54 32.91 -13.23
N ASP F 223 0.48 32.41 -13.93
CA ASP F 223 0.28 31.65 -15.17
C ASP F 223 0.05 30.17 -14.83
N LEU F 224 -1.19 29.71 -14.98
CA LEU F 224 -1.48 28.30 -14.78
C LEU F 224 -0.83 27.43 -15.84
N THR F 225 -0.65 27.96 -17.05
CA THR F 225 0.02 27.20 -18.10
C THR F 225 1.43 26.82 -17.68
N THR F 226 2.18 27.78 -17.15
CA THR F 226 3.55 27.50 -16.69
C THR F 226 3.54 26.53 -15.52
N LEU F 227 2.56 26.66 -14.62
CA LEU F 227 2.52 25.80 -13.43
C LEU F 227 2.38 24.34 -13.80
N PHE F 228 1.58 24.04 -14.84
CA PHE F 228 1.37 22.68 -15.30
C PHE F 228 2.09 22.41 -16.62
N GLU F 229 3.19 23.12 -16.87
CA GLU F 229 3.83 23.08 -18.18
C GLU F 229 4.32 21.66 -18.52
N SER F 230 5.00 21.01 -17.59
CA SER F 230 5.57 19.69 -17.82
C SER F 230 4.98 18.66 -16.86
N SER F 231 3.70 18.77 -16.54
CA SER F 231 3.03 17.85 -15.63
C SER F 231 1.82 17.26 -16.32
N ASP F 232 1.83 15.94 -16.50
CA ASP F 232 0.70 15.21 -17.05
C ASP F 232 -0.40 15.15 -16.01
N ILE F 233 -1.42 16.01 -16.15
CA ILE F 233 -2.53 16.03 -15.20
C ILE F 233 -3.51 14.89 -15.40
N SER F 234 -3.22 13.97 -16.33
CA SER F 234 -4.09 12.81 -16.52
C SER F 234 -3.76 11.68 -15.55
N VAL F 235 -2.51 11.62 -15.08
CA VAL F 235 -2.03 10.53 -14.25
C VAL F 235 -1.30 11.11 -13.04
N ASP F 236 -1.53 10.50 -11.88
CA ASP F 236 -0.67 10.68 -10.72
C ASP F 236 0.29 9.49 -10.65
N LYS F 237 1.56 9.77 -10.40
CA LYS F 237 2.60 8.76 -10.48
C LYS F 237 3.12 8.30 -9.13
N GLY F 238 2.73 8.93 -8.03
CA GLY F 238 3.17 8.49 -6.72
C GLY F 238 2.85 9.47 -5.60
N GLY F 239 2.82 8.97 -4.38
CA GLY F 239 2.54 9.84 -3.24
C GLY F 239 1.12 10.37 -3.28
N ALA F 240 0.96 11.61 -2.83
CA ALA F 240 -0.34 12.25 -2.86
C ALA F 240 -0.79 12.50 -4.30
N VAL F 241 -2.09 12.76 -4.46
CA VAL F 241 -2.63 13.04 -5.78
C VAL F 241 -2.15 14.42 -6.23
N GLY F 242 -1.57 14.47 -7.43
CA GLY F 242 -0.96 15.71 -7.89
C GLY F 242 0.35 15.94 -7.19
N CYS F 243 0.49 17.13 -6.60
CA CYS F 243 1.73 17.54 -5.96
C CYS F 243 1.40 18.21 -4.63
N MET F 244 1.81 17.59 -3.52
CA MET F 244 1.59 18.13 -2.19
C MET F 244 2.90 18.31 -1.45
N SER F 245 3.94 18.74 -2.17
CA SER F 245 5.22 19.23 -1.65
C SER F 245 6.09 18.15 -1.02
N ALA F 246 5.75 16.88 -1.16
CA ALA F 246 6.61 15.82 -0.65
C ALA F 246 7.82 15.64 -1.55
N LEU F 247 8.99 15.48 -0.92
CA LEU F 247 10.22 15.35 -1.70
C LEU F 247 10.22 14.07 -2.53
N ASP F 248 9.69 12.98 -1.99
CA ASP F 248 9.66 11.69 -2.66
C ASP F 248 8.49 11.54 -3.63
N ASP F 249 7.79 12.63 -3.96
CA ASP F 249 6.67 12.57 -4.88
C ASP F 249 7.16 12.83 -6.29
N PRO F 250 7.00 11.89 -7.23
CA PRO F 250 7.55 12.09 -8.58
C PRO F 250 6.84 13.18 -9.39
N ASP F 251 5.69 13.67 -8.94
CA ASP F 251 4.95 14.67 -9.69
C ASP F 251 5.36 16.11 -9.35
N CYS F 252 6.02 16.32 -8.22
CA CYS F 252 6.35 17.66 -7.73
C CYS F 252 7.56 18.32 -8.38
N PRO F 253 8.63 17.58 -8.76
CA PRO F 253 9.79 18.26 -9.37
C PRO F 253 9.41 19.18 -10.52
N ALA F 254 8.47 18.77 -11.37
CA ALA F 254 8.01 19.64 -12.44
C ALA F 254 7.29 20.86 -11.88
N VAL F 255 6.43 20.66 -10.87
CA VAL F 255 5.68 21.77 -10.30
C VAL F 255 6.62 22.75 -9.60
N PHE F 256 7.58 22.24 -8.83
CA PHE F 256 8.47 23.11 -8.08
C PHE F 256 9.40 23.90 -8.99
N ARG F 257 9.78 23.33 -10.14
CA ARG F 257 10.54 24.11 -11.12
C ARG F 257 9.72 25.30 -11.61
N ALA F 258 8.41 25.11 -11.79
CA ALA F 258 7.55 26.21 -12.22
C ALA F 258 7.37 27.24 -11.12
N LEU F 259 7.42 26.81 -9.85
CA LEU F 259 7.33 27.76 -8.75
C LEU F 259 8.61 28.56 -8.57
N GLY F 260 9.74 28.04 -9.06
CA GLY F 260 11.01 28.65 -8.74
C GLY F 260 11.56 28.23 -7.40
N LEU F 261 11.22 27.02 -6.95
CA LEU F 261 11.62 26.50 -5.66
C LEU F 261 12.46 25.24 -5.85
N ASN F 262 13.47 25.07 -5.00
CA ASN F 262 14.12 23.78 -4.88
C ASN F 262 13.23 22.83 -4.09
N LEU F 263 12.92 21.68 -4.67
CA LEU F 263 12.18 20.66 -3.94
C LEU F 263 13.13 19.99 -2.96
N ALA F 264 14.11 19.25 -3.48
CA ALA F 264 15.18 18.70 -2.69
C ALA F 264 16.43 19.55 -2.89
N ASP F 265 17.57 19.09 -2.36
CA ASP F 265 18.83 19.77 -2.60
C ASP F 265 19.15 19.77 -4.09
N SER F 266 19.53 20.93 -4.62
CA SER F 266 19.81 21.04 -6.05
C SER F 266 21.00 20.18 -6.44
N ALA F 267 21.99 20.07 -5.56
CA ALA F 267 23.17 19.25 -5.80
C ALA F 267 23.63 18.70 -4.46
N PRO F 268 24.38 17.58 -4.45
CA PRO F 268 24.88 17.02 -3.19
C PRO F 268 25.58 18.06 -2.31
N GLY F 269 24.98 18.38 -1.18
CA GLY F 269 25.55 19.36 -0.28
C GLY F 269 25.19 20.79 -0.58
N ALA F 270 24.15 21.03 -1.38
CA ALA F 270 23.72 22.40 -1.67
C ALA F 270 22.92 23.00 -0.52
N ASN F 271 22.28 22.17 0.30
CA ASN F 271 21.56 22.61 1.50
C ASN F 271 20.56 23.73 1.17
N ASP F 272 19.90 23.60 0.03
CA ASP F 272 18.93 24.60 -0.42
C ASP F 272 17.55 23.99 -0.67
N ALA F 273 17.28 22.82 -0.11
CA ALA F 273 15.96 22.22 -0.24
C ALA F 273 14.91 23.12 0.40
N GLY F 274 13.89 23.46 -0.37
CA GLY F 274 12.85 24.36 0.11
C GLY F 274 13.15 25.82 -0.03
N LYS F 275 14.24 26.19 -0.70
CA LYS F 275 14.63 27.57 -0.91
C LYS F 275 14.51 27.93 -2.39
N PRO F 276 14.36 29.22 -2.70
CA PRO F 276 14.23 29.62 -4.12
C PRO F 276 15.46 29.26 -4.92
N SER F 277 15.22 28.73 -6.12
CA SER F 277 16.32 28.42 -7.03
C SER F 277 16.98 29.68 -7.56
N ARG F 278 16.19 30.72 -7.82
CA ARG F 278 16.71 32.02 -8.22
C ARG F 278 15.86 33.05 -7.49
N PRO F 279 16.31 33.49 -6.32
CA PRO F 279 15.44 34.30 -5.44
C PRO F 279 15.00 35.59 -6.12
N GLY F 280 13.71 35.87 -6.02
CA GLY F 280 13.10 37.00 -6.68
C GLY F 280 12.39 36.66 -7.99
N VAL F 281 12.71 35.53 -8.60
CA VAL F 281 12.10 35.14 -9.87
C VAL F 281 11.31 33.86 -9.64
N SER F 282 10.07 33.86 -10.11
CA SER F 282 9.21 32.67 -10.06
C SER F 282 8.61 32.54 -11.45
N PRO F 283 8.81 31.41 -12.14
CA PRO F 283 8.34 31.30 -13.53
C PRO F 283 6.85 31.54 -13.70
N ILE F 284 6.02 31.21 -12.70
CA ILE F 284 4.57 31.37 -12.86
C ILE F 284 4.11 32.79 -12.55
N PHE F 285 5.01 33.70 -12.19
CA PHE F 285 4.65 35.06 -11.81
C PHE F 285 5.32 36.04 -12.75
N SER F 286 4.51 36.89 -13.38
CA SER F 286 5.03 37.91 -14.29
C SER F 286 4.11 39.12 -14.26
N VAL F 287 4.63 40.23 -14.77
CA VAL F 287 3.88 41.47 -14.85
C VAL F 287 3.16 41.52 -16.20
N GLY F 288 1.86 41.76 -16.16
CA GLY F 288 1.10 41.92 -17.37
C GLY F 288 0.43 43.26 -17.44
N ALA F 289 0.09 43.72 -18.65
CA ALA F 289 -0.70 44.92 -18.78
C ALA F 289 -2.07 44.71 -18.13
N ALA F 290 -2.55 45.73 -17.42
CA ALA F 290 -3.84 45.67 -16.75
C ALA F 290 -4.66 46.89 -17.16
N ALA F 291 -5.92 46.88 -16.74
CA ALA F 291 -6.77 48.04 -16.94
C ALA F 291 -6.16 49.26 -16.26
N SER F 292 -6.06 50.36 -17.01
CA SER F 292 -5.36 51.55 -16.54
C SER F 292 -6.23 52.32 -15.56
N LYS F 293 -5.74 52.51 -14.34
CA LYS F 293 -6.42 53.31 -13.34
C LYS F 293 -6.04 54.79 -13.43
N VAL F 294 -5.35 55.20 -14.48
CA VAL F 294 -4.90 56.58 -14.63
C VAL F 294 -6.10 57.52 -14.81
CU CU G . 23.87 -21.12 -20.00
CA CA H . 27.75 -26.89 -27.45
C1 EDO I . 14.45 -25.45 -25.45
O1 EDO I . 13.61 -26.53 -25.85
C2 EDO I . 14.96 -25.69 -24.04
O2 EDO I . 15.69 -26.93 -24.00
C1 EDO J . 16.28 1.51 -9.57
O1 EDO J . 15.61 0.30 -9.94
C2 EDO J . 15.34 2.69 -9.76
O2 EDO J . 16.04 3.90 -9.48
C1 EDO K . 38.08 -4.88 -15.51
O1 EDO K . 39.23 -5.25 -14.75
C2 EDO K . 36.82 -5.23 -14.71
O2 EDO K . 36.48 -4.14 -13.85
C1 EDO L . 13.16 -19.22 -37.60
O1 EDO L . 12.40 -19.57 -38.76
C2 EDO L . 12.45 -19.69 -36.34
O2 EDO L . 11.93 -21.01 -36.57
C1 EDO M . 13.66 -13.07 -18.55
O1 EDO M . 12.83 -12.79 -19.68
C2 EDO M . 13.66 -14.56 -18.26
O2 EDO M . 14.26 -15.27 -19.34
S SO4 N . 27.86 -6.51 -1.18
O1 SO4 N . 26.74 -6.17 -2.06
O2 SO4 N . 27.72 -7.89 -0.73
O3 SO4 N . 29.10 -6.35 -1.91
O4 SO4 N . 27.84 -5.62 -0.02
S SO4 O . 3.32 2.07 -33.68
O1 SO4 O . 3.71 2.93 -34.79
O2 SO4 O . 2.67 0.86 -34.20
O3 SO4 O . 2.39 2.77 -32.81
O4 SO4 O . 4.51 1.69 -32.92
S SO4 P . 36.91 -24.65 -34.70
O1 SO4 P . 35.66 -24.27 -35.35
O2 SO4 P . 37.55 -25.70 -35.47
O3 SO4 P . 37.78 -23.49 -34.61
O4 SO4 P . 36.61 -25.14 -33.35
S SO4 Q . 34.13 -24.32 -14.44
O1 SO4 Q . 33.17 -24.72 -13.43
O2 SO4 Q . 33.80 -24.93 -15.72
O3 SO4 Q . 35.47 -24.73 -14.04
O4 SO4 Q . 34.09 -22.87 -14.58
S SO4 R . 7.36 -5.79 -39.35
O1 SO4 R . 8.11 -5.05 -40.34
O2 SO4 R . 6.15 -6.34 -39.96
O3 SO4 R . 8.18 -6.89 -38.83
O4 SO4 R . 6.99 -4.90 -38.25
S SO4 S . 12.66 -19.14 -22.23
O1 SO4 S . 11.31 -18.78 -22.67
O2 SO4 S . 13.25 -20.07 -23.19
O3 SO4 S . 12.59 -19.78 -20.91
O4 SO4 S . 13.47 -17.93 -22.14
CU CU T . -22.33 11.79 -4.75
CA CA U . -22.17 4.34 2.03
C1 EDO V . -37.28 38.23 13.60
O1 EDO V . -38.00 38.81 12.51
C2 EDO V . -35.78 38.21 13.25
O2 EDO V . -35.06 37.61 14.33
C1 EDO W . -29.83 0.67 8.70
O1 EDO W . -30.40 1.53 9.69
C2 EDO W . -30.72 -0.55 8.51
O2 EDO W . -32.07 -0.11 8.32
C1 EDO X . -19.50 41.26 11.01
O1 EDO X . -20.25 41.58 12.19
C2 EDO X . -18.22 40.52 11.40
O2 EDO X . -17.59 40.01 10.22
S SO4 Y . -13.18 22.83 4.62
O1 SO4 Y . -14.34 22.97 5.50
O2 SO4 Y . -13.26 21.59 3.88
O3 SO4 Y . -11.97 22.79 5.42
O4 SO4 Y . -13.14 23.96 3.70
S SO4 Z . -34.38 23.13 -22.27
O1 SO4 Z . -35.62 23.90 -22.18
O2 SO4 Z . -34.69 21.74 -22.61
O3 SO4 Z . -33.68 23.17 -20.99
O4 SO4 Z . -33.53 23.70 -23.31
CU CU AA . 1.73 -25.76 18.56
CA CA BA . 4.28 -34.33 23.70
C1 EDO CA . -22.54 -23.91 37.63
O1 EDO CA . -22.99 -22.98 38.63
C2 EDO CA . -21.73 -25.03 38.29
O2 EDO CA . -21.41 -26.01 37.30
C1 EDO DA . -12.07 -9.51 40.71
O1 EDO DA . -12.40 -10.64 41.52
C2 EDO DA . -12.38 -9.83 39.26
O2 EDO DA . -11.87 -11.15 38.97
C1 EDO EA . 9.53 -16.56 30.15
O1 EDO EA . 8.65 -15.44 30.21
C2 EDO EA . 10.93 -16.14 29.72
O2 EDO EA . 11.20 -16.60 28.40
S SO4 FA . -15.27 -20.09 45.86
O1 SO4 FA . -16.67 -19.75 46.08
O2 SO4 FA . -15.18 -21.38 45.19
O3 SO4 FA . -14.64 -19.06 45.03
O4 SO4 FA . -14.59 -20.17 47.15
S SO4 GA . -4.01 -34.03 10.87
O1 SO4 GA . -4.41 -33.68 9.51
O2 SO4 GA . -4.82 -35.15 11.35
O3 SO4 GA . -2.59 -34.42 10.87
O4 SO4 GA . -4.19 -32.89 11.75
S SO4 HA . 1.23 -0.49 40.61
O1 SO4 HA . -0.04 0.16 40.31
O2 SO4 HA . 1.26 -1.80 39.97
O3 SO4 HA . 2.34 0.31 40.12
O4 SO4 HA . 1.35 -0.66 42.06
CU CU IA . 19.96 -16.11 23.99
CA CA JA . 24.74 -18.62 15.43
C1 EDO KA . 4.31 -10.87 17.29
O1 EDO KA . 3.54 -10.59 16.10
C2 EDO KA . 5.46 -11.80 16.93
O2 EDO KA . 4.94 -13.03 16.43
C1 EDO LA . 7.81 5.88 7.34
O1 EDO LA . 7.82 5.86 8.78
C2 EDO LA . 6.59 5.11 6.84
O2 EDO LA . 6.66 4.97 5.41
C1 EDO MA . 5.85 13.46 10.75
O1 EDO MA . 5.17 13.87 11.93
C2 EDO MA . 7.32 13.86 10.85
O2 EDO MA . 7.90 13.29 12.02
C1 EDO NA . 20.19 4.39 12.96
O1 EDO NA . 19.26 5.37 12.48
C2 EDO NA . 21.43 4.37 12.09
O2 EDO NA . 21.60 3.16 11.35
C1 EDO OA . 31.75 -6.49 34.46
O1 EDO OA . 31.06 -6.57 33.20
C2 EDO OA . 31.58 -7.81 35.20
O2 EDO OA . 30.20 -8.20 35.18
C1 EDO PA . 26.45 8.04 28.90
O1 EDO PA . 26.50 7.05 29.93
C2 EDO PA . 27.64 7.90 27.98
O2 EDO PA . 28.75 8.58 28.56
S SO4 QA . 31.35 -17.76 28.07
O1 SO4 QA . 30.43 -16.73 28.54
O2 SO4 QA . 30.63 -19.01 27.87
O3 SO4 QA . 31.97 -17.33 26.81
O4 SO4 QA . 32.40 -17.96 29.06
S SO4 RA . 29.38 1.31 33.11
O1 SO4 RA . 28.18 0.99 33.87
O2 SO4 RA . 29.47 0.41 31.96
O3 SO4 RA . 30.56 1.15 33.95
O4 SO4 RA . 29.30 2.69 32.63
S SO4 SA . 21.73 -6.19 45.57
O1 SO4 SA . 20.78 -5.20 45.05
O2 SO4 SA . 21.33 -7.52 45.12
O3 SO4 SA . 23.07 -5.88 45.08
O4 SO4 SA . 21.72 -6.14 47.03
C1 EDO TA . 9.15 -14.89 -29.07
O1 EDO TA . 7.75 -14.56 -29.12
C2 EDO TA . 9.31 -16.31 -28.55
O2 EDO TA . 10.59 -16.80 -28.91
CU CU UA . 3.89 -27.17 -24.61
CA CA VA . 3.53 -34.67 -17.44
C1 EDO WA . 6.87 -30.39 -27.08
O1 EDO WA . 6.59 -30.53 -28.48
C2 EDO WA . 8.05 -29.43 -26.91
O2 EDO WA . 9.19 -30.15 -26.41
C1 EDO XA . 5.66 -27.26 -29.72
O1 EDO XA . 6.88 -28.01 -29.58
C2 EDO XA . 4.58 -28.15 -30.33
O2 EDO XA . 3.67 -28.59 -29.31
C1 EDO YA . 10.40 -27.22 -25.17
O1 EDO YA . 10.15 -25.96 -25.80
C2 EDO YA . 9.30 -27.51 -24.15
O2 EDO YA . 9.68 -28.62 -23.34
C1 EDO ZA . 12.39 -29.69 -22.03
O1 EDO ZA . 11.55 -28.98 -21.11
C2 EDO ZA . 13.47 -28.75 -22.54
O2 EDO ZA . 14.34 -29.47 -23.42
C1 EDO AB . -12.23 -38.93 -27.51
O1 EDO AB . -12.28 -37.90 -28.51
C2 EDO AB . -10.77 -39.27 -27.22
O2 EDO AB . -10.06 -39.47 -28.44
C1 EDO BB . -7.10 -0.66 -15.07
O1 EDO BB . -6.59 -1.36 -16.21
C2 EDO BB . -5.99 -0.46 -14.05
O2 EDO BB . -5.52 -1.73 -13.59
C1 EDO CB . -10.95 3.23 -17.31
O1 EDO CB . -12.10 2.76 -16.60
C2 EDO CB . -9.69 2.94 -16.49
O2 EDO CB . -9.60 1.53 -16.26
C1 EDO DB . -16.93 -19.91 -10.35
O1 EDO DB . -17.89 -20.28 -11.35
C2 EDO DB . -16.41 -21.17 -9.64
O2 EDO DB . -15.42 -21.79 -10.48
C1 EDO EB . 9.11 1.16 -9.14
O1 EDO EB . 7.92 1.95 -9.00
C2 EDO EB . 9.59 1.21 -10.58
O2 EDO EB . 10.69 2.12 -10.70
C1 EDO FB . 15.37 -24.63 -19.19
O1 EDO FB . 14.15 -25.02 -19.85
C2 EDO FB . 16.16 -25.86 -18.77
O2 EDO FB . 15.40 -26.63 -17.83
C1 EDO GB . -11.58 11.56 -1.06
O1 EDO GB . -11.62 12.51 0.02
C2 EDO GB . -10.17 10.99 -1.17
O2 EDO GB . -9.27 12.02 -1.62
S SO4 HB . -2.67 -35.49 -30.76
O1 SO4 HB . -2.36 -35.41 -32.19
O2 SO4 HB . -3.90 -36.27 -30.58
O3 SO4 HB . -2.86 -34.15 -30.22
O4 SO4 HB . -1.57 -36.16 -30.06
S SO4 IB . -5.72 -37.71 -10.82
O1 SO4 IB . -6.22 -36.42 -11.30
O2 SO4 IB . -6.68 -38.75 -11.12
O3 SO4 IB . -4.45 -38.00 -11.48
O4 SO4 IB . -5.51 -37.63 -9.37
S SO4 JB . -21.46 -9.60 -4.69
O1 SO4 JB . -21.56 -8.58 -5.73
O2 SO4 JB . -22.19 -10.79 -5.11
O3 SO4 JB . -20.05 -9.95 -4.49
O4 SO4 JB . -22.02 -9.09 -3.45
CU CU KB . -2.56 18.34 0.50
CA CA LB . 1.89 12.82 -6.58
C1 EDO MB . -5.32 13.20 1.96
O1 EDO MB . -6.06 13.73 0.85
C2 EDO MB . -4.01 13.97 2.10
O2 EDO MB . -3.54 13.86 3.46
C1 EDO NB . -16.42 16.82 -4.04
O1 EDO NB . -15.33 17.75 -3.89
C2 EDO NB . -17.47 17.43 -4.97
O2 EDO NB . -17.15 17.14 -6.32
C1 EDO OB . 10.04 40.42 -0.78
O1 EDO OB . 11.31 40.97 -1.12
C2 EDO OB . 9.64 40.88 0.62
O2 EDO OB . 8.37 40.31 0.95
C1 EDO PB . -23.18 41.40 -13.45
O1 EDO PB . -22.45 41.22 -14.66
C2 EDO PB . -24.27 40.34 -13.34
O2 EDO PB . -23.68 39.06 -13.09
C1 EDO QB . 9.20 62.67 -6.34
O1 EDO QB . 8.04 62.59 -5.52
C2 EDO QB . 10.21 61.61 -5.91
O2 EDO QB . 11.31 61.59 -6.83
C1 EDO RB . -1.48 17.09 6.37
O1 EDO RB . -2.87 17.03 6.00
C2 EDO RB . -0.63 17.27 5.12
O2 EDO RB . 0.74 17.45 5.50
C1 EDO SB . 0.93 13.39 3.09
O1 EDO SB . -0.42 13.16 2.67
C2 EDO SB . 1.17 12.75 4.45
O2 EDO SB . 2.53 12.31 4.55
S SO4 TB . -13.66 21.82 -1.86
O1 SO4 TB . -15.02 22.20 -2.22
O2 SO4 TB . -13.32 20.56 -2.49
O3 SO4 TB . -12.73 22.86 -2.32
O4 SO4 TB . -13.57 21.69 -0.42
S SO4 UB . 7.24 16.07 6.97
O1 SO4 UB . 6.80 16.03 5.58
O2 SO4 UB . 6.69 14.92 7.68
O3 SO4 UB . 8.70 16.04 7.02
O4 SO4 UB . 6.76 17.30 7.60
#